data_8GCC
#
_entry.id   8GCC
#
_cell.length_a   1.00
_cell.length_b   1.00
_cell.length_c   1.00
_cell.angle_alpha   90.00
_cell.angle_beta   90.00
_cell.angle_gamma   90.00
#
_symmetry.space_group_name_H-M   'P 1'
#
loop_
_entity.id
_entity.type
_entity.pdbx_description
1 polymer 'DNA topoisomerase 2'
2 polymer 'DNA (28-MER)'
3 non-polymer 2-{3-[(Z)-iminomethyl]-1H-1,2,4-triazol-1-yl}-1-{(3M)-3-[2-(trifluoromethyl)phenyl]-6H-pyrrolo[3,4-b]pyridin-6-yl}ethan-1-one
#
loop_
_entity_poly.entity_id
_entity_poly.type
_entity_poly.pdbx_seq_one_letter_code
_entity_poly.pdbx_strand_id
1 'polypeptide(L)'
;GRNADRKQILGIPKLDDANEAGGKYSHRCTLILTEGDSAKALCTAGLAVKDRDYFGVFPLRGKPLNVRDATLKKVMACAE
FQAVSKIMGLDIRQKYSGVERLRYGHLMIMSDQDHDGSHIKGLIINMIHHYWPDLIKTPGFLQQFITPIVKARKKGRSDG
DDRAISFFSMPDYFEWKNAIGDGIRNYEIRYYKGLGTSGAKEGREYFENIDRHRLDFVHEDATDDARIVMAFAKDKVEER
KHWITQFKANTNVNESMNYNVRTVRYSEFVDKELILFSVADCERSIPSVIDGLKPGQRKIIFSSFKRRLTRSIKVVQLAG
YVSEHAAYHHGEQSLVQTIVGLAQNFVGSNNVPLLQQDGQFGTRLQGGKDHAAGRYIFTRLTNIARYIYHPSDDFVVDYK
DDDGLSVEPFYYVPVIPMVLVNGTSGIGTGFATNIPNYSPLEVIDNLMRLLRGEEVQPMKPWYFGFAGTIEEKEKGKFVS
TGCANVRPDGVVQITELPIGTWTQGYKKFLEELREKEVVVQYREHNTDVTVDFEVFLHPEVLHHWVAQGCVEERLQLREY
IHATNIIAFDREGQITKYRDAEAVLKEFYLVRLEYYAKRRDFLIGDLRSVASKLENMVRFVTEVVDGRLIVTRRRKKELL
EELRQRGYAPFPLQQKKKVSSTTIQQGEEEGAADATHATAEDVFLVLQPAVDEGGDEDNQETPEMRRAARDYDYLLGMRL
WNLTAEMIARLQSQLQKARDELAALEKRTPKDLWAEDLNQLRPRIENLFEERAKEIASI
;
A,B
2 'polydeoxyribonucleotide'
;(DG)(DG)(DG)(DA)(DT)(DA)(DA)(DC)(DA)(DA)(DT)(DG)(DA)(DG)(DC)(DT)(DC)(DA)(DT)(DT)
(DG)(DT)(DT)(DA)(DT)(DC)(DC)(DC)
;
C,D
#
# COMPACT_ATOMS: atom_id res chain seq x y z
N LEU A 10 -34.76 5.43 20.93
CA LEU A 10 -34.62 4.26 20.08
C LEU A 10 -33.48 3.37 20.54
N GLY A 11 -32.35 4.00 20.88
CA GLY A 11 -31.18 3.27 21.32
C GLY A 11 -30.35 2.68 20.22
N ILE A 12 -30.58 3.06 18.96
CA ILE A 12 -29.76 2.54 17.87
C ILE A 12 -28.35 3.10 18.00
N PRO A 13 -27.30 2.27 17.93
CA PRO A 13 -25.96 2.76 18.29
C PRO A 13 -25.48 3.96 17.49
N LYS A 14 -25.79 4.02 16.19
CA LYS A 14 -25.22 5.01 15.30
C LYS A 14 -26.29 5.81 14.57
N LEU A 15 -27.33 6.22 15.28
CA LEU A 15 -28.45 6.94 14.69
C LEU A 15 -28.45 8.37 15.19
N ASP A 16 -28.39 9.33 14.27
CA ASP A 16 -28.56 10.74 14.59
C ASP A 16 -30.00 11.17 14.30
N ASP A 17 -30.93 10.58 15.04
CA ASP A 17 -32.35 10.79 14.77
C ASP A 17 -32.69 12.27 14.84
N ALA A 18 -33.54 12.71 13.92
CA ALA A 18 -33.97 14.10 13.88
C ALA A 18 -34.73 14.47 15.14
N ASN A 19 -34.54 15.70 15.60
CA ASN A 19 -35.21 16.16 16.81
C ASN A 19 -36.72 16.19 16.64
N GLU A 20 -37.20 16.51 15.45
CA GLU A 20 -38.63 16.63 15.17
C GLU A 20 -39.19 15.38 14.51
N ALA A 21 -38.68 14.20 14.87
CA ALA A 21 -39.11 12.94 14.28
C ALA A 21 -40.16 12.30 15.20
N GLY A 22 -41.35 12.05 14.65
CA GLY A 22 -42.44 11.46 15.39
C GLY A 22 -43.47 12.45 15.88
N GLY A 23 -43.24 13.75 15.72
CA GLY A 23 -44.16 14.78 16.17
C GLY A 23 -45.05 15.27 15.05
N LYS A 24 -45.53 16.50 15.22
CA LYS A 24 -46.39 17.10 14.20
C LYS A 24 -45.64 17.42 12.92
N TYR A 25 -44.30 17.42 12.95
CA TYR A 25 -43.48 17.69 11.79
C TYR A 25 -42.80 16.43 11.26
N SER A 26 -43.35 15.25 11.60
CA SER A 26 -42.72 14.00 11.16
C SER A 26 -42.68 13.91 9.63
N HIS A 27 -43.78 14.27 8.97
CA HIS A 27 -43.83 14.15 7.52
C HIS A 27 -42.92 15.14 6.80
N ARG A 28 -42.37 16.12 7.51
CA ARG A 28 -41.38 17.02 6.93
C ARG A 28 -39.95 16.57 7.21
N CYS A 29 -39.76 15.49 7.96
CA CYS A 29 -38.42 15.00 8.27
C CYS A 29 -37.87 14.17 7.12
N THR A 30 -36.59 13.83 7.23
CA THR A 30 -35.92 13.00 6.22
C THR A 30 -34.85 12.19 6.91
N LEU A 31 -34.64 10.96 6.42
CA LEU A 31 -33.58 10.09 6.91
C LEU A 31 -32.58 9.85 5.80
N ILE A 32 -31.30 9.99 6.12
CA ILE A 32 -30.22 9.75 5.19
C ILE A 32 -29.61 8.39 5.52
N LEU A 33 -29.71 7.45 4.57
CA LEU A 33 -29.10 6.13 4.75
C LEU A 33 -27.66 6.22 4.24
N THR A 34 -26.81 6.76 5.10
CA THR A 34 -25.40 6.93 4.78
C THR A 34 -24.77 5.57 4.52
N GLU A 35 -23.78 5.55 3.63
CA GLU A 35 -23.09 4.34 3.20
C GLU A 35 -21.76 4.14 3.93
N GLY A 36 -21.69 4.51 5.20
CA GLY A 36 -20.47 4.31 5.97
C GLY A 36 -20.12 5.52 6.83
N ASP A 37 -18.85 5.90 6.83
CA ASP A 37 -18.37 7.03 7.62
C ASP A 37 -18.00 8.25 6.79
N SER A 38 -17.63 8.07 5.52
CA SER A 38 -17.32 9.22 4.68
C SER A 38 -18.55 10.08 4.45
N ALA A 39 -19.69 9.45 4.14
CA ALA A 39 -20.92 10.20 3.98
C ALA A 39 -21.35 10.86 5.28
N LYS A 40 -21.11 10.21 6.42
CA LYS A 40 -21.43 10.83 7.69
C LYS A 40 -20.55 12.05 7.94
N ALA A 41 -19.27 11.98 7.57
CA ALA A 41 -18.40 13.13 7.68
C ALA A 41 -18.89 14.27 6.80
N LEU A 42 -19.33 13.95 5.58
CA LEU A 42 -19.89 14.97 4.70
C LEU A 42 -21.16 15.58 5.31
N CYS A 43 -22.01 14.73 5.88
CA CYS A 43 -23.27 15.20 6.45
C CYS A 43 -23.02 16.13 7.64
N THR A 44 -22.04 15.80 8.48
CA THR A 44 -21.76 16.63 9.65
C THR A 44 -21.55 18.07 9.25
N ALA A 45 -20.92 18.31 8.11
CA ALA A 45 -20.66 19.67 7.64
C ALA A 45 -21.78 20.22 6.77
N GLY A 46 -22.53 19.36 6.09
CA GLY A 46 -23.57 19.84 5.20
C GLY A 46 -24.88 20.16 5.90
N LEU A 47 -25.36 19.23 6.74
CA LEU A 47 -26.68 19.38 7.35
C LEU A 47 -26.74 20.60 8.27
N ALA A 48 -25.60 21.09 8.75
CA ALA A 48 -25.59 22.31 9.56
C ALA A 48 -25.98 23.54 8.78
N VAL A 49 -26.03 23.47 7.44
CA VAL A 49 -26.35 24.61 6.60
C VAL A 49 -27.85 24.62 6.30
N LYS A 50 -28.62 23.83 7.03
CA LYS A 50 -30.05 23.72 6.80
C LYS A 50 -30.73 23.44 8.14
N ASP A 51 -31.97 23.00 8.11
CA ASP A 51 -32.74 22.70 9.32
C ASP A 51 -32.33 21.32 9.82
N ARG A 52 -31.21 21.29 10.56
CA ARG A 52 -30.70 20.03 11.09
C ARG A 52 -31.71 19.34 12.00
N ASP A 53 -32.65 20.08 12.59
CA ASP A 53 -33.65 19.44 13.42
C ASP A 53 -34.53 18.48 12.63
N TYR A 54 -34.59 18.63 11.31
CA TYR A 54 -35.50 17.87 10.46
C TYR A 54 -34.81 16.79 9.65
N PHE A 55 -33.53 16.51 9.90
CA PHE A 55 -32.76 15.56 9.12
C PHE A 55 -32.13 14.53 10.04
N GLY A 56 -32.30 13.26 9.70
CA GLY A 56 -31.66 12.18 10.43
C GLY A 56 -30.59 11.52 9.61
N VAL A 57 -29.70 10.76 10.25
CA VAL A 57 -28.61 10.09 9.55
C VAL A 57 -28.44 8.70 10.17
N PHE A 58 -28.20 7.71 9.31
CA PHE A 58 -27.96 6.35 9.75
C PHE A 58 -27.01 5.66 8.78
N PRO A 59 -25.78 5.35 9.19
CA PRO A 59 -24.85 4.69 8.27
C PRO A 59 -25.24 3.24 8.01
N LEU A 60 -24.84 2.75 6.85
CA LEU A 60 -25.00 1.35 6.47
C LEU A 60 -23.64 0.70 6.40
N ARG A 61 -23.51 -0.49 6.98
CA ARG A 61 -22.20 -1.12 7.10
C ARG A 61 -21.67 -1.59 5.75
N GLY A 62 -22.37 -2.53 5.12
CA GLY A 62 -21.97 -3.08 3.84
C GLY A 62 -23.09 -2.99 2.84
N LYS A 63 -23.27 -4.07 2.09
CA LYS A 63 -24.38 -4.17 1.15
C LYS A 63 -25.61 -4.69 1.86
N PRO A 64 -26.74 -3.98 1.83
CA PRO A 64 -27.92 -4.44 2.57
C PRO A 64 -28.32 -5.85 2.18
N LEU A 65 -29.24 -6.40 2.96
CA LEU A 65 -29.77 -7.72 2.71
C LEU A 65 -30.72 -7.70 1.52
N ASN A 66 -30.79 -8.83 0.82
CA ASN A 66 -31.79 -9.05 -0.23
C ASN A 66 -32.96 -9.78 0.42
N VAL A 67 -34.08 -9.06 0.61
CA VAL A 67 -35.18 -9.58 1.41
C VAL A 67 -36.21 -10.35 0.59
N ARG A 68 -35.96 -10.56 -0.71
CA ARG A 68 -36.85 -11.41 -1.49
C ARG A 68 -36.56 -12.88 -1.25
N ASP A 69 -35.34 -13.31 -1.57
CA ASP A 69 -34.95 -14.70 -1.34
C ASP A 69 -34.63 -14.98 0.12
N ALA A 70 -34.41 -13.95 0.93
CA ALA A 70 -34.10 -14.15 2.33
C ALA A 70 -35.29 -14.76 3.05
N THR A 71 -35.02 -15.73 3.91
CA THR A 71 -36.06 -16.35 4.71
C THR A 71 -36.52 -15.37 5.79
N LEU A 72 -37.63 -15.72 6.44
CA LEU A 72 -38.13 -14.90 7.53
C LEU A 72 -37.13 -14.86 8.68
N LYS A 73 -36.51 -16.00 8.99
CA LYS A 73 -35.53 -16.06 10.07
C LYS A 73 -34.36 -15.14 9.79
N LYS A 74 -33.83 -15.20 8.56
CA LYS A 74 -32.68 -14.38 8.21
C LYS A 74 -33.03 -12.90 8.24
N VAL A 75 -34.20 -12.53 7.73
CA VAL A 75 -34.61 -11.13 7.73
C VAL A 75 -34.76 -10.62 9.16
N MET A 76 -35.41 -11.41 10.01
CA MET A 76 -35.58 -10.99 11.40
C MET A 76 -34.24 -10.86 12.10
N ALA A 77 -33.33 -11.82 11.88
CA ALA A 77 -32.00 -11.75 12.46
C ALA A 77 -31.11 -10.84 11.62
N CYS A 78 -31.56 -9.61 11.37
CA CYS A 78 -30.84 -8.64 10.55
C CYS A 78 -30.80 -7.32 11.32
N ALA A 79 -29.66 -7.00 11.92
CA ALA A 79 -29.58 -5.78 12.71
C ALA A 79 -29.85 -4.56 11.86
N GLU A 80 -29.28 -4.51 10.65
CA GLU A 80 -29.46 -3.34 9.80
C GLU A 80 -30.91 -3.13 9.42
N PHE A 81 -31.57 -4.19 8.93
CA PHE A 81 -32.95 -4.05 8.47
C PHE A 81 -33.88 -3.71 9.64
N GLN A 82 -33.71 -4.41 10.77
CA GLN A 82 -34.54 -4.10 11.93
C GLN A 82 -34.31 -2.68 12.41
N ALA A 83 -33.06 -2.22 12.40
CA ALA A 83 -32.75 -0.87 12.84
C ALA A 83 -33.42 0.16 11.96
N VAL A 84 -33.31 0.01 10.63
CA VAL A 84 -33.94 0.99 9.74
C VAL A 84 -35.45 0.94 9.87
N SER A 85 -36.04 -0.25 9.98
CA SER A 85 -37.48 -0.34 10.13
C SER A 85 -37.94 0.35 11.41
N LYS A 86 -37.22 0.13 12.53
CA LYS A 86 -37.60 0.77 13.78
C LYS A 86 -37.42 2.28 13.69
N ILE A 87 -36.35 2.75 13.06
CA ILE A 87 -36.12 4.19 12.95
C ILE A 87 -37.24 4.84 12.13
N MET A 88 -37.62 4.21 11.02
CA MET A 88 -38.67 4.75 10.18
C MET A 88 -40.07 4.46 10.73
N GLY A 89 -40.18 3.65 11.78
CA GLY A 89 -41.49 3.23 12.24
C GLY A 89 -42.20 2.36 11.24
N LEU A 90 -41.47 1.48 10.57
CA LEU A 90 -42.03 0.59 9.56
C LEU A 90 -42.12 -0.82 10.12
N ASP A 91 -43.31 -1.40 10.06
CA ASP A 91 -43.55 -2.76 10.52
C ASP A 91 -43.87 -3.65 9.32
N ILE A 92 -43.36 -4.88 9.35
CA ILE A 92 -43.63 -5.82 8.27
C ILE A 92 -45.12 -6.09 8.16
N ARG A 93 -45.78 -6.33 9.30
CA ARG A 93 -47.18 -6.71 9.29
C ARG A 93 -48.05 -5.59 8.74
N GLN A 94 -47.77 -4.35 9.11
CA GLN A 94 -48.59 -3.23 8.68
C GLN A 94 -48.47 -3.02 7.18
N LYS A 95 -49.50 -2.38 6.60
CA LYS A 95 -49.53 -2.02 5.19
C LYS A 95 -49.71 -0.51 5.12
N TYR A 96 -48.60 0.20 4.91
CA TYR A 96 -48.62 1.66 4.94
C TYR A 96 -49.03 2.20 3.58
N SER A 97 -50.14 2.94 3.55
CA SER A 97 -50.57 3.65 2.36
C SER A 97 -50.05 5.08 2.31
N GLY A 98 -49.26 5.49 3.30
CA GLY A 98 -48.73 6.83 3.32
C GLY A 98 -47.71 6.98 4.43
N VAL A 99 -47.24 8.21 4.60
CA VAL A 99 -46.23 8.51 5.61
C VAL A 99 -46.91 8.96 6.90
N GLU A 100 -48.22 8.72 6.99
CA GLU A 100 -48.97 9.19 8.15
C GLU A 100 -48.48 8.54 9.44
N ARG A 101 -48.26 7.24 9.41
CA ARG A 101 -47.82 6.50 10.59
C ARG A 101 -46.31 6.39 10.71
N LEU A 102 -45.57 6.90 9.74
CA LEU A 102 -44.12 6.83 9.76
C LEU A 102 -43.54 8.00 10.55
N ARG A 103 -42.37 7.77 11.15
CA ARG A 103 -41.67 8.82 11.86
C ARG A 103 -40.96 9.79 10.93
N TYR A 104 -40.86 9.47 9.65
CA TYR A 104 -40.25 10.35 8.66
C TYR A 104 -41.16 10.44 7.45
N GLY A 105 -41.04 11.54 6.72
CA GLY A 105 -41.83 11.73 5.51
C GLY A 105 -41.10 11.30 4.26
N HIS A 106 -39.77 11.33 4.29
CA HIS A 106 -38.96 10.93 3.16
C HIS A 106 -37.76 10.14 3.66
N LEU A 107 -37.21 9.32 2.76
CA LEU A 107 -36.07 8.47 3.06
C LEU A 107 -35.05 8.65 1.95
N MET A 108 -33.92 9.28 2.28
CA MET A 108 -32.90 9.61 1.30
C MET A 108 -31.72 8.66 1.47
N ILE A 109 -31.11 8.27 0.36
CA ILE A 109 -29.96 7.37 0.34
C ILE A 109 -28.77 8.16 -0.20
N MET A 110 -27.75 8.33 0.63
CA MET A 110 -26.54 9.03 0.25
C MET A 110 -25.41 8.00 0.15
N SER A 111 -25.30 7.39 -1.03
CA SER A 111 -24.25 6.44 -1.33
C SER A 111 -23.28 7.04 -2.33
N ASP A 112 -22.16 6.35 -2.53
CA ASP A 112 -21.17 6.84 -3.49
C ASP A 112 -21.77 6.85 -4.89
N GLN A 113 -21.19 7.68 -5.75
CA GLN A 113 -21.63 7.79 -7.13
C GLN A 113 -20.88 6.81 -8.02
N ASP A 114 -20.91 5.54 -7.63
CA ASP A 114 -20.25 4.47 -8.37
C ASP A 114 -21.21 3.30 -8.47
N HIS A 115 -20.71 2.18 -8.99
CA HIS A 115 -21.57 1.03 -9.22
C HIS A 115 -22.12 0.44 -7.92
N ASP A 116 -21.27 0.34 -6.90
CA ASP A 116 -21.73 -0.20 -5.63
C ASP A 116 -22.75 0.71 -4.97
N GLY A 117 -22.63 2.03 -5.15
CA GLY A 117 -23.68 2.92 -4.68
C GLY A 117 -25.01 2.63 -5.36
N SER A 118 -24.97 2.37 -6.67
CA SER A 118 -26.19 1.97 -7.38
C SER A 118 -26.75 0.68 -6.80
N HIS A 119 -25.88 -0.28 -6.49
CA HIS A 119 -26.37 -1.53 -5.92
C HIS A 119 -27.02 -1.30 -4.56
N ILE A 120 -26.42 -0.44 -3.74
CA ILE A 120 -26.99 -0.17 -2.42
C ILE A 120 -28.35 0.50 -2.57
N LYS A 121 -28.46 1.48 -3.47
CA LYS A 121 -29.75 2.12 -3.69
C LYS A 121 -30.78 1.12 -4.20
N GLY A 122 -30.37 0.24 -5.11
CA GLY A 122 -31.29 -0.77 -5.61
C GLY A 122 -31.74 -1.72 -4.52
N LEU A 123 -30.84 -2.10 -3.63
CA LEU A 123 -31.20 -3.01 -2.55
C LEU A 123 -32.17 -2.34 -1.57
N ILE A 124 -31.96 -1.05 -1.28
CA ILE A 124 -32.90 -0.34 -0.42
C ILE A 124 -34.27 -0.24 -1.09
N ILE A 125 -34.29 0.06 -2.38
CA ILE A 125 -35.56 0.13 -3.10
C ILE A 125 -36.26 -1.22 -3.10
N ASN A 126 -35.49 -2.30 -3.28
CA ASN A 126 -36.06 -3.64 -3.24
C ASN A 126 -36.65 -3.95 -1.87
N MET A 127 -35.94 -3.60 -0.80
CA MET A 127 -36.47 -3.74 0.54
C MET A 127 -37.84 -3.07 0.64
N ILE A 128 -37.87 -1.77 0.36
CA ILE A 128 -39.09 -0.98 0.57
C ILE A 128 -40.23 -1.53 -0.29
N HIS A 129 -39.94 -1.83 -1.56
CA HIS A 129 -40.97 -2.32 -2.46
C HIS A 129 -41.49 -3.67 -2.01
N HIS A 130 -40.61 -4.59 -1.63
CA HIS A 130 -41.05 -5.92 -1.27
C HIS A 130 -41.95 -5.89 -0.05
N TYR A 131 -41.55 -5.12 0.98
CA TYR A 131 -42.31 -5.20 2.23
C TYR A 131 -43.46 -4.22 2.29
N TRP A 132 -43.33 -3.03 1.69
CA TRP A 132 -44.39 -2.03 1.69
C TRP A 132 -44.53 -1.46 0.29
N PRO A 133 -45.09 -2.23 -0.64
CA PRO A 133 -45.15 -1.78 -2.04
C PRO A 133 -45.92 -0.50 -2.23
N ASP A 134 -46.83 -0.15 -1.32
CA ASP A 134 -47.61 1.06 -1.45
C ASP A 134 -46.84 2.32 -1.06
N LEU A 135 -45.63 2.18 -0.52
CA LEU A 135 -44.82 3.34 -0.15
C LEU A 135 -43.95 3.85 -1.29
N ILE A 136 -43.60 2.99 -2.26
CA ILE A 136 -42.85 3.48 -3.41
C ILE A 136 -43.77 4.27 -4.33
N LYS A 137 -45.06 3.98 -4.30
CA LYS A 137 -46.01 4.73 -5.12
C LYS A 137 -46.28 6.12 -4.56
N THR A 138 -45.91 6.38 -3.31
CA THR A 138 -46.11 7.70 -2.72
C THR A 138 -45.02 8.65 -3.21
N PRO A 139 -45.36 9.73 -3.92
CA PRO A 139 -44.31 10.62 -4.43
C PRO A 139 -43.43 11.16 -3.30
N GLY A 140 -42.13 11.17 -3.55
CA GLY A 140 -41.19 11.82 -2.67
C GLY A 140 -40.77 11.04 -1.45
N PHE A 141 -41.30 9.83 -1.24
CA PHE A 141 -40.90 9.06 -0.07
C PHE A 141 -39.45 8.61 -0.17
N LEU A 142 -39.08 8.04 -1.30
CA LEU A 142 -37.72 7.58 -1.54
C LEU A 142 -36.96 8.64 -2.32
N GLN A 143 -35.68 8.82 -1.98
CA GLN A 143 -34.87 9.85 -2.58
C GLN A 143 -33.42 9.41 -2.59
N GLN A 144 -32.64 10.03 -3.47
CA GLN A 144 -31.20 9.80 -3.52
C GLN A 144 -30.48 11.13 -3.50
N PHE A 145 -29.25 11.12 -2.99
CA PHE A 145 -28.39 12.28 -2.94
C PHE A 145 -27.24 12.07 -3.92
N ILE A 146 -27.09 12.98 -4.87
CA ILE A 146 -26.13 12.85 -5.95
C ILE A 146 -25.04 13.89 -5.75
N THR A 147 -23.78 13.47 -5.92
CA THR A 147 -22.63 14.33 -5.77
C THR A 147 -21.72 14.22 -6.97
N PRO A 148 -20.98 15.27 -7.31
CA PRO A 148 -20.08 15.19 -8.46
C PRO A 148 -18.93 14.23 -8.21
N ILE A 149 -18.41 13.66 -9.29
CA ILE A 149 -17.24 12.81 -9.22
C ILE A 149 -16.00 13.47 -9.82
N VAL A 150 -16.15 14.30 -10.84
CA VAL A 150 -15.05 15.05 -11.42
C VAL A 150 -15.48 16.50 -11.58
N LYS A 151 -14.65 17.42 -11.13
CA LYS A 151 -14.94 18.85 -11.18
C LYS A 151 -13.83 19.57 -11.95
N ALA A 152 -14.21 20.59 -12.70
CA ALA A 152 -13.30 21.36 -13.54
C ALA A 152 -13.38 22.84 -13.20
N ARG A 153 -13.30 23.15 -11.91
CA ARG A 153 -13.35 24.53 -11.44
C ARG A 153 -12.32 25.39 -12.14
N ILE A 165 -17.49 24.05 -12.94
CA ILE A 165 -18.52 23.09 -13.37
C ILE A 165 -18.30 21.76 -12.68
N SER A 166 -19.39 21.06 -12.40
CA SER A 166 -19.37 19.78 -11.68
C SER A 166 -20.07 18.72 -12.52
N PHE A 167 -19.42 17.57 -12.68
CA PHE A 167 -19.94 16.46 -13.45
C PHE A 167 -20.35 15.34 -12.51
N PHE A 168 -21.56 14.82 -12.69
CA PHE A 168 -22.09 13.78 -11.82
C PHE A 168 -21.82 12.38 -12.34
N SER A 169 -21.26 12.25 -13.55
CA SER A 169 -20.98 10.94 -14.13
C SER A 169 -19.71 11.04 -14.95
N MET A 170 -18.95 9.93 -14.98
CA MET A 170 -17.69 9.92 -15.71
C MET A 170 -17.89 10.19 -17.19
N PRO A 171 -18.85 9.57 -17.89
CA PRO A 171 -19.00 9.84 -19.32
C PRO A 171 -19.22 11.31 -19.63
N ASP A 172 -19.95 12.03 -18.76
CA ASP A 172 -20.18 13.45 -19.00
C ASP A 172 -18.85 14.22 -19.01
N TYR A 173 -17.96 13.92 -18.06
CA TYR A 173 -16.66 14.56 -18.06
C TYR A 173 -15.89 14.22 -19.33
N PHE A 174 -15.93 12.96 -19.75
CA PHE A 174 -15.28 12.57 -20.99
C PHE A 174 -15.94 13.26 -22.18
N GLU A 175 -17.27 13.32 -22.19
CA GLU A 175 -17.96 14.04 -23.26
C GLU A 175 -17.60 15.52 -23.22
N TRP A 176 -17.61 16.12 -22.03
CA TRP A 176 -17.22 17.51 -21.91
C TRP A 176 -15.76 17.70 -22.30
N LYS A 177 -14.89 16.79 -21.86
CA LYS A 177 -13.47 16.92 -22.19
C LYS A 177 -13.25 16.82 -23.70
N ASN A 178 -13.92 15.88 -24.36
CA ASN A 178 -13.80 15.76 -25.81
C ASN A 178 -14.34 16.99 -26.50
N ALA A 179 -15.50 17.51 -26.05
CA ALA A 179 -16.07 18.70 -26.66
C ALA A 179 -15.15 19.89 -26.51
N ILE A 180 -14.56 20.07 -25.32
CA ILE A 180 -13.66 21.19 -25.10
C ILE A 180 -12.37 21.00 -25.90
N GLY A 181 -11.81 19.79 -25.87
CA GLY A 181 -10.58 19.51 -26.58
C GLY A 181 -9.37 20.18 -25.94
N ASP A 182 -8.69 21.03 -26.70
CA ASP A 182 -7.50 21.71 -26.20
C ASP A 182 -7.82 22.74 -25.11
N GLY A 183 -9.09 23.08 -24.91
CA GLY A 183 -9.45 24.04 -23.88
C GLY A 183 -9.37 23.51 -22.46
N ILE A 184 -9.21 22.18 -22.30
CA ILE A 184 -9.10 21.61 -20.96
C ILE A 184 -7.78 21.99 -20.30
N ARG A 185 -6.78 22.41 -21.09
CA ARG A 185 -5.51 22.81 -20.51
C ARG A 185 -5.67 23.97 -19.54
N ASN A 186 -6.65 24.83 -19.77
CA ASN A 186 -6.89 25.97 -18.89
C ASN A 186 -7.76 25.60 -17.69
N TYR A 187 -8.20 24.35 -17.59
CA TYR A 187 -9.04 23.88 -16.49
C TYR A 187 -8.25 22.95 -15.59
N GLU A 188 -8.47 23.05 -14.29
CA GLU A 188 -7.87 22.15 -13.31
C GLU A 188 -8.92 21.15 -12.87
N ILE A 189 -8.61 19.86 -12.98
CA ILE A 189 -9.57 18.80 -12.75
C ILE A 189 -9.29 18.16 -11.40
N ARG A 190 -10.33 18.05 -10.57
CA ARG A 190 -10.27 17.37 -9.29
C ARG A 190 -11.24 16.21 -9.30
N TYR A 191 -10.74 15.02 -8.99
CA TYR A 191 -11.52 13.78 -9.07
C TYR A 191 -12.02 13.43 -7.67
N TYR A 192 -13.32 13.55 -7.46
CA TYR A 192 -13.96 13.15 -6.20
C TYR A 192 -14.53 11.74 -6.32
N LYS A 193 -13.65 10.79 -6.65
CA LYS A 193 -14.08 9.43 -6.94
C LYS A 193 -14.86 8.85 -5.76
N GLY A 194 -14.19 8.67 -4.63
CA GLY A 194 -14.87 8.20 -3.44
C GLY A 194 -15.73 9.28 -2.82
N LEU A 195 -16.74 8.85 -2.05
CA LEU A 195 -17.61 9.80 -1.39
C LEU A 195 -16.97 10.42 -0.15
N GLY A 196 -15.85 9.90 0.32
CA GLY A 196 -15.09 10.50 1.38
C GLY A 196 -14.05 11.50 0.93
N THR A 197 -13.91 11.69 -0.39
CA THR A 197 -12.94 12.65 -0.91
C THR A 197 -13.38 14.10 -0.75
N SER A 198 -14.63 14.33 -0.34
CA SER A 198 -15.17 15.67 -0.18
C SER A 198 -15.25 16.01 1.30
N GLY A 199 -14.76 17.20 1.65
CA GLY A 199 -14.72 17.64 3.03
C GLY A 199 -15.92 18.47 3.45
N ALA A 200 -15.67 19.56 4.17
CA ALA A 200 -16.75 20.37 4.73
C ALA A 200 -17.26 21.43 3.76
N LYS A 201 -16.36 22.08 3.03
CA LYS A 201 -16.79 23.08 2.05
C LYS A 201 -17.71 22.44 1.02
N GLU A 202 -17.34 21.27 0.51
CA GLU A 202 -18.20 20.56 -0.44
C GLU A 202 -19.52 20.19 0.20
N GLY A 203 -19.50 19.74 1.46
CA GLY A 203 -20.74 19.40 2.13
C GLY A 203 -21.66 20.60 2.27
N ARG A 204 -21.10 21.75 2.67
CA ARG A 204 -21.92 22.95 2.80
C ARG A 204 -22.49 23.35 1.45
N GLU A 205 -21.66 23.32 0.40
CA GLU A 205 -22.15 23.70 -0.92
C GLU A 205 -23.26 22.77 -1.39
N TYR A 206 -23.08 21.46 -1.19
CA TYR A 206 -24.08 20.49 -1.64
C TYR A 206 -25.39 20.66 -0.88
N PHE A 207 -25.33 20.84 0.43
CA PHE A 207 -26.55 20.92 1.22
C PHE A 207 -27.19 22.29 1.18
N GLU A 208 -26.48 23.31 0.70
CA GLU A 208 -27.14 24.58 0.40
C GLU A 208 -28.04 24.43 -0.82
N ASN A 209 -27.51 23.85 -1.89
CA ASN A 209 -28.28 23.57 -3.11
C ASN A 209 -28.77 22.12 -3.06
N ILE A 210 -29.70 21.88 -2.14
CA ILE A 210 -30.22 20.54 -1.93
C ILE A 210 -31.03 20.09 -3.13
N ASP A 211 -31.77 21.02 -3.76
CA ASP A 211 -32.61 20.65 -4.89
C ASP A 211 -31.78 20.04 -6.01
N ARG A 212 -30.60 20.60 -6.27
CA ARG A 212 -29.72 20.07 -7.30
C ARG A 212 -29.13 18.72 -6.91
N HIS A 213 -29.10 18.38 -5.62
CA HIS A 213 -28.49 17.16 -5.13
C HIS A 213 -29.51 16.29 -4.41
N ARG A 214 -30.74 16.21 -4.93
CA ARG A 214 -31.75 15.37 -4.30
C ARG A 214 -32.80 15.03 -5.35
N LEU A 215 -32.80 13.78 -5.80
CA LEU A 215 -33.78 13.28 -6.76
C LEU A 215 -34.69 12.27 -6.08
N ASP A 216 -35.99 12.37 -6.33
CA ASP A 216 -36.99 11.52 -5.70
C ASP A 216 -37.52 10.54 -6.73
N PHE A 217 -37.37 9.24 -6.46
CA PHE A 217 -37.88 8.24 -7.37
C PHE A 217 -39.41 8.35 -7.48
N VAL A 218 -39.92 8.25 -8.70
CA VAL A 218 -41.33 8.38 -8.98
C VAL A 218 -41.83 7.11 -9.64
N HIS A 219 -43.00 6.64 -9.20
CA HIS A 219 -43.64 5.45 -9.76
C HIS A 219 -44.71 5.90 -10.75
N GLU A 220 -44.46 5.67 -12.03
CA GLU A 220 -45.35 6.14 -13.10
C GLU A 220 -46.30 5.05 -13.60
N ASP A 221 -45.76 3.92 -14.03
CA ASP A 221 -46.54 2.82 -14.58
C ASP A 221 -46.27 1.56 -13.77
N ALA A 222 -46.81 0.43 -14.25
CA ALA A 222 -46.62 -0.85 -13.59
C ALA A 222 -45.31 -1.53 -13.98
N THR A 223 -44.54 -0.94 -14.90
CA THR A 223 -43.26 -1.53 -15.28
C THR A 223 -42.19 -1.31 -14.22
N ASP A 224 -42.38 -0.35 -13.31
CA ASP A 224 -41.39 -0.09 -12.28
C ASP A 224 -41.26 -1.27 -11.32
N ASP A 225 -42.40 -1.78 -10.85
CA ASP A 225 -42.38 -2.96 -9.98
C ASP A 225 -41.78 -4.15 -10.72
N ALA A 226 -42.11 -4.32 -12.00
CA ALA A 226 -41.55 -5.40 -12.77
C ALA A 226 -40.04 -5.30 -12.84
N ARG A 227 -39.51 -4.10 -13.08
CA ARG A 227 -38.06 -3.93 -13.14
C ARG A 227 -37.40 -4.23 -11.80
N ILE A 228 -38.00 -3.75 -10.71
CA ILE A 228 -37.41 -4.00 -9.39
C ILE A 228 -37.39 -5.49 -9.10
N VAL A 229 -38.50 -6.17 -9.37
CA VAL A 229 -38.59 -7.61 -9.14
C VAL A 229 -37.56 -8.35 -9.98
N MET A 230 -37.45 -7.99 -11.26
CA MET A 230 -36.50 -8.64 -12.14
C MET A 230 -35.08 -8.47 -11.61
N ALA A 231 -34.73 -7.25 -11.20
CA ALA A 231 -33.37 -7.00 -10.76
C ALA A 231 -33.05 -7.70 -9.45
N PHE A 232 -34.05 -7.93 -8.60
CA PHE A 232 -33.81 -8.45 -7.26
C PHE A 232 -34.77 -9.59 -6.94
N ALA A 233 -34.92 -10.54 -7.84
CA ALA A 233 -35.71 -11.74 -7.60
C ALA A 233 -34.88 -12.97 -7.92
N LYS A 234 -35.00 -14.00 -7.08
CA LYS A 234 -34.23 -15.21 -7.27
C LYS A 234 -34.75 -16.04 -8.44
N ASP A 235 -35.97 -15.81 -8.87
CA ASP A 235 -36.59 -16.59 -9.95
C ASP A 235 -36.37 -15.99 -11.32
N LYS A 236 -35.73 -14.83 -11.42
CA LYS A 236 -35.59 -14.11 -12.68
C LYS A 236 -34.13 -13.99 -13.07
N VAL A 237 -33.37 -15.07 -12.87
CA VAL A 237 -31.97 -15.07 -13.27
C VAL A 237 -31.84 -14.97 -14.78
N GLU A 238 -32.67 -15.71 -15.51
CA GLU A 238 -32.60 -15.67 -16.97
C GLU A 238 -33.02 -14.30 -17.50
N GLU A 239 -33.97 -13.65 -16.84
CA GLU A 239 -34.31 -12.28 -17.23
C GLU A 239 -33.14 -11.35 -17.00
N ARG A 240 -32.35 -11.59 -15.96
CA ARG A 240 -31.13 -10.81 -15.75
C ARG A 240 -30.09 -11.11 -16.83
N LYS A 241 -29.98 -12.37 -17.24
CA LYS A 241 -29.08 -12.71 -18.33
C LYS A 241 -29.45 -11.95 -19.58
N HIS A 242 -30.74 -11.93 -19.92
CA HIS A 242 -31.20 -11.17 -21.07
C HIS A 242 -30.93 -9.68 -20.88
N TRP A 243 -31.14 -9.18 -19.66
CA TRP A 243 -30.86 -7.78 -19.36
C TRP A 243 -29.42 -7.42 -19.69
N ILE A 244 -28.47 -8.17 -19.15
CA ILE A 244 -27.06 -7.85 -19.37
C ILE A 244 -26.67 -8.05 -20.83
N THR A 245 -27.12 -9.14 -21.46
CA THR A 245 -26.76 -9.37 -22.86
C THR A 245 -27.32 -8.27 -23.76
N GLN A 246 -28.57 -7.89 -23.57
CA GLN A 246 -29.17 -6.84 -24.39
C GLN A 246 -28.47 -5.52 -24.16
N PHE A 247 -28.10 -5.21 -22.92
CA PHE A 247 -27.37 -3.97 -22.66
C PHE A 247 -26.03 -3.99 -23.37
N LYS A 248 -25.28 -5.09 -23.25
CA LYS A 248 -23.95 -5.17 -23.84
C LYS A 248 -23.97 -5.30 -25.36
N ALA A 249 -25.12 -5.61 -25.95
CA ALA A 249 -25.24 -5.76 -27.39
C ALA A 249 -26.06 -4.64 -28.02
N ASN A 250 -25.88 -3.41 -27.54
CA ASN A 250 -26.54 -2.23 -28.10
C ASN A 250 -25.51 -1.29 -28.70
N THR A 251 -25.85 -0.74 -29.87
CA THR A 251 -24.98 0.16 -30.61
C THR A 251 -25.37 1.59 -30.24
N ASN A 252 -24.77 2.11 -29.17
CA ASN A 252 -24.99 3.47 -28.68
C ASN A 252 -26.40 3.68 -28.14
N VAL A 253 -27.16 2.61 -27.93
CA VAL A 253 -28.53 2.72 -27.44
C VAL A 253 -28.55 2.55 -25.93
N ASN A 254 -27.38 2.71 -25.30
CA ASN A 254 -27.31 2.56 -23.85
C ASN A 254 -28.17 3.60 -23.15
N GLU A 255 -28.15 4.84 -23.65
CA GLU A 255 -28.96 5.92 -23.09
C GLU A 255 -28.60 6.16 -21.61
N SER A 256 -27.36 6.59 -21.42
CA SER A 256 -26.88 6.89 -20.07
C SER A 256 -27.83 7.82 -19.35
N MET A 257 -27.82 7.74 -18.02
CA MET A 257 -28.75 8.53 -17.21
C MET A 257 -28.20 9.92 -16.97
N ASN A 258 -29.07 10.92 -17.09
CA ASN A 258 -28.73 12.31 -16.81
C ASN A 258 -29.33 12.74 -15.48
N TYR A 259 -28.64 13.66 -14.82
CA TYR A 259 -29.03 14.12 -13.48
C TYR A 259 -29.54 15.55 -13.49
N ASN A 260 -29.72 16.17 -14.66
CA ASN A 260 -30.31 17.50 -14.73
C ASN A 260 -31.78 17.49 -14.34
N VAL A 261 -32.40 16.32 -14.22
CA VAL A 261 -33.78 16.22 -13.81
C VAL A 261 -33.82 15.86 -12.32
N ARG A 262 -34.99 15.97 -11.72
CA ARG A 262 -35.17 15.65 -10.30
C ARG A 262 -36.36 14.72 -10.08
N THR A 263 -36.69 13.92 -11.10
CA THR A 263 -37.83 13.02 -11.03
C THR A 263 -37.44 11.66 -11.60
N VAL A 264 -36.31 11.13 -11.13
CA VAL A 264 -35.84 9.84 -11.61
C VAL A 264 -36.94 8.80 -11.47
N ARG A 265 -37.14 8.00 -12.51
CA ARG A 265 -38.12 6.94 -12.50
C ARG A 265 -37.50 5.65 -12.00
N TYR A 266 -38.32 4.78 -11.43
CA TYR A 266 -37.81 3.52 -10.90
C TYR A 266 -37.31 2.62 -12.01
N SER A 267 -38.11 2.43 -13.06
CA SER A 267 -37.67 1.63 -14.20
C SER A 267 -36.47 2.27 -14.88
N GLU A 268 -36.51 3.59 -15.07
CA GLU A 268 -35.38 4.28 -15.66
C GLU A 268 -34.14 4.12 -14.79
N PHE A 269 -34.29 4.29 -13.48
CA PHE A 269 -33.16 4.10 -12.59
C PHE A 269 -32.57 2.72 -12.75
N VAL A 270 -33.41 1.68 -12.68
CA VAL A 270 -32.91 0.32 -12.84
C VAL A 270 -32.13 0.21 -14.15
N ASP A 271 -32.84 0.39 -15.27
CA ASP A 271 -32.29 0.08 -16.58
C ASP A 271 -31.12 0.97 -16.98
N LYS A 272 -30.91 2.10 -16.29
CA LYS A 272 -29.81 2.99 -16.66
C LYS A 272 -28.67 3.05 -15.66
N GLU A 273 -28.91 2.67 -14.41
CA GLU A 273 -27.90 2.76 -13.36
C GLU A 273 -27.56 1.43 -12.74
N LEU A 274 -28.54 0.55 -12.50
CA LEU A 274 -28.22 -0.76 -11.94
C LEU A 274 -27.60 -1.67 -12.99
N ILE A 275 -27.95 -1.46 -14.26
CA ILE A 275 -27.36 -2.28 -15.31
C ILE A 275 -25.87 -2.03 -15.39
N LEU A 276 -25.42 -0.80 -15.12
CA LEU A 276 -24.00 -0.53 -15.09
C LEU A 276 -23.30 -1.36 -14.02
N PHE A 277 -23.89 -1.43 -12.83
CA PHE A 277 -23.29 -2.24 -11.77
C PHE A 277 -23.29 -3.72 -12.13
N SER A 278 -24.39 -4.21 -12.71
CA SER A 278 -24.46 -5.62 -13.06
C SER A 278 -23.42 -5.97 -14.12
N VAL A 279 -23.26 -5.10 -15.12
CA VAL A 279 -22.26 -5.34 -16.15
C VAL A 279 -20.85 -5.29 -15.56
N ALA A 280 -20.61 -4.36 -14.64
CA ALA A 280 -19.30 -4.29 -14.00
C ALA A 280 -19.02 -5.54 -13.17
N ASP A 281 -20.05 -6.05 -12.47
CA ASP A 281 -19.89 -7.26 -11.70
C ASP A 281 -19.55 -8.45 -12.59
N CYS A 282 -20.26 -8.58 -13.71
CA CYS A 282 -19.95 -9.65 -14.66
C CYS A 282 -18.53 -9.47 -15.21
N GLU A 283 -18.15 -8.24 -15.52
CA GLU A 283 -16.83 -8.00 -16.10
C GLU A 283 -15.73 -8.38 -15.12
N ARG A 284 -15.91 -8.05 -13.84
CA ARG A 284 -14.87 -8.32 -12.85
C ARG A 284 -14.90 -9.76 -12.34
N SER A 285 -15.98 -10.50 -12.58
CA SER A 285 -16.09 -11.87 -12.12
C SER A 285 -15.83 -12.91 -13.21
N ILE A 286 -16.29 -12.65 -14.43
CA ILE A 286 -16.14 -13.60 -15.53
C ILE A 286 -14.77 -13.39 -16.17
N PRO A 287 -14.04 -14.45 -16.51
CA PRO A 287 -12.72 -14.27 -17.13
C PRO A 287 -12.78 -14.27 -18.65
N SER A 288 -11.82 -13.56 -19.24
CA SER A 288 -11.68 -13.56 -20.68
C SER A 288 -11.31 -14.95 -21.18
N VAL A 289 -11.77 -15.28 -22.38
CA VAL A 289 -11.51 -16.60 -22.95
C VAL A 289 -10.17 -16.68 -23.66
N ILE A 290 -9.51 -15.56 -23.92
CA ILE A 290 -8.25 -15.55 -24.65
C ILE A 290 -7.10 -15.71 -23.67
N ASP A 291 -6.93 -14.73 -22.77
CA ASP A 291 -5.86 -14.81 -21.79
C ASP A 291 -6.26 -15.50 -20.51
N GLY A 292 -7.56 -15.68 -20.26
CA GLY A 292 -8.01 -16.36 -19.07
C GLY A 292 -7.97 -15.53 -17.81
N LEU A 293 -7.68 -14.24 -17.92
CA LEU A 293 -7.51 -13.37 -16.77
C LEU A 293 -8.70 -12.43 -16.64
N LYS A 294 -9.05 -12.12 -15.40
CA LYS A 294 -10.02 -11.09 -15.10
C LYS A 294 -9.33 -9.72 -15.08
N PRO A 295 -10.09 -8.64 -15.17
CA PRO A 295 -9.45 -7.32 -15.30
C PRO A 295 -8.45 -7.00 -14.21
N GLY A 296 -8.71 -7.36 -12.96
CA GLY A 296 -7.74 -7.11 -11.91
C GLY A 296 -6.48 -7.95 -12.08
N GLN A 297 -6.64 -9.23 -12.38
CA GLN A 297 -5.48 -10.08 -12.64
C GLN A 297 -4.71 -9.59 -13.85
N ARG A 298 -5.43 -9.13 -14.88
CA ARG A 298 -4.76 -8.59 -16.05
C ARG A 298 -3.97 -7.34 -15.70
N LYS A 299 -4.52 -6.49 -14.84
CA LYS A 299 -3.79 -5.30 -14.42
C LYS A 299 -2.53 -5.67 -13.64
N ILE A 300 -2.63 -6.66 -12.77
CA ILE A 300 -1.45 -7.09 -12.01
C ILE A 300 -0.39 -7.63 -12.95
N ILE A 301 -0.80 -8.46 -13.91
CA ILE A 301 0.15 -9.05 -14.86
C ILE A 301 0.79 -7.95 -15.71
N PHE A 302 -0.01 -7.00 -16.17
CA PHE A 302 0.50 -5.90 -17.00
C PHE A 302 1.49 -5.05 -16.23
N SER A 303 1.18 -4.74 -14.96
CA SER A 303 2.11 -3.98 -14.15
C SER A 303 3.41 -4.74 -13.92
N SER A 304 3.31 -6.05 -13.66
CA SER A 304 4.51 -6.85 -13.46
C SER A 304 5.37 -6.87 -14.72
N PHE A 305 4.75 -6.98 -15.89
CA PHE A 305 5.51 -6.94 -17.14
C PHE A 305 6.15 -5.57 -17.33
N LYS A 306 5.42 -4.50 -17.01
CA LYS A 306 5.96 -3.16 -17.18
C LYS A 306 7.21 -2.95 -16.33
N ARG A 307 7.18 -3.38 -15.07
CA ARG A 307 8.35 -3.32 -14.21
C ARG A 307 9.49 -4.22 -14.68
N ARG A 308 9.23 -5.15 -15.58
CA ARG A 308 10.16 -6.23 -15.84
C ARG A 308 10.50 -6.95 -14.54
N LEU A 309 9.47 -7.18 -13.72
CA LEU A 309 9.63 -7.74 -12.39
C LEU A 309 10.34 -9.08 -12.44
N THR A 310 11.56 -9.14 -11.91
CA THR A 310 12.32 -10.38 -11.82
C THR A 310 12.91 -10.62 -10.45
N ARG A 311 12.90 -9.63 -9.56
CA ARG A 311 13.34 -9.79 -8.18
C ARG A 311 12.14 -9.64 -7.26
N SER A 312 12.06 -10.51 -6.26
CA SER A 312 10.90 -10.53 -5.38
C SER A 312 10.75 -9.19 -4.67
N ILE A 313 9.50 -8.71 -4.62
CA ILE A 313 9.15 -7.52 -3.85
C ILE A 313 7.93 -7.84 -3.01
N LYS A 314 7.75 -7.06 -1.95
CA LYS A 314 6.60 -7.27 -1.08
C LYS A 314 5.31 -7.11 -1.87
N VAL A 315 4.33 -7.96 -1.57
CA VAL A 315 3.06 -7.92 -2.30
C VAL A 315 2.38 -6.58 -2.10
N VAL A 316 2.61 -5.92 -0.97
CA VAL A 316 2.00 -4.62 -0.73
C VAL A 316 2.62 -3.56 -1.65
N GLN A 317 3.93 -3.64 -1.85
CA GLN A 317 4.59 -2.73 -2.79
C GLN A 317 4.09 -2.96 -4.21
N LEU A 318 3.92 -4.23 -4.59
CA LEU A 318 3.35 -4.53 -5.89
C LEU A 318 1.94 -3.99 -6.03
N ALA A 319 1.15 -4.11 -4.96
CA ALA A 319 -0.21 -3.57 -4.99
C ALA A 319 -0.20 -2.06 -5.18
N GLY A 320 0.69 -1.36 -4.47
CA GLY A 320 0.80 0.07 -4.67
C GLY A 320 1.21 0.44 -6.07
N TYR A 321 2.18 -0.30 -6.64
CA TYR A 321 2.60 -0.04 -8.01
C TYR A 321 1.47 -0.27 -8.99
N VAL A 322 0.70 -1.35 -8.80
CA VAL A 322 -0.42 -1.65 -9.70
C VAL A 322 -1.46 -0.55 -9.61
N SER A 323 -1.76 -0.09 -8.39
CA SER A 323 -2.73 0.99 -8.24
C SER A 323 -2.26 2.26 -8.91
N GLU A 324 -0.96 2.56 -8.81
CA GLU A 324 -0.44 3.80 -9.36
C GLU A 324 -0.37 3.76 -10.89
N HIS A 325 -0.04 2.61 -11.46
CA HIS A 325 0.30 2.51 -12.88
C HIS A 325 -0.75 1.80 -13.72
N ALA A 326 -1.55 0.92 -13.14
CA ALA A 326 -2.58 0.21 -13.86
C ALA A 326 -3.97 0.81 -13.65
N ALA A 327 -4.05 1.96 -12.98
CA ALA A 327 -5.32 2.62 -12.73
C ALA A 327 -6.32 1.68 -12.06
N TYR A 328 -5.85 0.93 -11.07
CA TYR A 328 -6.73 0.09 -10.28
C TYR A 328 -7.56 0.97 -9.36
N HIS A 329 -8.88 0.83 -9.41
CA HIS A 329 -9.79 1.74 -8.73
C HIS A 329 -10.29 1.21 -7.39
N HIS A 330 -9.88 0.02 -6.98
CA HIS A 330 -10.39 -0.61 -5.77
C HIS A 330 -9.32 -0.63 -4.69
N GLY A 331 -9.68 -1.18 -3.54
CA GLY A 331 -8.78 -1.17 -2.41
C GLY A 331 -7.61 -2.12 -2.57
N GLU A 332 -6.59 -1.90 -1.74
CA GLU A 332 -5.40 -2.75 -1.78
C GLU A 332 -5.72 -4.18 -1.38
N GLN A 333 -6.52 -4.35 -0.32
CA GLN A 333 -6.81 -5.70 0.17
C GLN A 333 -7.30 -6.60 -0.95
N SER A 334 -8.17 -6.08 -1.81
CA SER A 334 -8.57 -6.84 -3.00
C SER A 334 -7.38 -7.13 -3.89
N LEU A 335 -6.49 -6.14 -4.06
CA LEU A 335 -5.31 -6.34 -4.88
C LEU A 335 -4.37 -7.37 -4.27
N VAL A 336 -4.20 -7.33 -2.95
CA VAL A 336 -3.38 -8.33 -2.27
C VAL A 336 -3.96 -9.72 -2.48
N GLN A 337 -5.29 -9.85 -2.32
CA GLN A 337 -5.91 -11.16 -2.52
C GLN A 337 -5.74 -11.63 -3.95
N THR A 338 -5.88 -10.72 -4.92
CA THR A 338 -5.72 -11.09 -6.32
C THR A 338 -4.29 -11.58 -6.59
N ILE A 339 -3.29 -10.88 -6.05
CA ILE A 339 -1.91 -11.30 -6.27
C ILE A 339 -1.65 -12.65 -5.62
N VAL A 340 -2.19 -12.85 -4.41
CA VAL A 340 -2.03 -14.12 -3.74
C VAL A 340 -2.64 -15.24 -4.56
N GLY A 341 -3.85 -15.01 -5.10
CA GLY A 341 -4.47 -16.02 -5.94
C GLY A 341 -3.67 -16.29 -7.20
N LEU A 342 -3.07 -15.24 -7.77
CA LEU A 342 -2.25 -15.42 -8.97
C LEU A 342 -1.01 -16.25 -8.67
N ALA A 343 -0.49 -16.17 -7.45
CA ALA A 343 0.74 -16.86 -7.10
C ALA A 343 0.54 -18.25 -6.52
N GLN A 344 -0.65 -18.55 -5.97
CA GLN A 344 -0.87 -19.83 -5.31
C GLN A 344 -0.71 -20.98 -6.29
N ASN A 345 -0.20 -22.12 -5.78
CA ASN A 345 0.05 -23.28 -6.62
C ASN A 345 -0.31 -24.61 -5.97
N PHE A 346 -1.04 -24.61 -4.85
CA PHE A 346 -1.38 -25.86 -4.20
C PHE A 346 -2.36 -26.66 -5.07
N VAL A 347 -2.56 -27.91 -4.69
CA VAL A 347 -3.45 -28.79 -5.46
C VAL A 347 -4.85 -28.24 -5.41
N GLY A 348 -5.51 -28.18 -6.57
CA GLY A 348 -6.76 -27.46 -6.69
C GLY A 348 -6.60 -25.99 -6.97
N SER A 349 -5.45 -25.58 -7.49
CA SER A 349 -5.15 -24.17 -7.73
C SER A 349 -4.41 -24.09 -9.06
N ASN A 350 -3.77 -22.95 -9.31
CA ASN A 350 -3.08 -22.71 -10.56
C ASN A 350 -2.22 -23.91 -10.94
N ASN A 351 -2.41 -24.39 -12.18
CA ASN A 351 -1.54 -25.43 -12.71
C ASN A 351 -0.18 -24.86 -13.08
N VAL A 352 -0.18 -23.68 -13.69
CA VAL A 352 1.06 -22.99 -14.08
C VAL A 352 0.96 -21.56 -13.58
N PRO A 353 1.31 -21.27 -12.33
CA PRO A 353 1.18 -19.91 -11.83
C PRO A 353 2.03 -18.93 -12.63
N LEU A 354 1.49 -17.74 -12.83
CA LEU A 354 2.21 -16.68 -13.53
C LEU A 354 3.04 -15.82 -12.60
N LEU A 355 2.83 -15.91 -11.28
CA LEU A 355 3.60 -15.17 -10.30
C LEU A 355 4.30 -16.15 -9.37
N GLN A 356 5.60 -15.96 -9.21
CA GLN A 356 6.36 -16.74 -8.24
C GLN A 356 6.15 -16.18 -6.84
N GLN A 357 6.04 -17.10 -5.88
CA GLN A 357 5.74 -16.77 -4.49
C GLN A 357 6.96 -17.01 -3.61
N ASP A 358 7.09 -16.20 -2.57
CA ASP A 358 8.15 -16.33 -1.57
C ASP A 358 7.53 -15.96 -0.22
N GLY A 359 7.04 -16.96 0.50
CA GLY A 359 6.40 -16.76 1.77
C GLY A 359 5.25 -17.75 1.92
N GLN A 360 4.30 -17.38 2.78
CA GLN A 360 3.12 -18.20 3.03
C GLN A 360 1.97 -17.66 2.18
N PHE A 361 1.81 -18.23 0.99
CA PHE A 361 0.73 -17.87 0.09
C PHE A 361 -0.50 -18.76 0.27
N GLY A 362 -0.47 -19.67 1.22
CA GLY A 362 -1.59 -20.56 1.45
C GLY A 362 -1.29 -21.97 0.94
N THR A 363 -1.92 -22.95 1.59
CA THR A 363 -1.72 -24.36 1.27
C THR A 363 -3.08 -25.03 1.16
N ARG A 364 -3.07 -26.32 0.84
CA ARG A 364 -4.30 -27.08 0.76
C ARG A 364 -4.94 -27.31 2.12
N LEU A 365 -4.25 -26.98 3.21
CA LEU A 365 -4.82 -27.15 4.53
C LEU A 365 -6.11 -26.35 4.68
N GLN A 366 -6.08 -25.07 4.31
CA GLN A 366 -7.23 -24.20 4.41
C GLN A 366 -7.70 -23.70 3.05
N GLY A 367 -7.23 -24.32 1.97
CA GLY A 367 -7.64 -23.90 0.64
C GLY A 367 -7.15 -22.52 0.29
N GLY A 368 -5.89 -22.20 0.61
CA GLY A 368 -5.32 -20.92 0.29
C GLY A 368 -5.68 -19.81 1.25
N LYS A 369 -6.51 -20.07 2.25
CA LYS A 369 -6.90 -19.05 3.21
C LYS A 369 -5.83 -18.82 4.27
N ASP A 370 -4.88 -19.74 4.41
CA ASP A 370 -3.83 -19.64 5.41
C ASP A 370 -2.56 -19.04 4.79
N HIS A 371 -2.68 -17.77 4.41
CA HIS A 371 -1.57 -17.03 3.84
C HIS A 371 -1.24 -15.84 4.73
N ALA A 372 0.03 -15.47 4.75
CA ALA A 372 0.47 -14.35 5.57
C ALA A 372 0.00 -13.03 4.98
N ALA A 373 0.07 -11.98 5.80
CA ALA A 373 -0.32 -10.66 5.35
C ALA A 373 0.60 -10.19 4.23
N GLY A 374 0.10 -9.25 3.42
CA GLY A 374 0.85 -8.78 2.29
C GLY A 374 2.20 -8.21 2.66
N ARG A 375 2.35 -7.74 3.89
CA ARG A 375 3.63 -7.21 4.36
C ARG A 375 4.66 -8.29 4.60
N TYR A 376 4.27 -9.57 4.58
CA TYR A 376 5.20 -10.66 4.86
C TYR A 376 5.48 -11.55 3.66
N ILE A 377 4.68 -11.47 2.60
CA ILE A 377 4.84 -12.34 1.43
C ILE A 377 5.44 -11.53 0.29
N PHE A 378 6.41 -12.14 -0.39
CA PHE A 378 7.06 -11.55 -1.55
C PHE A 378 6.62 -12.28 -2.80
N THR A 379 6.69 -11.59 -3.94
CA THR A 379 6.31 -12.21 -5.20
C THR A 379 7.09 -11.58 -6.33
N ARG A 380 7.22 -12.33 -7.42
CA ARG A 380 7.82 -11.85 -8.66
C ARG A 380 7.15 -12.57 -9.82
N LEU A 381 7.76 -12.49 -11.00
CA LEU A 381 7.25 -13.21 -12.16
C LEU A 381 7.95 -14.55 -12.28
N THR A 382 7.17 -15.60 -12.53
CA THR A 382 7.73 -16.93 -12.72
C THR A 382 8.56 -16.99 -14.00
N ASN A 383 9.49 -17.94 -14.02
CA ASN A 383 10.37 -18.07 -15.17
C ASN A 383 9.62 -18.40 -16.46
N ILE A 384 8.41 -18.95 -16.35
CA ILE A 384 7.64 -19.35 -17.52
C ILE A 384 6.54 -18.36 -17.85
N ALA A 385 6.43 -17.25 -17.12
CA ALA A 385 5.39 -16.27 -17.41
C ALA A 385 5.57 -15.67 -18.79
N ARG A 386 6.82 -15.37 -19.16
CA ARG A 386 7.10 -14.73 -20.44
C ARG A 386 7.34 -15.72 -21.57
N TYR A 387 7.29 -17.02 -21.30
CA TYR A 387 7.24 -18.00 -22.37
C TYR A 387 5.81 -18.35 -22.76
N ILE A 388 4.83 -17.96 -21.94
CA ILE A 388 3.43 -18.06 -22.32
C ILE A 388 2.93 -16.73 -22.89
N TYR A 389 3.17 -15.65 -22.17
CA TYR A 389 2.83 -14.30 -22.64
C TYR A 389 4.08 -13.74 -23.31
N HIS A 390 4.21 -14.03 -24.60
CA HIS A 390 5.42 -13.67 -25.33
C HIS A 390 5.60 -12.15 -25.34
N PRO A 391 6.83 -11.64 -25.19
CA PRO A 391 7.02 -10.18 -25.26
C PRO A 391 6.61 -9.58 -26.59
N SER A 392 6.84 -10.29 -27.69
CA SER A 392 6.53 -9.72 -29.00
C SER A 392 5.05 -9.36 -29.10
N ASP A 393 4.18 -10.23 -28.60
CA ASP A 393 2.75 -9.99 -28.68
C ASP A 393 2.33 -8.76 -27.90
N ASP A 394 3.19 -8.21 -27.03
CA ASP A 394 2.84 -6.97 -26.36
C ASP A 394 2.69 -5.82 -27.35
N PHE A 395 3.20 -5.97 -28.58
CA PHE A 395 3.13 -4.91 -29.56
C PHE A 395 1.87 -4.94 -30.41
N VAL A 396 1.06 -6.00 -30.32
CA VAL A 396 -0.09 -6.18 -31.20
C VAL A 396 -1.41 -6.15 -30.47
N VAL A 397 -1.41 -6.04 -29.14
CA VAL A 397 -2.64 -5.96 -28.38
C VAL A 397 -3.08 -4.51 -28.26
N ASP A 398 -4.36 -4.31 -27.99
CA ASP A 398 -4.93 -2.97 -27.87
C ASP A 398 -4.99 -2.58 -26.41
N TYR A 399 -4.49 -1.39 -26.09
CA TYR A 399 -4.33 -0.94 -24.72
C TYR A 399 -5.43 0.04 -24.33
N LYS A 400 -6.04 -0.18 -23.18
CA LYS A 400 -7.08 0.71 -22.69
C LYS A 400 -6.49 2.04 -22.25
N ASP A 401 -7.34 3.06 -22.18
CA ASP A 401 -6.95 4.41 -21.77
C ASP A 401 -7.97 4.91 -20.75
N ASP A 402 -7.70 4.68 -19.47
CA ASP A 402 -8.60 5.09 -18.39
C ASP A 402 -8.20 6.49 -17.95
N ASP A 403 -8.90 7.50 -18.47
CA ASP A 403 -8.61 8.89 -18.17
C ASP A 403 -7.20 9.27 -18.62
N GLY A 404 -6.97 9.10 -19.93
CA GLY A 404 -5.70 9.48 -20.52
C GLY A 404 -4.56 8.51 -20.33
N LEU A 405 -4.27 8.14 -19.09
CA LEU A 405 -3.17 7.23 -18.81
C LEU A 405 -3.39 5.90 -19.53
N SER A 406 -2.34 5.40 -20.16
CA SER A 406 -2.41 4.09 -20.81
C SER A 406 -2.45 2.99 -19.76
N VAL A 407 -3.32 2.01 -19.98
CA VAL A 407 -3.58 0.98 -18.99
C VAL A 407 -3.50 -0.39 -19.66
N GLU A 408 -3.82 -1.44 -18.90
CA GLU A 408 -3.74 -2.82 -19.36
C GLU A 408 -4.40 -2.99 -20.73
N PRO A 409 -4.05 -4.03 -21.47
CA PRO A 409 -4.74 -4.29 -22.74
C PRO A 409 -6.14 -4.81 -22.52
N PHE A 410 -6.94 -4.77 -23.58
CA PHE A 410 -8.27 -5.36 -23.51
C PHE A 410 -8.19 -6.84 -23.21
N TYR A 411 -7.18 -7.52 -23.73
CA TYR A 411 -6.86 -8.88 -23.34
C TYR A 411 -5.47 -9.21 -23.86
N TYR A 412 -4.73 -10.00 -23.09
CA TYR A 412 -3.48 -10.55 -23.56
C TYR A 412 -3.75 -11.76 -24.45
N VAL A 413 -2.74 -12.14 -25.21
CA VAL A 413 -2.86 -13.28 -26.11
C VAL A 413 -1.73 -14.27 -25.81
N PRO A 414 -1.92 -15.20 -24.88
CA PRO A 414 -0.86 -16.15 -24.56
C PRO A 414 -0.68 -17.19 -25.65
N VAL A 415 0.37 -17.98 -25.49
CA VAL A 415 0.67 -19.05 -26.44
C VAL A 415 -0.36 -20.17 -26.32
N ILE A 416 -0.80 -20.46 -25.10
CA ILE A 416 -1.75 -21.53 -24.84
C ILE A 416 -2.93 -20.92 -24.10
N PRO A 417 -4.11 -21.55 -24.17
CA PRO A 417 -5.27 -21.01 -23.44
C PRO A 417 -5.11 -21.16 -21.94
N MET A 418 -4.81 -20.06 -21.26
CA MET A 418 -4.62 -20.09 -19.83
C MET A 418 -5.93 -20.08 -19.06
N VAL A 419 -7.06 -19.88 -19.74
CA VAL A 419 -8.35 -20.06 -19.09
C VAL A 419 -8.57 -21.53 -18.75
N LEU A 420 -8.18 -22.43 -19.65
CA LEU A 420 -8.30 -23.86 -19.39
C LEU A 420 -7.22 -24.36 -18.45
N VAL A 421 -6.00 -23.86 -18.61
CA VAL A 421 -4.86 -24.40 -17.87
C VAL A 421 -5.02 -24.17 -16.37
N ASN A 422 -5.41 -22.95 -15.98
CA ASN A 422 -5.43 -22.57 -14.58
C ASN A 422 -6.79 -22.73 -13.92
N GLY A 423 -7.87 -22.73 -14.67
CA GLY A 423 -9.18 -22.93 -14.10
C GLY A 423 -9.65 -21.71 -13.34
N THR A 424 -10.96 -21.47 -13.33
CA THR A 424 -11.50 -20.25 -12.73
C THR A 424 -12.90 -20.53 -12.20
N SER A 425 -13.33 -19.67 -11.29
CA SER A 425 -14.67 -19.79 -10.71
C SER A 425 -15.07 -18.42 -10.19
N GLY A 426 -16.05 -17.79 -10.83
CA GLY A 426 -16.50 -16.48 -10.42
C GLY A 426 -18.00 -16.35 -10.58
N ILE A 427 -18.57 -15.41 -9.81
CA ILE A 427 -20.00 -15.18 -9.80
C ILE A 427 -20.25 -13.72 -10.16
N GLY A 428 -20.97 -13.51 -11.25
CA GLY A 428 -21.38 -12.20 -11.69
C GLY A 428 -22.82 -11.91 -11.32
N THR A 429 -23.46 -11.06 -12.10
CA THR A 429 -24.88 -10.76 -11.97
C THR A 429 -25.57 -11.26 -13.22
N GLY A 430 -26.33 -12.34 -13.09
CA GLY A 430 -26.93 -13.01 -14.20
C GLY A 430 -26.12 -14.18 -14.73
N PHE A 431 -24.79 -14.10 -14.63
CA PHE A 431 -23.90 -15.13 -15.13
C PHE A 431 -22.94 -15.56 -14.04
N ALA A 432 -22.46 -16.80 -14.14
CA ALA A 432 -21.45 -17.34 -13.26
C ALA A 432 -20.70 -18.44 -14.00
N THR A 433 -19.43 -18.60 -13.68
CA THR A 433 -18.55 -19.53 -14.38
C THR A 433 -18.02 -20.59 -13.44
N ASN A 434 -17.55 -21.69 -14.02
CA ASN A 434 -16.72 -22.65 -13.30
C ASN A 434 -15.92 -23.41 -14.36
N ILE A 435 -14.65 -23.05 -14.51
CA ILE A 435 -13.75 -23.66 -15.47
C ILE A 435 -12.71 -24.46 -14.69
N PRO A 436 -12.63 -25.78 -14.86
CA PRO A 436 -11.65 -26.57 -14.12
C PRO A 436 -10.24 -26.42 -14.72
N ASN A 437 -9.31 -27.18 -14.14
CA ASN A 437 -7.92 -27.19 -14.60
C ASN A 437 -7.73 -28.30 -15.61
N TYR A 438 -7.03 -27.97 -16.70
CA TYR A 438 -6.67 -28.93 -17.73
C TYR A 438 -5.16 -28.97 -17.86
N SER A 439 -4.64 -30.08 -18.33
CA SER A 439 -3.20 -30.23 -18.42
C SER A 439 -2.64 -29.25 -19.43
N PRO A 440 -1.62 -28.46 -19.07
CA PRO A 440 -0.96 -27.64 -20.10
C PRO A 440 -0.38 -28.47 -21.21
N LEU A 441 0.06 -29.69 -20.92
CA LEU A 441 0.65 -30.55 -21.96
C LEU A 441 -0.43 -31.10 -22.89
N GLU A 442 -1.57 -31.51 -22.34
CA GLU A 442 -2.68 -31.92 -23.20
C GLU A 442 -3.10 -30.78 -24.11
N VAL A 443 -3.19 -29.58 -23.55
CA VAL A 443 -3.57 -28.41 -24.34
C VAL A 443 -2.54 -28.14 -25.43
N ILE A 444 -1.25 -28.22 -25.09
CA ILE A 444 -0.22 -27.98 -26.09
C ILE A 444 -0.30 -29.00 -27.19
N ASP A 445 -0.49 -30.27 -26.83
CA ASP A 445 -0.58 -31.32 -27.83
C ASP A 445 -1.78 -31.11 -28.74
N ASN A 446 -2.91 -30.70 -28.17
CA ASN A 446 -4.08 -30.44 -29.00
C ASN A 446 -3.87 -29.25 -29.92
N LEU A 447 -3.17 -28.21 -29.43
CA LEU A 447 -2.85 -27.07 -30.28
C LEU A 447 -1.94 -27.47 -31.44
N MET A 448 -0.95 -28.31 -31.17
CA MET A 448 -0.11 -28.81 -32.26
C MET A 448 -0.89 -29.68 -33.22
N ARG A 449 -1.81 -30.50 -32.71
CA ARG A 449 -2.66 -31.30 -33.59
C ARG A 449 -3.48 -30.41 -34.51
N LEU A 450 -4.07 -29.35 -33.96
CA LEU A 450 -4.82 -28.42 -34.78
C LEU A 450 -3.92 -27.73 -35.80
N LEU A 451 -2.71 -27.36 -35.38
CA LEU A 451 -1.79 -26.69 -36.30
C LEU A 451 -1.46 -27.60 -37.48
N ARG A 452 -1.16 -28.87 -37.21
CA ARG A 452 -0.90 -29.82 -38.29
C ARG A 452 -2.12 -30.05 -39.16
N GLY A 453 -3.32 -29.69 -38.68
CA GLY A 453 -4.53 -29.93 -39.41
C GLY A 453 -5.31 -31.16 -38.97
N GLU A 454 -4.90 -31.80 -37.87
CA GLU A 454 -5.60 -32.98 -37.37
C GLU A 454 -6.84 -32.54 -36.58
N GLU A 455 -7.45 -33.50 -35.89
CA GLU A 455 -8.58 -33.23 -35.02
C GLU A 455 -8.09 -33.06 -33.59
N VAL A 456 -9.04 -32.84 -32.67
CA VAL A 456 -8.74 -32.60 -31.27
C VAL A 456 -9.20 -33.79 -30.46
N GLN A 457 -8.31 -34.32 -29.63
CA GLN A 457 -8.69 -35.38 -28.71
C GLN A 457 -9.46 -34.80 -27.53
N PRO A 458 -10.36 -35.57 -26.92
CA PRO A 458 -11.10 -35.06 -25.76
C PRO A 458 -10.16 -34.74 -24.61
N MET A 459 -10.54 -33.73 -23.82
CA MET A 459 -9.77 -33.28 -22.68
C MET A 459 -10.62 -33.38 -21.42
N LYS A 460 -10.07 -34.05 -20.41
CA LYS A 460 -10.68 -34.08 -19.09
C LYS A 460 -9.87 -33.25 -18.12
N PRO A 461 -10.49 -32.73 -17.06
CA PRO A 461 -9.74 -31.83 -16.16
C PRO A 461 -8.53 -32.53 -15.57
N TRP A 462 -7.46 -31.75 -15.39
CA TRP A 462 -6.20 -32.25 -14.86
C TRP A 462 -5.70 -31.27 -13.81
N TYR A 463 -5.32 -31.80 -12.65
CA TYR A 463 -4.79 -31.01 -11.55
C TYR A 463 -3.42 -31.57 -11.18
N PHE A 464 -2.44 -30.68 -11.03
CA PHE A 464 -1.09 -31.10 -10.73
C PHE A 464 -0.93 -31.36 -9.24
N GLY A 465 -0.24 -32.45 -8.91
CA GLY A 465 -0.09 -32.87 -7.54
C GLY A 465 -1.24 -33.71 -7.02
N PHE A 466 -2.14 -34.15 -7.89
CA PHE A 466 -3.30 -34.93 -7.49
C PHE A 466 -3.05 -36.39 -7.91
N ALA A 467 -2.95 -37.27 -6.92
CA ALA A 467 -2.70 -38.68 -7.17
C ALA A 467 -3.99 -39.47 -7.38
N GLY A 468 -5.15 -38.82 -7.26
CA GLY A 468 -6.42 -39.48 -7.52
C GLY A 468 -6.70 -39.60 -9.00
N THR A 469 -7.92 -40.02 -9.30
CA THR A 469 -8.37 -40.22 -10.67
C THR A 469 -9.62 -39.38 -10.93
N ILE A 470 -9.66 -38.74 -12.10
CA ILE A 470 -10.77 -37.89 -12.49
C ILE A 470 -11.47 -38.57 -13.66
N GLU A 471 -12.70 -39.01 -13.45
CA GLU A 471 -13.49 -39.72 -14.46
C GLU A 471 -14.72 -38.90 -14.81
N GLU A 472 -15.13 -38.96 -16.06
CA GLU A 472 -16.26 -38.18 -16.57
C GLU A 472 -17.54 -38.96 -16.29
N LYS A 473 -18.22 -38.60 -15.20
CA LYS A 473 -19.50 -39.23 -14.90
C LYS A 473 -20.53 -38.93 -15.98
N GLU A 474 -20.60 -37.68 -16.42
CA GLU A 474 -21.49 -37.26 -17.49
C GLU A 474 -20.80 -36.19 -18.32
N LYS A 475 -21.45 -35.78 -19.39
CA LYS A 475 -20.89 -34.72 -20.22
C LYS A 475 -20.78 -33.45 -19.41
N GLY A 476 -19.55 -33.03 -19.11
CA GLY A 476 -19.33 -31.86 -18.29
C GLY A 476 -19.51 -32.08 -16.81
N LYS A 477 -19.45 -33.32 -16.35
CA LYS A 477 -19.60 -33.61 -14.92
C LYS A 477 -18.61 -34.73 -14.59
N PHE A 478 -17.46 -34.37 -14.04
CA PHE A 478 -16.41 -35.31 -13.69
C PHE A 478 -16.39 -35.56 -12.19
N VAL A 479 -15.77 -36.67 -11.80
CA VAL A 479 -15.69 -37.05 -10.40
C VAL A 479 -14.22 -37.34 -10.08
N SER A 480 -13.67 -36.58 -9.16
CA SER A 480 -12.31 -36.79 -8.68
C SER A 480 -12.36 -37.55 -7.37
N THR A 481 -11.68 -38.69 -7.30
CA THR A 481 -11.73 -39.57 -6.15
C THR A 481 -10.36 -39.61 -5.48
N GLY A 482 -10.23 -38.90 -4.37
CA GLY A 482 -9.02 -38.95 -3.59
C GLY A 482 -8.70 -40.37 -3.16
N CYS A 483 -7.45 -40.79 -3.32
CA CYS A 483 -7.09 -42.19 -3.13
C CYS A 483 -6.91 -42.50 -1.65
N ALA A 484 -7.55 -43.56 -1.20
CA ALA A 484 -7.43 -44.05 0.17
C ALA A 484 -7.46 -45.57 0.15
N ASN A 485 -6.38 -46.19 0.60
CA ASN A 485 -6.24 -47.65 0.57
C ASN A 485 -6.48 -48.21 1.96
N VAL A 486 -7.30 -49.26 2.04
CA VAL A 486 -7.62 -49.89 3.32
C VAL A 486 -6.48 -50.83 3.69
N ARG A 487 -5.75 -50.49 4.75
CA ARG A 487 -4.64 -51.32 5.18
C ARG A 487 -5.17 -52.65 5.73
N PRO A 488 -4.36 -53.72 5.66
CA PRO A 488 -4.83 -55.03 6.13
C PRO A 488 -4.68 -55.22 7.64
N ASP A 489 -5.14 -54.23 8.41
CA ASP A 489 -5.10 -54.34 9.87
C ASP A 489 -6.33 -53.72 10.52
N GLY A 490 -7.43 -53.58 9.77
CA GLY A 490 -8.63 -52.95 10.28
C GLY A 490 -8.64 -51.45 10.23
N VAL A 491 -7.59 -50.83 9.68
CA VAL A 491 -7.51 -49.38 9.55
C VAL A 491 -7.44 -49.03 8.07
N VAL A 492 -7.87 -47.82 7.76
CA VAL A 492 -7.89 -47.30 6.39
C VAL A 492 -6.99 -46.08 6.33
N GLN A 493 -6.08 -46.05 5.37
CA GLN A 493 -5.14 -44.96 5.21
C GLN A 493 -5.57 -44.10 4.01
N ILE A 494 -5.86 -42.84 4.29
CA ILE A 494 -6.23 -41.87 3.26
C ILE A 494 -4.96 -41.11 2.87
N THR A 495 -4.61 -41.18 1.60
CA THR A 495 -3.38 -40.59 1.08
C THR A 495 -3.61 -39.36 0.22
N GLU A 496 -4.71 -39.29 -0.52
CA GLU A 496 -5.02 -38.11 -1.33
C GLU A 496 -6.50 -37.81 -1.21
N LEU A 497 -6.82 -36.55 -1.02
CA LEU A 497 -8.18 -36.07 -0.91
C LEU A 497 -8.68 -35.57 -2.25
N PRO A 498 -9.99 -35.59 -2.48
CA PRO A 498 -10.52 -35.12 -3.77
C PRO A 498 -10.33 -33.62 -3.94
N ILE A 499 -10.34 -33.21 -5.20
CA ILE A 499 -10.09 -31.81 -5.52
C ILE A 499 -11.11 -30.94 -4.81
N GLY A 500 -10.65 -29.85 -4.20
CA GLY A 500 -11.50 -28.94 -3.48
C GLY A 500 -11.71 -29.27 -2.02
N THR A 501 -11.14 -30.38 -1.53
CA THR A 501 -11.24 -30.76 -0.13
C THR A 501 -9.96 -30.41 0.60
N TRP A 502 -10.08 -29.64 1.67
CA TRP A 502 -8.95 -29.10 2.40
C TRP A 502 -8.70 -29.91 3.67
N THR A 503 -7.43 -30.04 4.04
CA THR A 503 -7.06 -30.93 5.13
C THR A 503 -7.76 -30.56 6.43
N GLN A 504 -7.86 -29.26 6.73
CA GLN A 504 -8.57 -28.85 7.94
C GLN A 504 -10.05 -29.16 7.83
N GLY A 505 -10.64 -28.96 6.66
CA GLY A 505 -12.03 -29.33 6.46
C GLY A 505 -12.25 -30.81 6.66
N TYR A 506 -11.31 -31.64 6.19
CA TYR A 506 -11.43 -33.07 6.38
C TYR A 506 -11.24 -33.46 7.84
N LYS A 507 -10.34 -32.77 8.54
CA LYS A 507 -10.20 -33.01 9.98
C LYS A 507 -11.51 -32.70 10.69
N LYS A 508 -12.14 -31.59 10.34
CA LYS A 508 -13.44 -31.25 10.92
C LYS A 508 -14.49 -32.31 10.59
N PHE A 509 -14.50 -32.78 9.35
CA PHE A 509 -15.46 -33.81 8.95
C PHE A 509 -15.22 -35.10 9.73
N LEU A 510 -13.97 -35.49 9.91
CA LEU A 510 -13.66 -36.70 10.65
C LEU A 510 -14.02 -36.56 12.12
N GLU A 511 -13.77 -35.39 12.71
CA GLU A 511 -14.19 -35.16 14.10
C GLU A 511 -15.70 -35.24 14.24
N GLU A 512 -16.42 -34.62 13.31
CA GLU A 512 -17.88 -34.68 13.35
C GLU A 512 -18.38 -36.10 13.19
N LEU A 513 -17.77 -36.86 12.29
CA LEU A 513 -18.17 -38.24 12.07
C LEU A 513 -17.89 -39.10 13.29
N ARG A 514 -16.75 -38.86 13.95
CA ARG A 514 -16.45 -39.58 15.19
C ARG A 514 -17.44 -39.22 16.29
N GLU A 515 -17.85 -37.95 16.34
CA GLU A 515 -18.86 -37.55 17.32
C GLU A 515 -20.14 -38.36 17.16
N LYS A 516 -20.40 -38.86 15.96
CA LYS A 516 -21.53 -39.73 15.70
C LYS A 516 -21.19 -41.21 15.92
N GLU A 517 -19.98 -41.52 16.39
CA GLU A 517 -19.55 -42.88 16.66
C GLU A 517 -19.59 -43.73 15.39
N VAL A 518 -18.78 -43.30 14.41
CA VAL A 518 -18.66 -44.01 13.14
C VAL A 518 -17.21 -44.46 12.96
N VAL A 519 -16.27 -43.73 13.54
CA VAL A 519 -14.85 -44.08 13.51
C VAL A 519 -14.32 -44.08 14.93
N VAL A 520 -13.71 -45.19 15.33
CA VAL A 520 -13.20 -45.32 16.69
C VAL A 520 -12.11 -44.29 16.95
N GLN A 521 -11.20 -44.11 16.01
CA GLN A 521 -10.06 -43.22 16.21
C GLN A 521 -9.52 -42.79 14.85
N TYR A 522 -8.73 -41.73 14.86
CA TYR A 522 -8.03 -41.32 13.65
C TYR A 522 -6.79 -40.52 14.03
N ARG A 523 -5.73 -40.68 13.24
CA ARG A 523 -4.48 -39.98 13.45
C ARG A 523 -4.07 -39.28 12.16
N GLU A 524 -3.56 -38.06 12.29
CA GLU A 524 -3.21 -37.24 11.14
C GLU A 524 -1.72 -36.99 11.13
N HIS A 525 -1.10 -37.18 9.96
CA HIS A 525 0.31 -36.89 9.72
C HIS A 525 0.46 -35.99 8.50
N ASN A 526 -0.35 -34.94 8.46
CA ASN A 526 -0.52 -34.13 7.26
C ASN A 526 0.51 -33.01 7.22
N THR A 527 1.36 -33.04 6.19
CA THR A 527 2.23 -31.91 5.89
C THR A 527 1.43 -30.87 5.10
N ASP A 528 1.96 -29.65 5.03
CA ASP A 528 1.28 -28.57 4.33
C ASP A 528 1.16 -28.83 2.83
N VAL A 529 1.74 -29.92 2.35
CA VAL A 529 1.70 -30.26 0.93
C VAL A 529 1.12 -31.64 0.65
N THR A 530 1.17 -32.58 1.59
CA THR A 530 0.68 -33.93 1.38
C THR A 530 -0.26 -34.31 2.51
N VAL A 531 -1.18 -35.21 2.20
CA VAL A 531 -2.23 -35.62 3.13
C VAL A 531 -1.98 -37.06 3.54
N ASP A 532 -2.16 -37.35 4.84
CA ASP A 532 -2.01 -38.70 5.35
C ASP A 532 -2.88 -38.83 6.60
N PHE A 533 -4.05 -39.44 6.45
CA PHE A 533 -4.91 -39.77 7.57
C PHE A 533 -4.89 -41.28 7.77
N GLU A 534 -5.05 -41.71 9.01
CA GLU A 534 -5.19 -43.12 9.35
C GLU A 534 -6.40 -43.26 10.25
N VAL A 535 -7.48 -43.84 9.72
CA VAL A 535 -8.77 -43.91 10.39
C VAL A 535 -9.02 -45.36 10.78
N PHE A 536 -9.23 -45.60 12.07
CA PHE A 536 -9.63 -46.90 12.59
C PHE A 536 -11.10 -46.84 12.96
N LEU A 537 -11.90 -47.72 12.37
CA LEU A 537 -13.33 -47.82 12.62
C LEU A 537 -13.65 -49.19 13.19
N HIS A 538 -14.92 -49.39 13.54
CA HIS A 538 -15.34 -50.69 14.04
C HIS A 538 -15.16 -51.75 12.95
N PRO A 539 -14.65 -52.94 13.29
CA PRO A 539 -14.44 -53.94 12.25
C PRO A 539 -15.71 -54.29 11.48
N GLU A 540 -16.85 -54.34 12.17
CA GLU A 540 -18.10 -54.64 11.48
C GLU A 540 -18.43 -53.56 10.45
N VAL A 541 -18.27 -52.29 10.82
CA VAL A 541 -18.57 -51.20 9.90
C VAL A 541 -17.64 -51.26 8.70
N LEU A 542 -16.35 -51.50 8.93
CA LEU A 542 -15.41 -51.58 7.82
C LEU A 542 -15.73 -52.74 6.90
N HIS A 543 -16.08 -53.90 7.47
CA HIS A 543 -16.45 -55.05 6.65
C HIS A 543 -17.69 -54.77 5.83
N HIS A 544 -18.70 -54.14 6.44
CA HIS A 544 -19.92 -53.82 5.70
C HIS A 544 -19.63 -52.84 4.57
N TRP A 545 -18.80 -51.83 4.82
CA TRP A 545 -18.45 -50.87 3.77
C TRP A 545 -17.69 -51.55 2.65
N VAL A 546 -16.74 -52.43 3.00
CA VAL A 546 -15.97 -53.13 1.96
C VAL A 546 -16.90 -54.00 1.11
N ALA A 547 -17.83 -54.71 1.75
CA ALA A 547 -18.77 -55.52 1.00
C ALA A 547 -19.64 -54.67 0.10
N GLN A 548 -20.15 -53.55 0.61
CA GLN A 548 -21.00 -52.66 -0.17
C GLN A 548 -20.21 -51.76 -1.10
N GLY A 549 -18.89 -51.69 -0.96
CA GLY A 549 -18.07 -50.89 -1.84
C GLY A 549 -18.19 -49.40 -1.62
N CYS A 550 -18.77 -48.96 -0.51
CA CYS A 550 -18.98 -47.55 -0.23
C CYS A 550 -17.91 -46.98 0.69
N VAL A 551 -16.70 -47.52 0.65
CA VAL A 551 -15.63 -47.03 1.53
C VAL A 551 -15.32 -45.58 1.21
N GLU A 552 -15.10 -45.27 -0.06
CA GLU A 552 -14.84 -43.90 -0.47
C GLU A 552 -16.10 -43.06 -0.48
N GLU A 553 -17.26 -43.68 -0.73
CA GLU A 553 -18.52 -42.93 -0.72
C GLU A 553 -18.83 -42.39 0.66
N ARG A 554 -18.62 -43.21 1.70
CA ARG A 554 -18.95 -42.81 3.06
C ARG A 554 -17.87 -41.94 3.70
N LEU A 555 -16.66 -41.90 3.13
CA LEU A 555 -15.57 -41.11 3.67
C LEU A 555 -15.38 -39.79 2.92
N GLN A 556 -16.34 -39.41 2.08
CA GLN A 556 -16.28 -38.13 1.37
C GLN A 556 -15.03 -38.03 0.50
N LEU A 557 -14.63 -39.15 -0.10
CA LEU A 557 -13.47 -39.19 -0.96
C LEU A 557 -13.82 -39.01 -2.43
N ARG A 558 -15.08 -38.69 -2.73
CA ARG A 558 -15.50 -38.37 -4.09
C ARG A 558 -16.18 -37.01 -4.06
N GLU A 559 -15.67 -36.07 -4.86
CA GLU A 559 -16.28 -34.76 -5.03
C GLU A 559 -16.46 -34.49 -6.52
N TYR A 560 -17.38 -33.59 -6.82
CA TYR A 560 -17.74 -33.29 -8.20
C TYR A 560 -16.86 -32.18 -8.77
N ILE A 561 -16.65 -32.25 -10.08
CA ILE A 561 -16.04 -31.16 -10.84
C ILE A 561 -16.98 -30.85 -11.99
N HIS A 562 -17.52 -29.63 -12.00
CA HIS A 562 -18.56 -29.25 -12.94
C HIS A 562 -17.94 -28.42 -14.05
N ALA A 563 -17.97 -28.96 -15.27
CA ALA A 563 -17.55 -28.25 -16.47
C ALA A 563 -18.74 -27.90 -17.36
N THR A 564 -19.92 -27.77 -16.76
CA THR A 564 -21.15 -27.49 -17.49
C THR A 564 -21.50 -26.01 -17.52
N ASN A 565 -20.67 -25.14 -16.97
CA ASN A 565 -20.94 -23.71 -16.94
C ASN A 565 -19.69 -22.92 -17.32
N ILE A 566 -19.06 -23.32 -18.43
CA ILE A 566 -17.86 -22.62 -18.88
C ILE A 566 -18.30 -21.34 -19.57
N ILE A 567 -18.41 -20.26 -18.79
CA ILE A 567 -18.85 -18.97 -19.27
C ILE A 567 -17.64 -18.04 -19.27
N ALA A 568 -17.42 -17.36 -20.39
CA ALA A 568 -16.26 -16.49 -20.53
C ALA A 568 -16.60 -15.32 -21.44
N PHE A 569 -15.62 -14.48 -21.70
CA PHE A 569 -15.74 -13.35 -22.62
C PHE A 569 -14.96 -13.69 -23.88
N ASP A 570 -15.63 -13.66 -25.03
CA ASP A 570 -14.92 -13.84 -26.28
C ASP A 570 -14.18 -12.55 -26.62
N ARG A 571 -13.41 -12.58 -27.71
CA ARG A 571 -12.58 -11.42 -28.05
C ARG A 571 -13.43 -10.18 -28.27
N GLU A 572 -14.69 -10.33 -28.67
CA GLU A 572 -15.55 -9.19 -28.93
C GLU A 572 -16.15 -8.61 -27.66
N GLY A 573 -16.00 -9.28 -26.52
CA GLY A 573 -16.47 -8.76 -25.26
C GLY A 573 -17.82 -9.27 -24.80
N GLN A 574 -18.42 -10.21 -25.54
CA GLN A 574 -19.73 -10.75 -25.18
C GLN A 574 -19.57 -11.98 -24.30
N ILE A 575 -20.41 -12.09 -23.28
CA ILE A 575 -20.40 -13.26 -22.42
C ILE A 575 -20.99 -14.43 -23.18
N THR A 576 -20.19 -15.47 -23.38
CA THR A 576 -20.60 -16.66 -24.11
C THR A 576 -20.39 -17.89 -23.25
N LYS A 577 -21.10 -18.95 -23.60
CA LYS A 577 -21.00 -20.24 -22.93
C LYS A 577 -20.41 -21.26 -23.89
N TYR A 578 -19.55 -22.14 -23.37
CA TYR A 578 -18.84 -23.13 -24.16
C TYR A 578 -19.21 -24.53 -23.70
N ARG A 579 -19.45 -25.42 -24.65
CA ARG A 579 -19.91 -26.77 -24.31
C ARG A 579 -18.87 -27.51 -23.47
N ASP A 580 -17.60 -27.41 -23.84
CA ASP A 580 -16.53 -28.03 -23.07
C ASP A 580 -15.21 -27.38 -23.49
N ALA A 581 -14.09 -27.98 -23.04
CA ALA A 581 -12.78 -27.42 -23.33
C ALA A 581 -12.47 -27.39 -24.81
N GLU A 582 -13.14 -28.22 -25.61
CA GLU A 582 -12.85 -28.24 -27.05
C GLU A 582 -13.32 -26.98 -27.74
N ALA A 583 -14.51 -26.47 -27.37
CA ALA A 583 -14.97 -25.22 -27.96
C ALA A 583 -14.06 -24.07 -27.58
N VAL A 584 -13.62 -24.03 -26.32
CA VAL A 584 -12.69 -23.00 -25.89
C VAL A 584 -11.39 -23.10 -26.68
N LEU A 585 -10.88 -24.33 -26.84
CA LEU A 585 -9.65 -24.52 -27.58
C LEU A 585 -9.78 -24.07 -29.03
N LYS A 586 -10.91 -24.38 -29.67
CA LYS A 586 -11.07 -24.01 -31.08
C LYS A 586 -11.18 -22.49 -31.24
N GLU A 587 -11.98 -21.84 -30.40
CA GLU A 587 -12.10 -20.39 -30.49
C GLU A 587 -10.75 -19.72 -30.24
N PHE A 588 -10.03 -20.18 -29.21
CA PHE A 588 -8.71 -19.63 -28.94
C PHE A 588 -7.77 -19.88 -30.11
N TYR A 589 -7.88 -21.05 -30.74
CA TYR A 589 -7.00 -21.35 -31.87
C TYR A 589 -7.22 -20.36 -33.00
N LEU A 590 -8.48 -20.07 -33.32
CA LEU A 590 -8.76 -19.11 -34.39
C LEU A 590 -8.22 -17.73 -34.04
N VAL A 591 -8.55 -17.24 -32.84
CA VAL A 591 -8.09 -15.90 -32.46
C VAL A 591 -6.57 -15.83 -32.43
N ARG A 592 -5.93 -16.89 -31.95
CA ARG A 592 -4.48 -16.89 -31.83
C ARG A 592 -3.79 -16.99 -33.18
N LEU A 593 -4.38 -17.71 -34.14
CA LEU A 593 -3.81 -17.71 -35.47
C LEU A 593 -3.89 -16.31 -36.08
N GLU A 594 -5.03 -15.64 -35.90
CA GLU A 594 -5.12 -14.26 -36.40
C GLU A 594 -4.06 -13.38 -35.76
N TYR A 595 -3.86 -13.53 -34.44
CA TYR A 595 -2.92 -12.65 -33.76
C TYR A 595 -1.47 -13.02 -34.08
N TYR A 596 -1.19 -14.28 -34.41
CA TYR A 596 0.15 -14.62 -34.88
C TYR A 596 0.41 -14.03 -36.25
N ALA A 597 -0.61 -13.99 -37.11
CA ALA A 597 -0.46 -13.26 -38.36
C ALA A 597 -0.17 -11.79 -38.10
N LYS A 598 -0.89 -11.19 -37.16
CA LYS A 598 -0.64 -9.78 -36.81
C LYS A 598 0.79 -9.59 -36.30
N ARG A 599 1.26 -10.50 -35.44
CA ARG A 599 2.60 -10.39 -34.88
C ARG A 599 3.66 -10.54 -35.95
N ARG A 600 3.49 -11.50 -36.86
CA ARG A 600 4.45 -11.65 -37.95
C ARG A 600 4.48 -10.40 -38.82
N ASP A 601 3.31 -9.82 -39.12
CA ASP A 601 3.29 -8.61 -39.91
C ASP A 601 3.97 -7.46 -39.20
N PHE A 602 3.73 -7.31 -37.90
CA PHE A 602 4.37 -6.23 -37.14
C PHE A 602 5.88 -6.42 -37.11
N LEU A 603 6.34 -7.64 -36.87
CA LEU A 603 7.78 -7.90 -36.84
C LEU A 603 8.41 -7.64 -38.20
N ILE A 604 7.74 -8.05 -39.27
CA ILE A 604 8.25 -7.81 -40.61
C ILE A 604 8.38 -6.31 -40.87
N GLY A 605 7.35 -5.54 -40.50
CA GLY A 605 7.42 -4.11 -40.69
C GLY A 605 8.54 -3.46 -39.88
N ASP A 606 8.67 -3.86 -38.61
CA ASP A 606 9.72 -3.29 -37.77
C ASP A 606 11.10 -3.63 -38.32
N LEU A 607 11.31 -4.87 -38.75
CA LEU A 607 12.59 -5.26 -39.32
C LEU A 607 12.88 -4.52 -40.60
N ARG A 608 11.86 -4.32 -41.44
CA ARG A 608 12.07 -3.57 -42.68
C ARG A 608 12.46 -2.14 -42.39
N SER A 609 11.78 -1.50 -41.43
CA SER A 609 12.13 -0.13 -41.07
C SER A 609 13.54 -0.07 -40.50
N VAL A 610 13.92 -1.04 -39.66
CA VAL A 610 15.25 -1.05 -39.09
C VAL A 610 16.31 -1.22 -40.17
N ALA A 611 16.06 -2.12 -41.13
CA ALA A 611 17.00 -2.33 -42.21
C ALA A 611 17.16 -1.07 -43.06
N SER A 612 16.05 -0.39 -43.36
CA SER A 612 16.14 0.86 -44.10
C SER A 612 16.90 1.91 -43.31
N LYS A 613 16.63 2.01 -42.01
CA LYS A 613 17.33 2.98 -41.17
C LYS A 613 18.83 2.72 -41.18
N LEU A 614 19.23 1.47 -41.00
CA LEU A 614 20.65 1.16 -40.95
C LEU A 614 21.31 1.30 -42.32
N GLU A 615 20.56 1.05 -43.40
CA GLU A 615 21.09 1.31 -44.73
C GLU A 615 21.39 2.79 -44.91
N ASN A 616 20.46 3.64 -44.49
CA ASN A 616 20.70 5.08 -44.57
C ASN A 616 21.87 5.49 -43.68
N MET A 617 21.97 4.90 -42.49
CA MET A 617 23.08 5.23 -41.59
C MET A 617 24.42 4.84 -42.22
N VAL A 618 24.48 3.67 -42.83
CA VAL A 618 25.74 3.24 -43.46
C VAL A 618 26.07 4.16 -44.63
N ARG A 619 25.07 4.53 -45.43
CA ARG A 619 25.33 5.45 -46.53
C ARG A 619 25.84 6.80 -46.02
N PHE A 620 25.23 7.32 -44.96
CA PHE A 620 25.67 8.60 -44.41
C PHE A 620 27.08 8.51 -43.87
N VAL A 621 27.40 7.44 -43.15
CA VAL A 621 28.74 7.32 -42.58
C VAL A 621 29.77 7.17 -43.69
N THR A 622 29.44 6.45 -44.75
CA THR A 622 30.38 6.31 -45.87
C THR A 622 30.56 7.64 -46.60
N GLU A 623 29.48 8.40 -46.79
CA GLU A 623 29.59 9.68 -47.47
C GLU A 623 30.25 10.74 -46.60
N VAL A 624 30.27 10.54 -45.29
CA VAL A 624 30.98 11.45 -44.40
C VAL A 624 32.46 11.12 -44.36
N VAL A 625 32.79 9.85 -44.10
CA VAL A 625 34.19 9.45 -44.03
C VAL A 625 34.87 9.64 -45.38
N ASP A 626 34.19 9.24 -46.47
CA ASP A 626 34.79 9.35 -47.79
C ASP A 626 35.01 10.80 -48.22
N GLY A 627 34.38 11.76 -47.55
CA GLY A 627 34.53 13.15 -47.88
C GLY A 627 33.54 13.67 -48.89
N ARG A 628 32.70 12.81 -49.47
CA ARG A 628 31.69 13.29 -50.41
C ARG A 628 30.73 14.25 -49.72
N LEU A 629 30.30 13.92 -48.50
CA LEU A 629 29.48 14.79 -47.67
C LEU A 629 30.29 15.26 -46.49
N ILE A 630 30.33 16.57 -46.29
CA ILE A 630 31.09 17.18 -45.21
C ILE A 630 30.14 17.90 -44.27
N VAL A 631 30.39 17.75 -42.96
CA VAL A 631 29.55 18.35 -41.94
C VAL A 631 30.26 19.43 -41.14
N THR A 632 31.59 19.44 -41.09
CA THR A 632 32.31 20.40 -40.26
C THR A 632 31.97 21.82 -40.67
N ARG A 633 31.60 22.64 -39.69
CA ARG A 633 31.29 24.05 -39.90
C ARG A 633 30.29 24.22 -41.05
N ARG A 634 29.10 23.67 -40.85
CA ARG A 634 28.00 23.78 -41.80
C ARG A 634 26.77 24.32 -41.09
N ARG A 635 26.14 25.32 -41.67
CA ARG A 635 24.91 25.86 -41.10
C ARG A 635 23.84 24.77 -41.06
N LYS A 636 23.01 24.79 -40.03
CA LYS A 636 22.04 23.72 -39.84
C LYS A 636 21.09 23.64 -41.03
N LYS A 637 20.59 24.78 -41.49
CA LYS A 637 19.65 24.76 -42.61
C LYS A 637 20.30 24.21 -43.87
N GLU A 638 21.53 24.68 -44.16
CA GLU A 638 22.21 24.22 -45.38
C GLU A 638 22.48 22.72 -45.33
N LEU A 639 22.95 22.22 -44.19
CA LEU A 639 23.27 20.81 -44.08
C LEU A 639 22.02 19.95 -44.22
N LEU A 640 20.93 20.34 -43.57
CA LEU A 640 19.69 19.58 -43.69
C LEU A 640 19.15 19.63 -45.11
N GLU A 641 19.26 20.79 -45.77
CA GLU A 641 18.83 20.88 -47.16
C GLU A 641 19.65 19.96 -48.04
N GLU A 642 20.97 19.91 -47.82
CA GLU A 642 21.80 18.99 -48.60
C GLU A 642 21.41 17.55 -48.34
N LEU A 643 21.18 17.20 -47.08
CA LEU A 643 20.80 15.82 -46.77
C LEU A 643 19.48 15.46 -47.46
N ARG A 644 18.52 16.38 -47.45
CA ARG A 644 17.25 16.12 -48.13
C ARG A 644 17.47 15.96 -49.63
N GLN A 645 18.28 16.83 -50.24
CA GLN A 645 18.55 16.73 -51.67
C GLN A 645 19.29 15.44 -52.02
N ARG A 646 19.99 14.85 -51.06
CA ARG A 646 20.67 13.58 -51.29
C ARG A 646 19.75 12.38 -51.17
N GLY A 647 18.48 12.59 -50.79
CA GLY A 647 17.52 11.52 -50.76
C GLY A 647 17.50 10.69 -49.50
N TYR A 648 18.09 11.16 -48.41
CA TYR A 648 18.08 10.41 -47.17
C TYR A 648 16.67 10.36 -46.60
N ALA A 649 16.28 9.19 -46.11
CA ALA A 649 14.90 8.98 -45.67
C ALA A 649 14.72 9.44 -44.24
N PRO A 650 13.74 10.30 -43.95
CA PRO A 650 13.52 10.72 -42.57
C PRO A 650 13.06 9.58 -41.69
N PHE A 651 13.39 9.67 -40.40
CA PHE A 651 13.00 8.65 -39.42
C PHE A 651 12.83 9.31 -38.06
N PRO A 652 11.82 10.17 -37.91
CA PRO A 652 11.51 10.80 -36.62
C PRO A 652 11.44 9.80 -35.48
N GLU A 704 8.73 23.45 -39.59
CA GLU A 704 9.73 23.84 -40.57
C GLU A 704 11.12 23.38 -40.13
N MET A 705 11.79 24.20 -39.31
CA MET A 705 13.11 23.83 -38.81
C MET A 705 13.03 22.61 -37.91
N ARG A 706 12.02 22.56 -37.04
CA ARG A 706 11.89 21.43 -36.12
C ARG A 706 11.67 20.13 -36.87
N ARG A 707 10.83 20.16 -37.91
CA ARG A 707 10.56 18.94 -38.67
C ARG A 707 11.83 18.41 -39.32
N ALA A 708 12.63 19.30 -39.92
CA ALA A 708 13.87 18.87 -40.54
C ALA A 708 14.87 18.38 -39.51
N ALA A 709 14.92 19.03 -38.34
CA ALA A 709 15.84 18.60 -37.29
C ALA A 709 15.48 17.22 -36.78
N ARG A 710 14.19 16.95 -36.59
CA ARG A 710 13.77 15.67 -36.05
C ARG A 710 13.90 14.55 -37.07
N ASP A 711 13.75 14.86 -38.36
CA ASP A 711 13.84 13.83 -39.39
C ASP A 711 15.22 13.21 -39.44
N TYR A 712 16.27 14.03 -39.37
CA TYR A 712 17.65 13.57 -39.47
C TYR A 712 18.35 13.62 -38.12
N ASP A 713 17.59 13.48 -37.03
CA ASP A 713 18.22 13.35 -35.72
C ASP A 713 18.96 12.02 -35.58
N TYR A 714 18.63 11.04 -36.41
CA TYR A 714 19.31 9.75 -36.38
C TYR A 714 20.56 9.72 -37.24
N LEU A 715 20.71 10.68 -38.16
CA LEU A 715 21.91 10.75 -38.99
C LEU A 715 22.96 11.66 -38.39
N LEU A 716 22.55 12.83 -37.90
CA LEU A 716 23.46 13.76 -37.25
C LEU A 716 23.46 13.60 -35.73
N GLY A 717 22.69 12.67 -35.19
CA GLY A 717 22.67 12.42 -33.77
C GLY A 717 23.47 11.19 -33.37
N MET A 718 24.32 10.71 -34.27
CA MET A 718 25.14 9.53 -34.01
C MET A 718 26.51 9.96 -33.55
N ARG A 719 26.95 9.39 -32.43
CA ARG A 719 28.19 9.83 -31.79
C ARG A 719 29.36 9.71 -32.76
N LEU A 720 30.44 10.42 -32.42
CA LEU A 720 31.64 10.38 -33.25
C LEU A 720 32.34 9.04 -33.20
N TRP A 721 31.94 8.15 -32.28
CA TRP A 721 32.49 6.80 -32.27
C TRP A 721 32.24 6.11 -33.61
N ASN A 722 31.08 6.36 -34.21
CA ASN A 722 30.69 5.66 -35.43
C ASN A 722 31.59 6.01 -36.61
N LEU A 723 32.36 7.08 -36.54
CA LEU A 723 33.28 7.44 -37.62
C LEU A 723 34.67 6.83 -37.40
N THR A 724 34.69 5.53 -37.15
CA THR A 724 35.93 4.79 -36.93
C THR A 724 35.85 3.48 -37.68
N ALA A 725 37.01 2.91 -37.99
CA ALA A 725 37.06 1.69 -38.78
C ALA A 725 36.28 0.57 -38.10
N GLU A 726 36.56 0.34 -36.82
CA GLU A 726 35.90 -0.74 -36.09
C GLU A 726 34.40 -0.51 -36.03
N MET A 727 33.98 0.71 -35.72
CA MET A 727 32.55 0.99 -35.57
C MET A 727 31.85 1.00 -36.92
N ILE A 728 32.52 1.46 -37.98
CA ILE A 728 31.94 1.38 -39.31
C ILE A 728 31.71 -0.08 -39.70
N ALA A 729 32.69 -0.93 -39.45
CA ALA A 729 32.53 -2.36 -39.74
C ALA A 729 31.40 -2.95 -38.91
N ARG A 730 31.31 -2.57 -37.64
CA ARG A 730 30.22 -3.09 -36.80
C ARG A 730 28.87 -2.63 -37.32
N LEU A 731 28.76 -1.39 -37.78
CA LEU A 731 27.50 -0.91 -38.33
C LEU A 731 27.12 -1.67 -39.60
N GLN A 732 28.11 -1.92 -40.47
CA GLN A 732 27.82 -2.69 -41.67
C GLN A 732 27.35 -4.10 -41.32
N SER A 733 28.02 -4.73 -40.34
CA SER A 733 27.60 -6.04 -39.88
C SER A 733 26.18 -5.99 -39.32
N GLN A 734 25.84 -4.92 -38.60
CA GLN A 734 24.50 -4.79 -38.06
C GLN A 734 23.47 -4.69 -39.18
N LEU A 735 23.78 -3.91 -40.22
CA LEU A 735 22.85 -3.81 -41.34
C LEU A 735 22.66 -5.16 -42.01
N GLN A 736 23.74 -5.89 -42.23
CA GLN A 736 23.62 -7.19 -42.89
C GLN A 736 22.86 -8.18 -42.01
N LYS A 737 23.09 -8.13 -40.70
CA LYS A 737 22.34 -9.01 -39.80
C LYS A 737 20.85 -8.69 -39.82
N ALA A 738 20.51 -7.39 -39.83
CA ALA A 738 19.10 -7.01 -39.91
C ALA A 738 18.48 -7.50 -41.20
N ARG A 739 19.19 -7.32 -42.32
CA ARG A 739 18.66 -7.79 -43.60
C ARG A 739 18.47 -9.29 -43.61
N ASP A 740 19.45 -10.04 -43.09
CA ASP A 740 19.33 -11.49 -43.05
C ASP A 740 18.17 -11.93 -42.17
N GLU A 741 17.99 -11.28 -41.03
CA GLU A 741 16.88 -11.64 -40.14
C GLU A 741 15.54 -11.33 -40.80
N LEU A 742 15.45 -10.21 -41.51
CA LEU A 742 14.21 -9.92 -42.24
C LEU A 742 13.95 -10.97 -43.31
N ALA A 743 14.99 -11.36 -44.05
CA ALA A 743 14.81 -12.38 -45.07
C ALA A 743 14.35 -13.69 -44.46
N ALA A 744 14.94 -14.08 -43.33
CA ALA A 744 14.53 -15.32 -42.67
C ALA A 744 13.09 -15.23 -42.19
N LEU A 745 12.69 -14.09 -41.64
CA LEU A 745 11.33 -13.94 -41.14
C LEU A 745 10.32 -13.93 -42.28
N GLU A 746 10.71 -13.45 -43.46
CA GLU A 746 9.79 -13.41 -44.59
C GLU A 746 9.44 -14.80 -45.11
N LYS A 747 10.21 -15.82 -44.73
CA LYS A 747 9.97 -17.18 -45.18
C LYS A 747 9.26 -18.02 -44.14
N ARG A 748 8.77 -17.42 -43.06
CA ARG A 748 8.11 -18.13 -41.98
C ARG A 748 6.66 -17.68 -41.91
N THR A 749 5.75 -18.66 -41.84
CA THR A 749 4.33 -18.38 -41.73
C THR A 749 3.91 -18.32 -40.27
N PRO A 750 2.74 -17.73 -39.98
CA PRO A 750 2.29 -17.68 -38.58
C PRO A 750 2.20 -19.05 -37.92
N LYS A 751 1.84 -20.09 -38.67
CA LYS A 751 1.81 -21.43 -38.10
C LYS A 751 3.19 -21.86 -37.64
N ASP A 752 4.23 -21.52 -38.41
CA ASP A 752 5.60 -21.86 -38.03
C ASP A 752 6.00 -21.14 -36.75
N LEU A 753 5.65 -19.85 -36.63
CA LEU A 753 5.97 -19.12 -35.41
C LEU A 753 5.26 -19.72 -34.21
N TRP A 754 3.98 -20.07 -34.37
CA TRP A 754 3.25 -20.67 -33.28
C TRP A 754 3.83 -22.03 -32.90
N ALA A 755 4.21 -22.84 -33.88
CA ALA A 755 4.80 -24.13 -33.58
C ALA A 755 6.12 -23.96 -32.85
N GLU A 756 6.93 -22.98 -33.25
CA GLU A 756 8.18 -22.72 -32.55
C GLU A 756 7.92 -22.31 -31.12
N ASP A 757 6.93 -21.44 -30.88
CA ASP A 757 6.62 -21.03 -29.52
C ASP A 757 6.14 -22.22 -28.69
N LEU A 758 5.29 -23.07 -29.27
CA LEU A 758 4.79 -24.22 -28.53
C LEU A 758 5.91 -25.21 -28.20
N ASN A 759 6.84 -25.42 -29.14
CA ASN A 759 7.94 -26.33 -28.90
C ASN A 759 8.95 -25.76 -27.92
N GLN A 760 9.04 -24.43 -27.84
CA GLN A 760 9.88 -23.81 -26.83
C GLN A 760 9.22 -23.84 -25.46
N LEU A 761 7.90 -23.84 -25.42
CA LEU A 761 7.17 -23.80 -24.15
C LEU A 761 7.00 -25.18 -23.54
N ARG A 762 6.82 -26.21 -24.36
CA ARG A 762 6.49 -27.52 -23.82
C ARG A 762 7.59 -28.08 -22.91
N PRO A 763 8.85 -28.14 -23.32
CA PRO A 763 9.88 -28.65 -22.41
C PRO A 763 9.98 -27.86 -21.12
N ARG A 764 9.74 -26.56 -21.17
CA ARG A 764 9.78 -25.75 -19.95
C ARG A 764 8.66 -26.14 -18.99
N ILE A 765 7.47 -26.42 -19.52
CA ILE A 765 6.38 -26.89 -18.67
C ILE A 765 6.72 -28.25 -18.08
N GLU A 766 7.29 -29.14 -18.89
CA GLU A 766 7.68 -30.46 -18.37
C GLU A 766 8.70 -30.32 -17.25
N ASN A 767 9.71 -29.46 -17.44
CA ASN A 767 10.72 -29.26 -16.42
C ASN A 767 10.13 -28.62 -15.17
N LEU A 768 9.19 -27.69 -15.34
CA LEU A 768 8.53 -27.07 -14.19
C LEU A 768 7.80 -28.12 -13.37
N PHE A 769 7.04 -28.99 -14.05
CA PHE A 769 6.31 -30.03 -13.33
C PHE A 769 7.26 -30.99 -12.65
N GLU A 770 8.36 -31.36 -13.33
CA GLU A 770 9.32 -32.27 -12.70
C GLU A 770 9.96 -31.64 -11.47
N GLU A 771 10.34 -30.37 -11.57
CA GLU A 771 10.96 -29.69 -10.43
C GLU A 771 10.00 -29.58 -9.26
N ARG A 772 8.74 -29.23 -9.54
CA ARG A 772 7.75 -29.13 -8.46
C ARG A 772 7.49 -30.49 -7.85
N ALA A 773 7.47 -31.55 -8.67
CA ALA A 773 7.28 -32.89 -8.13
C ALA A 773 8.44 -33.28 -7.22
N LYS A 774 9.67 -32.97 -7.63
CA LYS A 774 10.83 -33.25 -6.78
C LYS A 774 10.75 -32.47 -5.48
N GLU A 775 10.37 -31.18 -5.55
CA GLU A 775 10.24 -30.39 -4.34
C GLU A 775 9.20 -30.97 -3.40
N ILE A 776 8.06 -31.39 -3.94
CA ILE A 776 7.01 -31.98 -3.10
C ILE A 776 7.52 -33.28 -2.47
N ALA A 777 8.18 -34.13 -3.27
CA ALA A 777 8.68 -35.40 -2.74
C ALA A 777 9.74 -35.19 -1.67
N SER A 778 10.49 -34.10 -1.76
CA SER A 778 11.52 -33.80 -0.76
C SER A 778 10.87 -33.43 0.57
N LEU B 10 -10.47 -24.56 31.05
CA LEU B 10 -10.11 -23.17 31.32
C LEU B 10 -11.08 -22.23 30.61
N GLY B 11 -11.37 -22.51 29.35
CA GLY B 11 -12.26 -21.68 28.58
C GLY B 11 -11.63 -20.44 27.99
N ILE B 12 -10.31 -20.35 27.97
CA ILE B 12 -9.66 -19.18 27.36
C ILE B 12 -9.86 -19.24 25.86
N PRO B 13 -10.29 -18.16 25.20
CA PRO B 13 -10.72 -18.28 23.80
C PRO B 13 -9.67 -18.84 22.86
N LYS B 14 -8.41 -18.48 23.04
CA LYS B 14 -7.36 -18.80 22.07
C LYS B 14 -6.21 -19.57 22.70
N LEU B 15 -6.53 -20.50 23.60
CA LEU B 15 -5.52 -21.28 24.32
C LEU B 15 -5.50 -22.68 23.76
N ASP B 16 -4.33 -23.12 23.29
CA ASP B 16 -4.11 -24.51 22.91
C ASP B 16 -3.41 -25.26 24.04
N ASP B 17 -4.12 -25.38 25.15
CA ASP B 17 -3.51 -25.94 26.35
C ASP B 17 -3.01 -27.36 26.08
N ALA B 18 -1.85 -27.68 26.66
CA ALA B 18 -1.27 -29.00 26.50
C ALA B 18 -2.17 -30.05 27.13
N ASN B 19 -2.18 -31.24 26.52
CA ASN B 19 -3.02 -32.32 27.02
C ASN B 19 -2.54 -32.80 28.38
N GLU B 20 -1.23 -32.75 28.64
CA GLU B 20 -0.65 -33.23 29.89
C GLU B 20 -0.36 -32.08 30.86
N ALA B 21 -1.20 -31.05 30.87
CA ALA B 21 -1.01 -29.89 31.73
C ALA B 21 -1.86 -30.06 32.99
N GLY B 22 -1.20 -30.00 34.15
CA GLY B 22 -1.86 -30.17 35.42
C GLY B 22 -1.76 -31.57 36.01
N GLY B 23 -1.23 -32.53 35.26
CA GLY B 23 -1.11 -33.90 35.72
C GLY B 23 0.27 -34.19 36.29
N LYS B 24 0.61 -35.48 36.29
CA LYS B 24 1.92 -35.88 36.80
C LYS B 24 3.06 -35.39 35.93
N TYR B 25 2.78 -35.00 34.68
CA TYR B 25 3.79 -34.49 33.77
C TYR B 25 3.70 -32.97 33.61
N SER B 26 3.11 -32.28 34.57
CA SER B 26 2.97 -30.84 34.46
C SER B 26 4.33 -30.15 34.36
N HIS B 27 5.28 -30.55 35.20
CA HIS B 27 6.59 -29.90 35.22
C HIS B 27 7.39 -30.17 33.95
N ARG B 28 6.96 -31.09 33.09
CA ARG B 28 7.59 -31.31 31.80
C ARG B 28 6.89 -30.56 30.67
N CYS B 29 5.81 -29.84 30.97
CA CYS B 29 5.10 -29.09 29.95
C CYS B 29 5.76 -27.73 29.72
N THR B 30 5.32 -27.06 28.66
CA THR B 30 5.82 -25.74 28.32
C THR B 30 4.70 -24.94 27.69
N LEU B 31 4.69 -23.64 27.95
CA LEU B 31 3.73 -22.73 27.35
C LEU B 31 4.47 -21.73 26.46
N ILE B 32 3.97 -21.57 25.24
CA ILE B 32 4.54 -20.62 24.29
C ILE B 32 3.66 -19.39 24.28
N LEU B 33 4.22 -18.26 24.70
CA LEU B 33 3.49 -16.99 24.67
C LEU B 33 3.68 -16.38 23.29
N THR B 34 2.94 -16.91 22.34
CA THR B 34 3.00 -16.47 20.96
C THR B 34 2.63 -14.99 20.86
N GLU B 35 3.29 -14.28 19.94
CA GLU B 35 3.09 -12.84 19.75
C GLU B 35 2.02 -12.53 18.71
N GLY B 36 1.06 -13.43 18.50
CA GLY B 36 -0.02 -13.16 17.56
C GLY B 36 -0.43 -14.37 16.74
N ASP B 37 -0.54 -14.19 15.43
CA ASP B 37 -0.98 -15.25 14.52
C ASP B 37 0.14 -15.82 13.67
N SER B 38 1.16 -15.04 13.35
CA SER B 38 2.28 -15.56 12.57
C SER B 38 3.03 -16.65 13.35
N ALA B 39 3.33 -16.37 14.62
CA ALA B 39 3.99 -17.38 15.44
C ALA B 39 3.10 -18.58 15.67
N LYS B 40 1.78 -18.38 15.73
CA LYS B 40 0.87 -19.52 15.86
C LYS B 40 0.88 -20.36 14.59
N ALA B 41 0.96 -19.73 13.42
CA ALA B 41 1.09 -20.49 12.18
C ALA B 41 2.38 -21.28 12.15
N LEU B 42 3.47 -20.67 12.62
CA LEU B 42 4.73 -21.39 12.72
C LEU B 42 4.62 -22.57 13.68
N CYS B 43 3.97 -22.36 14.83
CA CYS B 43 3.84 -23.40 15.83
C CYS B 43 3.02 -24.57 15.32
N THR B 44 1.94 -24.29 14.58
CA THR B 44 1.10 -25.36 14.07
C THR B 44 1.91 -26.39 13.28
N ALA B 45 2.92 -25.92 12.56
CA ALA B 45 3.76 -26.81 11.76
C ALA B 45 4.97 -27.34 12.54
N GLY B 46 5.44 -26.59 13.53
CA GLY B 46 6.62 -27.01 14.26
C GLY B 46 6.33 -28.00 15.38
N LEU B 47 5.36 -27.68 16.24
CA LEU B 47 5.09 -28.50 17.41
C LEU B 47 4.68 -29.92 17.04
N ALA B 48 4.17 -30.14 15.83
CA ALA B 48 3.84 -31.49 15.40
C ALA B 48 5.06 -32.38 15.23
N VAL B 49 6.27 -31.81 15.22
CA VAL B 49 7.48 -32.58 15.03
C VAL B 49 8.07 -32.97 16.38
N LYS B 50 7.29 -32.84 17.43
CA LYS B 50 7.74 -33.15 18.79
C LYS B 50 6.55 -33.66 19.58
N ASP B 51 6.69 -33.70 20.90
CA ASP B 51 5.62 -34.17 21.79
C ASP B 51 4.60 -33.03 21.98
N ARG B 52 3.69 -32.93 21.01
CA ARG B 52 2.67 -31.89 21.05
C ARG B 52 1.82 -31.98 22.31
N ASP B 53 1.73 -33.16 22.91
CA ASP B 53 0.95 -33.28 24.14
C ASP B 53 1.53 -32.43 25.26
N TYR B 54 2.81 -32.06 25.18
CA TYR B 54 3.51 -31.40 26.28
C TYR B 54 3.75 -29.92 26.02
N PHE B 55 3.16 -29.35 24.97
CA PHE B 55 3.40 -27.97 24.57
C PHE B 55 2.08 -27.25 24.44
N GLY B 56 1.99 -26.08 25.07
CA GLY B 56 0.82 -25.23 24.94
C GLY B 56 1.13 -24.00 24.13
N VAL B 57 0.12 -23.24 23.74
CA VAL B 57 0.29 -22.03 22.95
C VAL B 57 -0.76 -21.03 23.36
N PHE B 58 -0.37 -19.76 23.43
CA PHE B 58 -1.30 -18.69 23.77
C PHE B 58 -0.84 -17.40 23.12
N PRO B 59 -1.57 -16.88 22.13
CA PRO B 59 -1.13 -15.64 21.48
C PRO B 59 -1.29 -14.44 22.40
N LEU B 60 -0.45 -13.43 22.17
CA LEU B 60 -0.54 -12.15 22.84
C LEU B 60 -0.96 -11.10 21.83
N ARG B 61 -1.94 -10.27 22.20
CA ARG B 61 -2.53 -9.34 21.24
C ARG B 61 -1.55 -8.24 20.87
N GLY B 62 -1.14 -7.43 21.84
CA GLY B 62 -0.22 -6.33 21.60
C GLY B 62 0.96 -6.39 22.55
N LYS B 63 1.30 -5.23 23.11
CA LYS B 63 2.36 -5.15 24.10
C LYS B 63 1.76 -5.41 25.48
N PRO B 64 2.27 -6.38 26.24
CA PRO B 64 1.66 -6.67 27.55
C PRO B 64 1.63 -5.44 28.44
N LEU B 65 0.91 -5.59 29.55
CA LEU B 65 0.80 -4.53 30.53
C LEU B 65 2.09 -4.41 31.33
N ASN B 66 2.37 -3.20 31.80
CA ASN B 66 3.45 -2.94 32.74
C ASN B 66 2.84 -2.95 34.14
N VAL B 67 3.15 -3.98 34.91
CA VAL B 67 2.43 -4.26 36.15
C VAL B 67 3.14 -3.65 37.35
N ARG B 68 4.19 -2.87 37.11
CA ARG B 68 4.83 -2.14 38.21
C ARG B 68 4.05 -0.88 38.54
N ASP B 69 3.95 0.04 37.58
CA ASP B 69 3.20 1.27 37.78
C ASP B 69 1.69 1.06 37.67
N ALA B 70 1.25 -0.07 37.13
CA ALA B 70 -0.17 -0.32 37.00
C ALA B 70 -0.81 -0.50 38.36
N THR B 71 -1.98 0.11 38.54
CA THR B 71 -2.72 -0.04 39.77
C THR B 71 -3.29 -1.46 39.89
N LEU B 72 -3.79 -1.79 41.07
CA LEU B 72 -4.42 -3.09 41.26
C LEU B 72 -5.65 -3.24 40.39
N LYS B 73 -6.45 -2.17 40.29
CA LYS B 73 -7.65 -2.22 39.47
C LYS B 73 -7.31 -2.49 38.01
N LYS B 74 -6.32 -1.77 37.48
CA LYS B 74 -5.94 -1.96 36.09
C LYS B 74 -5.41 -3.36 35.84
N VAL B 75 -4.56 -3.86 36.75
CA VAL B 75 -4.01 -5.21 36.57
C VAL B 75 -5.12 -6.25 36.59
N MET B 76 -6.04 -6.13 37.54
CA MET B 76 -7.16 -7.08 37.61
C MET B 76 -8.02 -7.01 36.36
N ALA B 77 -8.31 -5.81 35.88
CA ALA B 77 -9.08 -5.64 34.66
C ALA B 77 -8.18 -5.80 33.44
N CYS B 78 -7.48 -6.93 33.36
CA CYS B 78 -6.53 -7.20 32.29
C CYS B 78 -6.73 -8.64 31.84
N ALA B 79 -7.46 -8.83 30.74
CA ALA B 79 -7.76 -10.18 30.29
C ALA B 79 -6.48 -10.95 29.95
N GLU B 80 -5.53 -10.29 29.31
CA GLU B 80 -4.28 -10.96 28.94
C GLU B 80 -3.55 -11.46 30.18
N PHE B 81 -3.32 -10.58 31.15
CA PHE B 81 -2.60 -10.99 32.35
C PHE B 81 -3.37 -12.04 33.12
N GLN B 82 -4.67 -11.82 33.30
CA GLN B 82 -5.49 -12.81 34.00
C GLN B 82 -5.49 -14.14 33.25
N ALA B 83 -5.58 -14.08 31.92
CA ALA B 83 -5.58 -15.29 31.11
C ALA B 83 -4.30 -16.09 31.32
N VAL B 84 -3.14 -15.43 31.21
CA VAL B 84 -1.88 -16.15 31.36
C VAL B 84 -1.72 -16.67 32.78
N SER B 85 -2.12 -15.88 33.79
CA SER B 85 -2.01 -16.35 35.16
C SER B 85 -2.87 -17.59 35.38
N LYS B 86 -4.10 -17.58 34.87
CA LYS B 86 -4.97 -18.75 35.02
C LYS B 86 -4.41 -19.95 34.27
N ILE B 87 -3.89 -19.74 33.07
CA ILE B 87 -3.33 -20.84 32.29
C ILE B 87 -2.16 -21.47 33.03
N MET B 88 -1.26 -20.64 33.56
CA MET B 88 -0.09 -21.14 34.27
C MET B 88 -0.43 -21.58 35.69
N GLY B 89 -1.63 -21.33 36.17
CA GLY B 89 -1.95 -21.59 37.56
C GLY B 89 -1.18 -20.69 38.51
N LEU B 90 -0.99 -19.43 38.14
CA LEU B 90 -0.26 -18.47 38.94
C LEU B 90 -1.24 -17.52 39.62
N ASP B 91 -1.13 -17.39 40.93
CA ASP B 91 -1.96 -16.49 41.71
C ASP B 91 -1.11 -15.37 42.29
N ILE B 92 -1.65 -14.16 42.29
CA ILE B 92 -0.93 -13.02 42.85
C ILE B 92 -0.62 -13.25 44.32
N ARG B 93 -1.63 -13.72 45.06
CA ARG B 93 -1.47 -13.87 46.51
C ARG B 93 -0.40 -14.90 46.85
N GLN B 94 -0.36 -16.00 46.12
CA GLN B 94 0.57 -17.07 46.42
C GLN B 94 2.01 -16.62 46.16
N LYS B 95 2.94 -17.32 46.78
CA LYS B 95 4.38 -17.09 46.61
C LYS B 95 5.00 -18.41 46.19
N TYR B 96 5.19 -18.59 44.88
CA TYR B 96 5.67 -19.86 44.35
C TYR B 96 7.19 -19.92 44.46
N SER B 97 7.70 -20.92 45.16
CA SER B 97 9.12 -21.21 45.21
C SER B 97 9.54 -22.22 44.16
N GLY B 98 8.62 -22.70 43.34
CA GLY B 98 8.95 -23.66 42.33
C GLY B 98 7.77 -23.87 41.39
N VAL B 99 7.93 -24.84 40.49
CA VAL B 99 6.90 -25.14 39.51
C VAL B 99 6.01 -26.25 40.04
N GLU B 100 6.10 -26.53 41.34
CA GLU B 100 5.35 -27.63 41.91
C GLU B 100 3.84 -27.41 41.78
N ARG B 101 3.37 -26.20 42.08
CA ARG B 101 1.95 -25.90 42.03
C ARG B 101 1.50 -25.33 40.69
N LEU B 102 2.43 -25.15 39.74
CA LEU B 102 2.08 -24.60 38.45
C LEU B 102 1.64 -25.71 37.50
N ARG B 103 0.78 -25.35 36.55
CA ARG B 103 0.34 -26.29 35.54
C ARG B 103 1.39 -26.53 34.46
N TYR B 104 2.44 -25.72 34.42
CA TYR B 104 3.52 -25.87 33.47
C TYR B 104 4.85 -25.79 34.20
N GLY B 105 5.87 -26.41 33.61
CA GLY B 105 7.20 -26.37 34.20
C GLY B 105 8.06 -25.27 33.63
N HIS B 106 7.77 -24.86 32.40
CA HIS B 106 8.52 -23.80 31.74
C HIS B 106 7.56 -22.90 30.98
N LEU B 107 8.00 -21.67 30.75
CA LEU B 107 7.21 -20.67 30.05
C LEU B 107 8.08 -20.05 28.97
N MET B 108 7.78 -20.34 27.71
CA MET B 108 8.58 -19.88 26.58
C MET B 108 7.88 -18.74 25.87
N ILE B 109 8.65 -17.76 25.41
CA ILE B 109 8.13 -16.60 24.71
C ILE B 109 8.66 -16.65 23.28
N MET B 110 7.75 -16.79 22.31
CA MET B 110 8.10 -16.83 20.90
C MET B 110 7.63 -15.52 20.26
N SER B 111 8.47 -14.50 20.34
CA SER B 111 8.21 -13.22 19.72
C SER B 111 9.14 -13.02 18.53
N ASP B 112 8.89 -11.96 17.77
CA ASP B 112 9.72 -11.66 16.62
C ASP B 112 11.14 -11.36 17.08
N GLN B 113 12.09 -11.53 16.18
CA GLN B 113 13.49 -11.24 16.47
C GLN B 113 13.82 -9.79 16.11
N ASP B 114 13.04 -8.86 16.65
CA ASP B 114 13.23 -7.44 16.42
C ASP B 114 13.12 -6.72 17.76
N HIS B 115 13.12 -5.39 17.71
CA HIS B 115 13.11 -4.60 18.93
C HIS B 115 11.83 -4.80 19.74
N ASP B 116 10.68 -4.82 19.05
CA ASP B 116 9.42 -5.00 19.75
C ASP B 116 9.33 -6.39 20.37
N GLY B 117 9.92 -7.41 19.74
CA GLY B 117 10.00 -8.70 20.39
C GLY B 117 10.78 -8.64 21.68
N SER B 118 11.89 -7.90 21.68
CA SER B 118 12.65 -7.70 22.91
C SER B 118 11.80 -7.01 23.96
N HIS B 119 11.00 -6.01 23.56
CA HIS B 119 10.16 -5.33 24.52
C HIS B 119 9.11 -6.27 25.10
N ILE B 120 8.53 -7.12 24.27
CA ILE B 120 7.52 -8.06 24.76
C ILE B 120 8.15 -9.05 25.74
N LYS B 121 9.34 -9.57 25.40
CA LYS B 121 10.02 -10.47 26.33
C LYS B 121 10.34 -9.75 27.64
N GLY B 122 10.81 -8.51 27.56
CA GLY B 122 11.10 -7.76 28.77
C GLY B 122 9.88 -7.52 29.62
N LEU B 123 8.74 -7.24 28.98
CA LEU B 123 7.51 -7.01 29.73
C LEU B 123 7.04 -8.30 30.41
N ILE B 124 7.16 -9.43 29.73
CA ILE B 124 6.80 -10.70 30.36
C ILE B 124 7.71 -10.99 31.55
N ILE B 125 9.01 -10.75 31.38
CA ILE B 125 9.95 -10.96 32.48
C ILE B 125 9.62 -10.03 33.65
N ASN B 126 9.28 -8.78 33.35
CA ASN B 126 8.90 -7.84 34.40
C ASN B 126 7.66 -8.32 35.14
N MET B 127 6.65 -8.79 34.41
CA MET B 127 5.48 -9.37 35.03
C MET B 127 5.88 -10.45 36.03
N ILE B 128 6.58 -11.46 35.54
CA ILE B 128 6.90 -12.63 36.36
C ILE B 128 7.72 -12.21 37.58
N HIS B 129 8.73 -11.36 37.35
CA HIS B 129 9.60 -10.95 38.44
C HIS B 129 8.84 -10.14 39.48
N HIS B 130 8.01 -9.20 39.04
CA HIS B 130 7.30 -8.35 39.98
C HIS B 130 6.36 -9.17 40.86
N TYR B 131 5.60 -10.07 40.26
CA TYR B 131 4.58 -10.75 41.05
C TYR B 131 5.08 -12.01 41.74
N TRP B 132 6.00 -12.75 41.13
CA TRP B 132 6.55 -13.97 41.70
C TRP B 132 8.06 -13.96 41.54
N PRO B 133 8.77 -13.13 42.31
CA PRO B 133 10.22 -12.98 42.10
C PRO B 133 10.99 -14.27 42.31
N ASP B 134 10.44 -15.22 43.05
CA ASP B 134 11.15 -16.48 43.30
C ASP B 134 11.06 -17.45 42.12
N LEU B 135 10.28 -17.14 41.09
CA LEU B 135 10.16 -18.00 39.92
C LEU B 135 11.23 -17.71 38.88
N ILE B 136 11.71 -16.48 38.78
CA ILE B 136 12.80 -16.20 37.85
C ILE B 136 14.09 -16.84 38.33
N LYS B 137 14.25 -16.98 39.65
CA LYS B 137 15.44 -17.64 40.18
C LYS B 137 15.45 -19.13 39.92
N THR B 138 14.31 -19.71 39.55
CA THR B 138 14.25 -21.14 39.26
C THR B 138 14.82 -21.40 37.87
N PRO B 139 15.89 -22.16 37.72
CA PRO B 139 16.45 -22.37 36.39
C PRO B 139 15.43 -22.98 35.44
N GLY B 140 15.42 -22.46 34.21
CA GLY B 140 14.64 -23.05 33.14
C GLY B 140 13.17 -22.71 33.12
N PHE B 141 12.67 -21.94 34.09
CA PHE B 141 11.25 -21.60 34.09
C PHE B 141 10.91 -20.69 32.93
N LEU B 142 11.68 -19.62 32.75
CA LEU B 142 11.47 -18.68 31.66
C LEU B 142 12.39 -19.03 30.50
N GLN B 143 11.88 -18.88 29.27
CA GLN B 143 12.63 -19.26 28.09
C GLN B 143 12.20 -18.38 26.93
N GLN B 144 13.06 -18.30 25.92
CA GLN B 144 12.75 -17.60 24.69
C GLN B 144 13.04 -18.50 23.50
N PHE B 145 12.32 -18.26 22.42
CA PHE B 145 12.50 -18.99 21.17
C PHE B 145 13.11 -18.04 20.14
N ILE B 146 14.27 -18.41 19.60
CA ILE B 146 15.03 -17.55 18.71
C ILE B 146 14.98 -18.14 17.31
N THR B 147 14.74 -17.30 16.32
CA THR B 147 14.65 -17.72 14.93
C THR B 147 15.55 -16.84 14.07
N PRO B 148 16.06 -17.36 12.96
CA PRO B 148 16.91 -16.54 12.09
C PRO B 148 16.13 -15.42 11.42
N ILE B 149 16.83 -14.33 11.11
CA ILE B 149 16.24 -13.23 10.37
C ILE B 149 16.76 -13.14 8.94
N VAL B 150 18.02 -13.52 8.70
CA VAL B 150 18.59 -13.56 7.35
C VAL B 150 19.31 -14.90 7.20
N LYS B 151 19.06 -15.57 6.08
CA LYS B 151 19.65 -16.87 5.79
C LYS B 151 20.38 -16.81 4.45
N ALA B 152 21.49 -17.54 4.37
CA ALA B 152 22.34 -17.55 3.19
C ALA B 152 22.54 -18.98 2.69
N ARG B 153 21.43 -19.72 2.56
CA ARG B 153 21.48 -21.11 2.11
C ARG B 153 22.22 -21.22 0.78
N ILE B 165 23.52 -21.50 6.03
CA ILE B 165 23.79 -20.87 7.31
C ILE B 165 22.67 -19.91 7.67
N SER B 166 22.38 -19.80 8.97
CA SER B 166 21.30 -18.98 9.47
C SER B 166 21.84 -17.97 10.49
N PHE B 167 21.47 -16.71 10.33
CA PHE B 167 21.91 -15.64 11.21
C PHE B 167 20.74 -15.17 12.06
N PHE B 168 20.97 -15.07 13.37
CA PHE B 168 19.91 -14.69 14.30
C PHE B 168 19.88 -13.20 14.57
N SER B 169 20.83 -12.43 14.05
CA SER B 169 20.87 -10.99 14.26
C SER B 169 21.40 -10.32 13.01
N MET B 170 20.90 -9.11 12.74
CA MET B 170 21.33 -8.39 11.55
C MET B 170 22.81 -8.10 11.54
N PRO B 171 23.44 -7.63 12.63
CA PRO B 171 24.88 -7.36 12.59
C PRO B 171 25.70 -8.57 12.20
N ASP B 172 25.29 -9.77 12.63
CA ASP B 172 26.04 -10.98 12.27
C ASP B 172 26.04 -11.18 10.76
N TYR B 173 24.89 -11.00 10.11
CA TYR B 173 24.85 -11.10 8.66
C TYR B 173 25.75 -10.06 8.02
N PHE B 174 25.71 -8.82 8.52
CA PHE B 174 26.61 -7.78 8.00
C PHE B 174 28.06 -8.15 8.27
N GLU B 175 28.36 -8.63 9.48
CA GLU B 175 29.72 -9.08 9.78
C GLU B 175 30.12 -10.24 8.88
N TRP B 176 29.22 -11.21 8.72
CA TRP B 176 29.50 -12.33 7.82
C TRP B 176 29.64 -11.84 6.38
N LYS B 177 28.75 -10.95 5.96
CA LYS B 177 28.82 -10.44 4.59
C LYS B 177 30.13 -9.70 4.34
N ASN B 178 30.54 -8.85 5.30
CA ASN B 178 31.81 -8.15 5.15
C ASN B 178 32.98 -9.12 5.12
N ALA B 179 32.96 -10.13 6.00
CA ALA B 179 34.05 -11.09 6.03
C ALA B 179 34.13 -11.87 4.72
N ILE B 180 32.99 -12.29 4.19
CA ILE B 180 32.98 -13.03 2.94
C ILE B 180 33.39 -12.11 1.79
N GLY B 181 32.82 -10.92 1.73
CA GLY B 181 33.12 -9.99 0.67
C GLY B 181 32.52 -10.40 -0.66
N ASP B 182 33.38 -10.60 -1.67
CA ASP B 182 32.90 -10.98 -3.00
C ASP B 182 32.34 -12.39 -3.04
N GLY B 183 32.52 -13.19 -2.00
CA GLY B 183 31.98 -14.53 -1.98
C GLY B 183 30.49 -14.63 -1.75
N ILE B 184 29.85 -13.52 -1.37
CA ILE B 184 28.40 -13.53 -1.17
C ILE B 184 27.66 -13.65 -2.50
N ARG B 185 28.32 -13.36 -3.62
CA ARG B 185 27.65 -13.48 -4.91
C ARG B 185 27.18 -14.90 -5.16
N ASN B 186 27.89 -15.90 -4.63
CA ASN B 186 27.51 -17.29 -4.78
C ASN B 186 26.46 -17.74 -3.78
N TYR B 187 26.03 -16.85 -2.88
CA TYR B 187 25.03 -17.17 -1.87
C TYR B 187 23.73 -16.43 -2.18
N GLU B 188 22.61 -17.10 -1.96
CA GLU B 188 21.29 -16.51 -2.11
C GLU B 188 20.75 -16.17 -0.73
N ILE B 189 20.39 -14.91 -0.52
CA ILE B 189 20.00 -14.40 0.78
C ILE B 189 18.48 -14.30 0.85
N ARG B 190 17.90 -14.87 1.89
CA ARG B 190 16.48 -14.78 2.17
C ARG B 190 16.28 -14.10 3.52
N TYR B 191 15.49 -13.03 3.54
CA TYR B 191 15.29 -12.22 4.73
C TYR B 191 13.98 -12.63 5.40
N TYR B 192 14.10 -13.26 6.56
CA TYR B 192 12.93 -13.60 7.38
C TYR B 192 12.69 -12.53 8.44
N LYS B 193 12.50 -11.30 7.97
CA LYS B 193 12.40 -10.17 8.88
C LYS B 193 11.27 -10.37 9.89
N GLY B 194 10.03 -10.43 9.41
CA GLY B 194 8.92 -10.71 10.29
C GLY B 194 8.87 -12.18 10.67
N LEU B 195 8.22 -12.45 11.80
CA LEU B 195 8.09 -13.82 12.26
C LEU B 195 7.04 -14.61 11.48
N GLY B 196 6.20 -13.94 10.71
CA GLY B 196 5.26 -14.60 9.83
C GLY B 196 5.81 -14.94 8.47
N THR B 197 7.07 -14.60 8.20
CA THR B 197 7.69 -14.90 6.91
C THR B 197 8.14 -16.34 6.78
N SER B 198 8.05 -17.13 7.85
CA SER B 198 8.46 -18.53 7.85
C SER B 198 7.24 -19.42 7.81
N GLY B 199 7.25 -20.41 6.92
CA GLY B 199 6.14 -21.32 6.76
C GLY B 199 6.25 -22.57 7.61
N ALA B 200 5.96 -23.73 7.01
CA ALA B 200 5.92 -24.98 7.75
C ALA B 200 7.26 -25.70 7.77
N LYS B 201 8.02 -25.65 6.66
CA LYS B 201 9.33 -26.28 6.66
C LYS B 201 10.24 -25.64 7.69
N GLU B 202 10.23 -24.31 7.76
CA GLU B 202 11.04 -23.62 8.76
C GLU B 202 10.59 -24.00 10.17
N GLY B 203 9.28 -24.05 10.41
CA GLY B 203 8.79 -24.45 11.72
C GLY B 203 9.21 -25.86 12.08
N ARG B 204 9.11 -26.78 11.12
CA ARG B 204 9.53 -28.16 11.36
C ARG B 204 11.00 -28.23 11.73
N GLU B 205 11.84 -27.53 10.96
CA GLU B 205 13.28 -27.54 11.25
C GLU B 205 13.57 -26.94 12.62
N TYR B 206 12.93 -25.80 12.93
CA TYR B 206 13.20 -25.12 14.19
C TYR B 206 12.81 -25.99 15.37
N PHE B 207 11.64 -26.62 15.30
CA PHE B 207 11.20 -27.44 16.43
C PHE B 207 11.83 -28.82 16.45
N GLU B 208 12.47 -29.25 15.36
CA GLU B 208 13.35 -30.42 15.43
C GLU B 208 14.64 -30.06 16.15
N ASN B 209 15.24 -28.93 15.81
CA ASN B 209 16.43 -28.42 16.50
C ASN B 209 16.03 -27.44 17.59
N ILE B 210 15.30 -27.94 18.58
CA ILE B 210 14.75 -27.07 19.63
C ILE B 210 15.88 -26.53 20.50
N ASP B 211 16.89 -27.34 20.78
CA ASP B 211 17.98 -26.89 21.64
C ASP B 211 18.65 -25.65 21.08
N ARG B 212 18.80 -25.58 19.75
CA ARG B 212 19.40 -24.42 19.12
C ARG B 212 18.47 -23.22 19.14
N HIS B 213 17.17 -23.43 19.33
CA HIS B 213 16.17 -22.36 19.28
C HIS B 213 15.42 -22.27 20.60
N ARG B 214 16.12 -22.41 21.73
CA ARG B 214 15.46 -22.31 23.03
C ARG B 214 16.51 -21.91 24.06
N LEU B 215 16.49 -20.63 24.44
CA LEU B 215 17.40 -20.09 25.44
C LEU B 215 16.62 -19.83 26.72
N ASP B 216 17.16 -20.29 27.84
CA ASP B 216 16.49 -20.18 29.14
C ASP B 216 17.20 -19.14 29.98
N PHE B 217 16.48 -18.10 30.39
CA PHE B 217 17.07 -17.06 31.21
C PHE B 217 17.50 -17.63 32.55
N VAL B 218 18.70 -17.24 33.00
CA VAL B 218 19.28 -17.72 34.25
C VAL B 218 19.56 -16.54 35.16
N HIS B 219 19.26 -16.71 36.45
CA HIS B 219 19.49 -15.70 37.46
C HIS B 219 20.77 -16.04 38.20
N GLU B 220 21.83 -15.24 37.99
CA GLU B 220 23.14 -15.51 38.56
C GLU B 220 23.41 -14.72 39.82
N ASP B 221 23.22 -13.39 39.78
CA ASP B 221 23.50 -12.55 40.93
C ASP B 221 22.31 -11.64 41.23
N ALA B 222 22.50 -10.68 42.13
CA ALA B 222 21.43 -9.74 42.47
C ALA B 222 21.30 -8.58 41.48
N THR B 223 22.22 -8.48 40.51
CA THR B 223 22.12 -7.41 39.53
C THR B 223 21.00 -7.65 38.53
N ASP B 224 20.54 -8.89 38.38
CA ASP B 224 19.48 -9.18 37.42
C ASP B 224 18.18 -8.50 37.83
N ASP B 225 17.81 -8.62 39.10
CA ASP B 225 16.60 -7.95 39.58
C ASP B 225 16.73 -6.44 39.45
N ALA B 226 17.92 -5.91 39.74
CA ALA B 226 18.16 -4.49 39.62
C ALA B 226 17.95 -4.02 38.18
N ARG B 227 18.47 -4.79 37.22
CA ARG B 227 18.31 -4.42 35.81
C ARG B 227 16.84 -4.46 35.40
N ILE B 228 16.12 -5.50 35.82
CA ILE B 228 14.71 -5.60 35.45
C ILE B 228 13.93 -4.42 36.03
N VAL B 229 14.17 -4.11 37.30
CA VAL B 229 13.48 -3.01 37.94
C VAL B 229 13.81 -1.69 37.25
N MET B 230 15.09 -1.47 36.95
CA MET B 230 15.49 -0.24 36.27
C MET B 230 14.78 -0.10 34.93
N ALA B 231 14.74 -1.19 34.15
CA ALA B 231 14.15 -1.11 32.83
C ALA B 231 12.65 -0.92 32.88
N PHE B 232 11.99 -1.41 33.93
CA PHE B 232 10.52 -1.39 34.00
C PHE B 232 10.02 -0.86 35.33
N ALA B 233 10.57 0.27 35.78
CA ALA B 233 10.08 0.93 36.99
C ALA B 233 9.77 2.39 36.68
N LYS B 234 8.74 2.91 37.33
CA LYS B 234 8.29 4.27 37.05
C LYS B 234 9.23 5.32 37.63
N ASP B 235 10.00 4.98 38.65
CA ASP B 235 10.89 5.94 39.30
C ASP B 235 12.32 5.86 38.80
N LYS B 236 12.64 4.92 37.92
CA LYS B 236 13.98 4.77 37.38
C LYS B 236 14.15 5.46 36.03
N VAL B 237 13.39 6.54 35.80
CA VAL B 237 13.46 7.22 34.51
C VAL B 237 14.84 7.81 34.28
N GLU B 238 15.43 8.42 35.31
CA GLU B 238 16.77 8.97 35.17
C GLU B 238 17.80 7.87 34.97
N GLU B 239 17.60 6.73 35.63
CA GLU B 239 18.48 5.59 35.39
C GLU B 239 18.37 5.10 33.96
N ARG B 240 17.17 5.19 33.38
CA ARG B 240 17.00 4.84 31.97
C ARG B 240 17.67 5.87 31.07
N LYS B 241 17.60 7.15 31.43
CA LYS B 241 18.31 8.17 30.68
C LYS B 241 19.81 7.87 30.66
N HIS B 242 20.36 7.55 31.82
CA HIS B 242 21.78 7.18 31.89
C HIS B 242 22.05 5.93 31.08
N TRP B 243 21.15 4.96 31.13
CA TRP B 243 21.28 3.73 30.35
C TRP B 243 21.43 4.04 28.86
N ILE B 244 20.49 4.80 28.31
CA ILE B 244 20.52 5.09 26.88
C ILE B 244 21.72 5.97 26.52
N THR B 245 22.02 6.98 27.33
CA THR B 245 23.15 7.84 27.00
C THR B 245 24.46 7.07 27.03
N GLN B 246 24.67 6.24 28.06
CA GLN B 246 25.90 5.47 28.15
C GLN B 246 26.00 4.47 27.00
N PHE B 247 24.89 3.84 26.63
CA PHE B 247 24.92 2.94 25.48
C PHE B 247 25.31 3.69 24.21
N LYS B 248 24.70 4.85 23.97
CA LYS B 248 24.96 5.59 22.75
C LYS B 248 26.36 6.21 22.72
N ALA B 249 26.97 6.43 23.87
CA ALA B 249 28.28 7.06 23.97
C ALA B 249 29.39 6.04 24.20
N ASN B 250 29.29 4.85 23.63
CA ASN B 250 30.31 3.83 23.73
C ASN B 250 30.98 3.60 22.38
N THR B 251 32.29 3.45 22.41
CA THR B 251 33.10 3.25 21.22
C THR B 251 33.35 1.75 21.06
N ASN B 252 32.44 1.08 20.34
CA ASN B 252 32.51 -0.35 20.06
C ASN B 252 32.35 -1.21 21.31
N VAL B 253 31.91 -0.63 22.43
CA VAL B 253 31.76 -1.37 23.67
C VAL B 253 30.32 -1.84 23.81
N ASN B 254 29.58 -1.84 22.69
CA ASN B 254 28.18 -2.26 22.73
C ASN B 254 28.05 -3.70 23.20
N GLU B 255 28.93 -4.58 22.72
CA GLU B 255 28.92 -5.99 23.09
C GLU B 255 27.59 -6.64 22.72
N SER B 256 27.35 -6.69 21.40
CA SER B 256 26.12 -7.26 20.88
C SER B 256 25.94 -8.69 21.38
N MET B 257 24.70 -9.03 21.73
CA MET B 257 24.40 -10.35 22.26
C MET B 257 24.57 -11.42 21.19
N ASN B 258 25.15 -12.55 21.60
CA ASN B 258 25.31 -13.71 20.74
C ASN B 258 24.35 -14.82 21.18
N TYR B 259 23.90 -15.61 20.20
CA TYR B 259 22.91 -16.65 20.44
C TYR B 259 23.48 -18.06 20.35
N ASN B 260 24.80 -18.20 20.26
CA ASN B 260 25.42 -19.51 20.25
C ASN B 260 25.36 -20.17 21.63
N VAL B 261 24.96 -19.44 22.66
CA VAL B 261 24.85 -19.98 23.99
C VAL B 261 23.38 -20.29 24.27
N ARG B 262 23.13 -21.03 25.35
CA ARG B 262 21.77 -21.40 25.74
C ARG B 262 21.48 -21.03 27.19
N THR B 263 22.20 -20.08 27.76
CA THR B 263 22.06 -19.71 29.17
C THR B 263 22.05 -18.19 29.30
N VAL B 264 21.24 -17.52 28.48
CA VAL B 264 21.16 -16.07 28.53
C VAL B 264 20.89 -15.61 29.96
N ARG B 265 21.62 -14.58 30.39
CA ARG B 265 21.45 -14.01 31.71
C ARG B 265 20.42 -12.88 31.64
N TYR B 266 19.76 -12.65 32.78
CA TYR B 266 18.74 -11.61 32.82
C TYR B 266 19.36 -10.23 32.63
N SER B 267 20.40 -9.93 33.39
CA SER B 267 21.08 -8.64 33.23
C SER B 267 21.69 -8.52 31.84
N GLU B 268 22.32 -9.59 31.36
CA GLU B 268 22.87 -9.57 30.01
C GLU B 268 21.77 -9.36 28.98
N PHE B 269 20.65 -10.06 29.12
CA PHE B 269 19.54 -9.87 28.20
C PHE B 269 19.11 -8.41 28.20
N VAL B 270 18.86 -7.84 29.38
CA VAL B 270 18.43 -6.45 29.43
C VAL B 270 19.44 -5.58 28.70
N ASP B 271 20.67 -5.53 29.22
CA ASP B 271 21.67 -4.57 28.76
C ASP B 271 22.12 -4.79 27.32
N LYS B 272 21.83 -5.94 26.71
CA LYS B 272 22.25 -6.19 25.34
C LYS B 272 21.12 -6.24 24.33
N GLU B 273 19.89 -6.48 24.76
CA GLU B 273 18.75 -6.63 23.86
C GLU B 273 17.66 -5.62 24.09
N LEU B 274 17.33 -5.29 25.35
CA LEU B 274 16.31 -4.28 25.60
C LEU B 274 16.85 -2.88 25.33
N ILE B 275 18.15 -2.68 25.49
CA ILE B 275 18.73 -1.37 25.21
C ILE B 275 18.59 -1.05 23.74
N LEU B 276 18.67 -2.06 22.87
CA LEU B 276 18.46 -1.82 21.44
C LEU B 276 17.07 -1.29 21.19
N PHE B 277 16.05 -1.89 21.82
CA PHE B 277 14.70 -1.40 21.63
C PHE B 277 14.52 0.01 22.19
N SER B 278 15.09 0.27 23.36
CA SER B 278 14.95 1.60 23.95
C SER B 278 15.60 2.66 23.08
N VAL B 279 16.80 2.36 22.55
CA VAL B 279 17.46 3.29 21.66
C VAL B 279 16.65 3.50 20.39
N ALA B 280 16.07 2.43 19.85
CA ALA B 280 15.24 2.58 18.65
C ALA B 280 14.01 3.42 18.92
N ASP B 281 13.40 3.24 20.10
CA ASP B 281 12.24 4.03 20.47
C ASP B 281 12.59 5.51 20.57
N CYS B 282 13.71 5.81 21.23
CA CYS B 282 14.17 7.20 21.30
C CYS B 282 14.46 7.75 19.91
N GLU B 283 15.09 6.94 19.05
CA GLU B 283 15.44 7.41 17.72
C GLU B 283 14.18 7.73 16.91
N ARG B 284 13.16 6.88 17.00
CA ARG B 284 11.95 7.08 16.22
C ARG B 284 11.00 8.12 16.82
N SER B 285 11.18 8.47 18.10
CA SER B 285 10.30 9.43 18.75
C SER B 285 10.91 10.83 18.85
N ILE B 286 12.21 10.93 19.12
CA ILE B 286 12.86 12.22 19.28
C ILE B 286 13.26 12.75 17.91
N PRO B 287 13.07 14.04 17.62
CA PRO B 287 13.44 14.57 16.31
C PRO B 287 14.85 15.13 16.27
N SER B 288 15.43 15.10 15.08
CA SER B 288 16.74 15.70 14.88
C SER B 288 16.65 17.21 15.05
N VAL B 289 17.75 17.81 15.52
CA VAL B 289 17.77 19.24 15.77
C VAL B 289 18.12 20.05 14.53
N ILE B 290 18.62 19.41 13.47
CA ILE B 290 19.03 20.11 12.28
C ILE B 290 17.84 20.26 11.33
N ASP B 291 17.33 19.12 10.85
CA ASP B 291 16.18 19.16 9.94
C ASP B 291 14.85 19.13 10.66
N GLY B 292 14.81 18.75 11.94
CA GLY B 292 13.58 18.71 12.68
C GLY B 292 12.70 17.52 12.40
N LEU B 293 13.17 16.57 11.60
CA LEU B 293 12.37 15.43 11.19
C LEU B 293 12.81 14.18 11.92
N LYS B 294 11.86 13.31 12.17
CA LYS B 294 12.13 11.98 12.68
C LYS B 294 12.43 11.03 11.53
N PRO B 295 13.03 9.88 11.81
CA PRO B 295 13.47 9.01 10.70
C PRO B 295 12.38 8.66 9.70
N GLY B 296 11.16 8.38 10.16
CA GLY B 296 10.08 8.10 9.23
C GLY B 296 9.70 9.31 8.38
N GLN B 297 9.58 10.48 9.02
CA GLN B 297 9.31 11.69 8.27
C GLN B 297 10.44 12.01 7.30
N ARG B 298 11.68 11.77 7.73
CA ARG B 298 12.81 11.99 6.84
C ARG B 298 12.75 11.05 5.65
N LYS B 299 12.36 9.80 5.87
CA LYS B 299 12.23 8.86 4.75
C LYS B 299 11.14 9.31 3.79
N ILE B 300 10.01 9.78 4.31
CA ILE B 300 8.94 10.25 3.44
C ILE B 300 9.41 11.45 2.62
N ILE B 301 10.09 12.40 3.26
CA ILE B 301 10.57 13.58 2.56
C ILE B 301 11.60 13.19 1.51
N PHE B 302 12.51 12.28 1.85
CA PHE B 302 13.54 11.84 0.91
C PHE B 302 12.92 11.15 -0.29
N SER B 303 11.93 10.29 -0.07
CA SER B 303 11.26 9.63 -1.17
C SER B 303 10.52 10.63 -2.05
N SER B 304 9.86 11.62 -1.44
CA SER B 304 9.17 12.64 -2.22
C SER B 304 10.14 13.43 -3.08
N PHE B 305 11.31 13.77 -2.53
CA PHE B 305 12.32 14.47 -3.31
C PHE B 305 12.83 13.59 -4.44
N LYS B 306 13.04 12.31 -4.17
CA LYS B 306 13.55 11.40 -5.20
C LYS B 306 12.59 11.33 -6.38
N ARG B 307 11.30 11.19 -6.11
CA ARG B 307 10.29 11.20 -7.17
C ARG B 307 10.19 12.54 -7.89
N ARG B 308 10.76 13.59 -7.33
CA ARG B 308 10.44 14.94 -7.79
C ARG B 308 8.94 15.16 -7.75
N LEU B 309 8.31 14.69 -6.68
CA LEU B 309 6.86 14.71 -6.53
C LEU B 309 6.31 16.12 -6.66
N THR B 310 5.57 16.38 -7.74
CA THR B 310 4.92 17.67 -7.94
C THR B 310 3.45 17.54 -8.33
N ARG B 311 2.97 16.33 -8.64
CA ARG B 311 1.56 16.09 -8.91
C ARG B 311 1.00 15.19 -7.82
N SER B 312 -0.19 15.54 -7.34
CA SER B 312 -0.78 14.81 -6.23
C SER B 312 -0.94 13.34 -6.56
N ILE B 313 -0.60 12.48 -5.60
CA ILE B 313 -0.82 11.05 -5.70
C ILE B 313 -1.46 10.58 -4.41
N LYS B 314 -2.14 9.43 -4.48
CA LYS B 314 -2.78 8.87 -3.31
C LYS B 314 -1.73 8.62 -2.23
N VAL B 315 -2.11 8.89 -0.97
CA VAL B 315 -1.18 8.71 0.13
C VAL B 315 -0.77 7.26 0.26
N VAL B 316 -1.64 6.32 -0.14
CA VAL B 316 -1.29 4.92 -0.08
C VAL B 316 -0.21 4.58 -1.11
N GLN B 317 -0.31 5.17 -2.30
CA GLN B 317 0.73 4.97 -3.31
C GLN B 317 2.05 5.56 -2.84
N LEU B 318 2.01 6.74 -2.21
CA LEU B 318 3.22 7.31 -1.64
C LEU B 318 3.80 6.42 -0.56
N ALA B 319 2.94 5.83 0.27
CA ALA B 319 3.43 4.93 1.31
C ALA B 319 4.11 3.71 0.70
N GLY B 320 3.51 3.14 -0.35
CA GLY B 320 4.16 2.02 -1.02
C GLY B 320 5.49 2.40 -1.62
N TYR B 321 5.57 3.58 -2.25
CA TYR B 321 6.83 4.04 -2.82
C TYR B 321 7.89 4.22 -1.74
N VAL B 322 7.50 4.82 -0.61
CA VAL B 322 8.44 5.03 0.48
C VAL B 322 8.94 3.71 1.02
N SER B 323 8.04 2.75 1.19
CA SER B 323 8.45 1.44 1.67
C SER B 323 9.41 0.76 0.71
N GLU B 324 9.15 0.92 -0.60
CA GLU B 324 9.99 0.24 -1.59
C GLU B 324 11.36 0.89 -1.72
N HIS B 325 11.42 2.22 -1.61
CA HIS B 325 12.64 2.95 -1.97
C HIS B 325 13.38 3.55 -0.78
N ALA B 326 12.70 3.81 0.33
CA ALA B 326 13.34 4.34 1.53
C ALA B 326 13.62 3.27 2.56
N ALA B 327 13.42 2.01 2.23
CA ALA B 327 13.67 0.89 3.15
C ALA B 327 12.94 1.11 4.47
N TYR B 328 11.69 1.52 4.39
CA TYR B 328 10.85 1.64 5.57
C TYR B 328 10.46 0.24 6.05
N HIS B 329 10.80 -0.07 7.30
CA HIS B 329 10.65 -1.43 7.81
C HIS B 329 9.34 -1.66 8.56
N HIS B 330 8.48 -0.65 8.67
CA HIS B 330 7.26 -0.76 9.44
C HIS B 330 6.06 -0.81 8.49
N GLY B 331 4.86 -0.85 9.09
CA GLY B 331 3.65 -1.01 8.32
C GLY B 331 3.22 0.24 7.61
N GLU B 332 2.23 0.09 6.73
CA GLU B 332 1.74 1.23 5.97
C GLU B 332 0.95 2.18 6.84
N GLN B 333 0.08 1.65 7.70
CA GLN B 333 -0.76 2.52 8.53
C GLN B 333 0.06 3.56 9.26
N SER B 334 1.22 3.15 9.80
CA SER B 334 2.12 4.12 10.39
C SER B 334 2.63 5.11 9.35
N LEU B 335 2.94 4.62 8.15
CA LEU B 335 3.40 5.52 7.09
C LEU B 335 2.29 6.48 6.66
N VAL B 336 1.05 6.00 6.56
CA VAL B 336 -0.06 6.88 6.23
C VAL B 336 -0.23 7.95 7.29
N GLN B 337 -0.16 7.55 8.57
CA GLN B 337 -0.29 8.53 9.64
C GLN B 337 0.83 9.54 9.60
N THR B 338 2.05 9.10 9.31
CA THR B 338 3.18 10.02 9.22
C THR B 338 2.99 11.01 8.09
N ILE B 339 2.54 10.55 6.93
CA ILE B 339 2.32 11.46 5.80
C ILE B 339 1.21 12.45 6.13
N VAL B 340 0.14 11.98 6.77
CA VAL B 340 -0.95 12.86 7.15
C VAL B 340 -0.45 13.93 8.11
N GLY B 341 0.36 13.53 9.10
CA GLY B 341 0.92 14.52 10.01
C GLY B 341 1.83 15.51 9.31
N LEU B 342 2.60 15.03 8.33
CA LEU B 342 3.47 15.92 7.57
C LEU B 342 2.67 16.94 6.77
N ALA B 343 1.46 16.57 6.34
CA ALA B 343 0.67 17.45 5.49
C ALA B 343 -0.30 18.35 6.25
N GLN B 344 -0.66 18.00 7.48
CA GLN B 344 -1.66 18.75 8.22
C GLN B 344 -1.18 20.18 8.48
N ASN B 345 -2.13 21.12 8.48
CA ASN B 345 -1.80 22.54 8.65
C ASN B 345 -2.79 23.29 9.53
N PHE B 346 -3.67 22.62 10.25
CA PHE B 346 -4.63 23.32 11.09
C PHE B 346 -3.91 24.00 12.26
N VAL B 347 -4.64 24.87 12.96
CA VAL B 347 -4.05 25.62 14.07
C VAL B 347 -3.64 24.64 15.15
N GLY B 348 -2.42 24.82 15.66
CA GLY B 348 -1.82 23.83 16.53
C GLY B 348 -1.09 22.74 15.79
N SER B 349 -0.71 22.98 14.54
CA SER B 349 -0.07 21.97 13.70
C SER B 349 1.04 22.67 12.93
N ASN B 350 1.54 22.01 11.88
CA ASN B 350 2.63 22.54 11.09
C ASN B 350 2.41 24.00 10.74
N ASN B 351 3.42 24.83 11.03
CA ASN B 351 3.37 26.21 10.60
C ASN B 351 3.64 26.33 9.11
N VAL B 352 4.59 25.56 8.61
CA VAL B 352 4.94 25.53 7.20
C VAL B 352 4.99 24.07 6.76
N PRO B 353 3.87 23.46 6.39
CA PRO B 353 3.90 22.04 6.00
C PRO B 353 4.80 21.81 4.80
N LEU B 354 5.50 20.68 4.83
CA LEU B 354 6.35 20.29 3.71
C LEU B 354 5.61 19.48 2.66
N LEU B 355 4.42 18.98 2.96
CA LEU B 355 3.62 18.22 2.03
C LEU B 355 2.30 18.93 1.81
N GLN B 356 1.95 19.15 0.55
CA GLN B 356 0.65 19.70 0.20
C GLN B 356 -0.42 18.61 0.26
N GLN B 357 -1.59 18.98 0.77
CA GLN B 357 -2.69 18.06 0.99
C GLN B 357 -3.83 18.34 0.03
N ASP B 358 -4.53 17.28 -0.36
CA ASP B 358 -5.71 17.36 -1.23
C ASP B 358 -6.70 16.31 -0.73
N GLY B 359 -7.60 16.72 0.15
CA GLY B 359 -8.57 15.84 0.73
C GLY B 359 -8.83 16.24 2.18
N GLN B 360 -9.30 15.27 2.96
CA GLN B 360 -9.58 15.47 4.38
C GLN B 360 -8.38 14.95 5.18
N PHE B 361 -7.45 15.85 5.48
CA PHE B 361 -6.29 15.52 6.29
C PHE B 361 -6.51 15.80 7.77
N GLY B 362 -7.70 16.22 8.15
CA GLY B 362 -7.99 16.51 9.54
C GLY B 362 -8.06 18.01 9.79
N THR B 363 -8.86 18.39 10.78
CA THR B 363 -9.08 19.79 11.13
C THR B 363 -8.94 19.95 12.63
N ARG B 364 -9.09 21.18 13.10
CA ARG B 364 -9.02 21.44 14.53
C ARG B 364 -10.23 20.89 15.28
N LEU B 365 -11.25 20.42 14.57
CA LEU B 365 -12.42 19.87 15.24
C LEU B 365 -12.03 18.68 16.12
N GLN B 366 -11.26 17.74 15.58
CA GLN B 366 -10.82 16.56 16.31
C GLN B 366 -9.31 16.51 16.46
N GLY B 367 -8.62 17.62 16.22
CA GLY B 367 -7.18 17.64 16.36
C GLY B 367 -6.48 16.76 15.35
N GLY B 368 -6.92 16.78 14.09
CA GLY B 368 -6.30 16.00 13.05
C GLY B 368 -6.73 14.56 12.99
N LYS B 369 -7.58 14.11 13.92
CA LYS B 369 -8.05 12.72 13.92
C LYS B 369 -9.15 12.49 12.92
N ASP B 370 -9.77 13.54 12.40
CA ASP B 370 -10.88 13.42 11.45
C ASP B 370 -10.35 13.58 10.03
N HIS B 371 -9.55 12.60 9.62
CA HIS B 371 -8.99 12.56 8.28
C HIS B 371 -9.47 11.31 7.56
N ALA B 372 -9.62 11.41 6.25
CA ALA B 372 -10.09 10.29 5.45
C ALA B 372 -8.99 9.23 5.34
N ALA B 373 -9.40 8.03 4.91
CA ALA B 373 -8.47 6.95 4.74
C ALA B 373 -7.46 7.29 3.63
N GLY B 374 -6.31 6.63 3.69
CA GLY B 374 -5.25 6.93 2.74
C GLY B 374 -5.67 6.75 1.30
N ARG B 375 -6.67 5.91 1.06
CA ARG B 375 -7.19 5.70 -0.29
C ARG B 375 -7.98 6.89 -0.82
N TYR B 376 -8.30 7.87 0.04
CA TYR B 376 -9.12 9.00 -0.36
C TYR B 376 -8.37 10.33 -0.34
N ILE B 377 -7.21 10.40 0.30
CA ILE B 377 -6.46 11.65 0.43
C ILE B 377 -5.25 11.61 -0.50
N PHE B 378 -5.03 12.72 -1.19
CA PHE B 378 -3.89 12.88 -2.08
C PHE B 378 -2.90 13.85 -1.46
N THR B 379 -1.63 13.73 -1.87
CA THR B 379 -0.61 14.62 -1.34
C THR B 379 0.49 14.78 -2.37
N ARG B 380 1.22 15.90 -2.25
CA ARG B 380 2.39 16.17 -3.06
C ARG B 380 3.35 17.01 -2.23
N LEU B 381 4.34 17.61 -2.88
CA LEU B 381 5.27 18.50 -2.20
C LEU B 381 4.79 19.94 -2.33
N THR B 382 4.82 20.67 -1.22
CA THR B 382 4.43 22.07 -1.22
C THR B 382 5.42 22.90 -2.04
N ASN B 383 4.93 24.04 -2.52
CA ASN B 383 5.77 24.90 -3.35
C ASN B 383 6.99 25.42 -2.60
N ILE B 384 6.95 25.44 -1.27
CA ILE B 384 8.04 25.98 -0.46
C ILE B 384 8.89 24.88 0.14
N ALA B 385 8.62 23.61 -0.15
CA ALA B 385 9.42 22.54 0.41
C ALA B 385 10.86 22.62 -0.07
N ARG B 386 11.07 22.93 -1.34
CA ARG B 386 12.40 22.97 -1.92
C ARG B 386 13.06 24.34 -1.84
N TYR B 387 12.38 25.33 -1.25
CA TYR B 387 13.03 26.57 -0.88
C TYR B 387 13.56 26.54 0.54
N ILE B 388 13.14 25.57 1.34
CA ILE B 388 13.73 25.31 2.64
C ILE B 388 14.80 24.23 2.56
N TYR B 389 14.45 23.10 1.95
CA TYR B 389 15.41 22.01 1.71
C TYR B 389 15.98 22.22 0.31
N HIS B 390 17.03 23.02 0.23
CA HIS B 390 17.58 23.40 -1.06
C HIS B 390 18.08 22.16 -1.80
N PRO B 391 17.87 22.08 -3.12
CA PRO B 391 18.39 20.92 -3.86
C PRO B 391 19.90 20.78 -3.79
N SER B 392 20.64 21.90 -3.78
CA SER B 392 22.09 21.81 -3.80
C SER B 392 22.61 21.03 -2.61
N ASP B 393 22.05 21.29 -1.43
CA ASP B 393 22.52 20.62 -0.22
C ASP B 393 22.34 19.11 -0.30
N ASP B 394 21.48 18.62 -1.20
CA ASP B 394 21.33 17.18 -1.34
C ASP B 394 22.65 16.51 -1.71
N PHE B 395 23.61 17.27 -2.24
CA PHE B 395 24.90 16.71 -2.62
C PHE B 395 25.88 16.64 -1.47
N VAL B 396 25.62 17.30 -0.34
CA VAL B 396 26.59 17.42 0.74
C VAL B 396 26.18 16.67 2.00
N VAL B 397 25.02 16.03 2.00
CA VAL B 397 24.59 15.27 3.16
C VAL B 397 25.06 13.83 3.00
N ASP B 398 25.13 13.11 4.12
CA ASP B 398 25.60 11.73 4.16
C ASP B 398 24.39 10.80 4.14
N TYR B 399 24.41 9.83 3.23
CA TYR B 399 23.27 8.96 2.99
C TYR B 399 23.47 7.60 3.63
N LYS B 400 22.46 7.12 4.35
CA LYS B 400 22.52 5.82 4.98
C LYS B 400 22.45 4.71 3.94
N ASP B 401 22.90 3.52 4.33
CA ASP B 401 22.91 2.34 3.47
C ASP B 401 22.35 1.17 4.28
N ASP B 402 21.03 0.97 4.19
CA ASP B 402 20.36 -0.10 4.92
C ASP B 402 20.34 -1.34 4.04
N ASP B 403 21.30 -2.25 4.26
CA ASP B 403 21.44 -3.46 3.47
C ASP B 403 21.70 -3.12 2.00
N GLY B 404 22.79 -2.41 1.77
CA GLY B 404 23.21 -2.08 0.42
C GLY B 404 22.49 -0.94 -0.24
N LEU B 405 21.16 -0.99 -0.27
CA LEU B 405 20.38 0.05 -0.91
C LEU B 405 20.63 1.39 -0.24
N SER B 406 20.82 2.44 -1.05
CA SER B 406 20.99 3.78 -0.53
C SER B 406 19.66 4.31 0.00
N VAL B 407 19.71 4.93 1.17
CA VAL B 407 18.50 5.33 1.87
C VAL B 407 18.62 6.79 2.31
N GLU B 408 17.62 7.28 3.04
CA GLU B 408 17.55 8.66 3.51
C GLU B 408 18.87 9.11 4.13
N PRO B 409 19.15 10.40 4.13
CA PRO B 409 20.38 10.88 4.79
C PRO B 409 20.28 10.79 6.30
N PHE B 410 21.44 10.88 6.95
CA PHE B 410 21.46 10.92 8.40
C PHE B 410 20.67 12.11 8.92
N TYR B 411 20.69 13.23 8.19
CA TYR B 411 19.81 14.36 8.47
C TYR B 411 19.91 15.32 7.29
N TYR B 412 18.78 15.93 6.95
CA TYR B 412 18.78 17.02 6.00
C TYR B 412 19.25 18.30 6.67
N VAL B 413 19.61 19.28 5.86
CA VAL B 413 20.07 20.57 6.38
C VAL B 413 19.25 21.67 5.73
N PRO B 414 18.11 22.04 6.32
CA PRO B 414 17.29 23.09 5.71
C PRO B 414 17.90 24.47 5.90
N VAL B 415 17.27 25.45 5.25
CA VAL B 415 17.74 26.83 5.35
C VAL B 415 17.44 27.39 6.74
N ILE B 416 16.30 27.02 7.31
CA ILE B 416 15.89 27.52 8.62
C ILE B 416 15.66 26.31 9.51
N PRO B 417 15.74 26.47 10.83
CA PRO B 417 15.49 25.34 11.72
C PRO B 417 14.03 24.93 11.71
N MET B 418 13.71 23.83 11.06
CA MET B 418 12.34 23.35 10.97
C MET B 418 11.90 22.60 12.22
N VAL B 419 12.82 22.31 13.14
CA VAL B 419 12.41 21.78 14.43
C VAL B 419 11.64 22.83 15.22
N LEU B 420 12.09 24.09 15.17
CA LEU B 420 11.39 25.16 15.85
C LEU B 420 10.14 25.60 15.10
N VAL B 421 10.21 25.63 13.77
CA VAL B 421 9.12 26.21 12.97
C VAL B 421 7.87 25.37 13.11
N ASN B 422 8.00 24.04 13.04
CA ASN B 422 6.84 23.16 12.97
C ASN B 422 6.45 22.57 14.31
N GLY B 423 7.36 22.50 15.28
CA GLY B 423 7.02 22.00 16.60
C GLY B 423 6.84 20.51 16.59
N THR B 424 7.16 19.85 17.71
CA THR B 424 7.14 18.39 17.75
C THR B 424 6.81 17.95 19.17
N SER B 425 6.36 16.70 19.28
CA SER B 425 6.04 16.12 20.59
C SER B 425 6.10 14.61 20.44
N GLY B 426 7.08 13.98 21.10
CA GLY B 426 7.23 12.54 21.02
C GLY B 426 7.75 11.99 22.33
N ILE B 427 7.45 10.71 22.55
CA ILE B 427 7.83 10.02 23.78
C ILE B 427 8.71 8.84 23.41
N GLY B 428 9.90 8.80 23.97
CA GLY B 428 10.82 7.70 23.81
C GLY B 428 10.88 6.84 25.05
N THR B 429 12.03 6.22 25.26
CA THR B 429 12.30 5.42 26.45
C THR B 429 13.42 6.12 27.21
N GLY B 430 13.07 6.75 28.33
CA GLY B 430 13.99 7.57 29.08
C GLY B 430 13.92 9.04 28.73
N PHE B 431 13.59 9.36 27.49
CA PHE B 431 13.52 10.74 27.03
C PHE B 431 12.18 11.02 26.37
N ALA B 432 11.76 12.28 26.42
CA ALA B 432 10.57 12.73 25.74
C ALA B 432 10.73 14.22 25.45
N THR B 433 10.13 14.67 24.35
CA THR B 433 10.28 16.04 23.87
C THR B 433 8.94 16.75 23.85
N ASN B 434 9.02 18.08 23.80
CA ASN B 434 7.87 18.91 23.46
C ASN B 434 8.42 20.25 22.95
N ILE B 435 8.43 20.42 21.64
CA ILE B 435 8.93 21.62 20.99
C ILE B 435 7.73 22.36 20.40
N PRO B 436 7.44 23.59 20.83
CA PRO B 436 6.29 24.31 20.27
C PRO B 436 6.61 24.88 18.89
N ASN B 437 5.63 25.62 18.35
CA ASN B 437 5.78 26.28 17.06
C ASN B 437 6.30 27.70 17.26
N TYR B 438 7.26 28.07 16.43
CA TYR B 438 7.82 29.41 16.43
C TYR B 438 7.63 30.01 15.03
N SER B 439 7.58 31.33 14.96
CA SER B 439 7.33 31.98 13.69
C SER B 439 8.47 31.72 12.73
N PRO B 440 8.22 31.25 11.51
CA PRO B 440 9.30 31.16 10.53
C PRO B 440 9.93 32.51 10.25
N LEU B 441 9.16 33.59 10.33
CA LEU B 441 9.71 34.92 10.08
C LEU B 441 10.59 35.40 11.22
N GLU B 442 10.18 35.15 12.47
CA GLU B 442 11.04 35.47 13.60
C GLU B 442 12.35 34.69 13.49
N VAL B 443 12.27 33.41 13.14
CA VAL B 443 13.46 32.59 12.99
C VAL B 443 14.35 33.13 11.88
N ILE B 444 13.76 33.50 10.75
CA ILE B 444 14.55 34.03 9.64
C ILE B 444 15.24 35.32 10.06
N ASP B 445 14.51 36.20 10.75
CA ASP B 445 15.09 37.46 11.19
C ASP B 445 16.25 37.22 12.15
N ASN B 446 16.08 36.27 13.07
CA ASN B 446 17.16 35.97 14.00
C ASN B 446 18.37 35.37 13.27
N LEU B 447 18.13 34.54 12.26
CA LEU B 447 19.24 34.00 11.49
C LEU B 447 19.98 35.10 10.74
N MET B 448 19.25 36.05 10.17
CA MET B 448 19.91 37.18 9.52
C MET B 448 20.67 38.04 10.53
N ARG B 449 20.10 38.23 11.72
CA ARG B 449 20.81 38.98 12.77
C ARG B 449 22.11 38.29 13.13
N LEU B 450 22.08 36.97 13.29
CA LEU B 450 23.30 36.23 13.57
C LEU B 450 24.30 36.35 12.43
N LEU B 451 23.80 36.27 11.18
CA LEU B 451 24.69 36.38 10.03
C LEU B 451 25.40 37.73 10.02
N ARG B 452 24.66 38.81 10.25
CA ARG B 452 25.28 40.13 10.32
C ARG B 452 26.25 40.25 11.48
N GLY B 453 26.17 39.35 12.47
CA GLY B 453 26.99 39.43 13.65
C GLY B 453 26.32 40.04 14.86
N GLU B 454 25.02 40.31 14.79
CA GLU B 454 24.30 40.88 15.92
C GLU B 454 23.97 39.78 16.93
N GLU B 455 23.12 40.12 17.90
CA GLU B 455 22.65 39.17 18.88
C GLU B 455 21.28 38.64 18.46
N VAL B 456 20.71 37.78 19.30
CA VAL B 456 19.44 37.12 18.99
C VAL B 456 18.38 37.67 19.93
N GLN B 457 17.26 38.11 19.36
CA GLN B 457 16.12 38.52 20.17
C GLN B 457 15.39 37.29 20.71
N PRO B 458 14.75 37.41 21.87
CA PRO B 458 14.02 36.25 22.40
C PRO B 458 12.86 35.86 21.50
N MET B 459 12.55 34.56 21.50
CA MET B 459 11.49 34.00 20.68
C MET B 459 10.46 33.34 21.57
N LYS B 460 9.20 33.69 21.40
CA LYS B 460 8.10 33.00 22.05
C LYS B 460 7.33 32.18 21.02
N PRO B 461 6.67 31.11 21.44
CA PRO B 461 5.99 30.25 20.45
C PRO B 461 4.97 31.03 19.64
N TRP B 462 4.86 30.65 18.37
CA TRP B 462 3.96 31.31 17.43
C TRP B 462 3.23 30.23 16.64
N TYR B 463 1.91 30.36 16.57
CA TYR B 463 1.06 29.45 15.83
C TYR B 463 0.26 30.23 14.81
N PHE B 464 0.22 29.74 13.58
CA PHE B 464 -0.46 30.45 12.51
C PHE B 464 -1.95 30.16 12.54
N GLY B 465 -2.75 31.20 12.35
CA GLY B 465 -4.18 31.09 12.45
C GLY B 465 -4.73 31.19 13.85
N PHE B 466 -3.92 31.62 14.81
CA PHE B 466 -4.31 31.73 16.21
C PHE B 466 -4.48 33.20 16.54
N ALA B 467 -5.71 33.61 16.84
CA ALA B 467 -6.01 34.99 17.19
C ALA B 467 -5.86 35.27 18.68
N GLY B 468 -5.60 34.25 19.49
CA GLY B 468 -5.37 34.44 20.91
C GLY B 468 -4.00 35.03 21.16
N THR B 469 -3.63 35.05 22.44
CA THR B 469 -2.36 35.63 22.87
C THR B 469 -1.53 34.60 23.62
N ILE B 470 -0.24 34.55 23.31
CA ILE B 470 0.69 33.63 23.95
C ILE B 470 1.67 34.47 24.76
N GLU B 471 1.62 34.33 26.09
CA GLU B 471 2.43 35.12 27.00
C GLU B 471 3.31 34.20 27.84
N GLU B 472 4.57 34.57 28.00
CA GLU B 472 5.50 33.75 28.76
C GLU B 472 5.22 33.91 30.26
N LYS B 473 4.81 32.81 30.90
CA LYS B 473 4.53 32.84 32.33
C LYS B 473 5.83 32.71 33.12
N GLU B 474 6.53 31.60 32.94
CA GLU B 474 7.85 31.39 33.52
C GLU B 474 8.83 31.13 32.38
N LYS B 475 10.07 30.77 32.74
CA LYS B 475 11.07 30.44 31.73
C LYS B 475 10.70 29.10 31.10
N GLY B 476 10.18 29.15 29.87
CA GLY B 476 9.79 27.95 29.18
C GLY B 476 8.40 27.43 29.49
N LYS B 477 7.53 28.27 30.06
CA LYS B 477 6.16 27.89 30.39
C LYS B 477 5.25 29.01 29.91
N PHE B 478 4.82 28.93 28.66
CA PHE B 478 3.96 29.95 28.08
C PHE B 478 2.50 29.57 28.28
N VAL B 479 1.63 30.57 28.21
CA VAL B 479 0.20 30.39 28.34
C VAL B 479 -0.46 30.99 27.11
N SER B 480 -1.25 30.18 26.41
CA SER B 480 -2.01 30.63 25.25
C SER B 480 -3.46 30.78 25.65
N THR B 481 -4.03 31.96 25.38
CA THR B 481 -5.40 32.27 25.74
C THR B 481 -6.17 32.62 24.48
N GLY B 482 -7.24 31.88 24.21
CA GLY B 482 -8.13 32.22 23.12
C GLY B 482 -9.06 33.36 23.49
N CYS B 483 -9.60 34.01 22.47
CA CYS B 483 -10.41 35.21 22.68
C CYS B 483 -11.86 34.85 22.90
N ALA B 484 -12.44 35.39 23.97
CA ALA B 484 -13.86 35.26 24.26
C ALA B 484 -14.34 36.58 24.84
N ASN B 485 -15.28 37.23 24.16
CA ASN B 485 -15.78 38.54 24.55
C ASN B 485 -17.18 38.40 25.13
N VAL B 486 -17.40 39.00 26.29
CA VAL B 486 -18.71 38.95 26.96
C VAL B 486 -19.59 40.00 26.28
N ARG B 487 -20.50 39.53 25.43
CA ARG B 487 -21.37 40.46 24.70
C ARG B 487 -22.30 41.16 25.68
N PRO B 488 -22.76 42.37 25.32
CA PRO B 488 -23.63 43.12 26.25
C PRO B 488 -25.08 42.68 26.23
N ASP B 489 -25.30 41.36 26.31
CA ASP B 489 -26.66 40.82 26.36
C ASP B 489 -26.76 39.63 27.31
N GLY B 490 -25.81 39.47 28.22
CA GLY B 490 -25.80 38.33 29.11
C GLY B 490 -25.19 37.07 28.53
N VAL B 491 -24.60 37.15 27.34
CA VAL B 491 -23.99 36.00 26.68
C VAL B 491 -22.55 36.34 26.34
N VAL B 492 -21.74 35.29 26.22
CA VAL B 492 -20.32 35.42 25.92
C VAL B 492 -20.04 34.66 24.63
N GLN B 493 -19.36 35.32 23.69
CA GLN B 493 -19.03 34.73 22.41
C GLN B 493 -17.55 34.38 22.39
N ILE B 494 -17.26 33.09 22.17
CA ILE B 494 -15.90 32.59 22.09
C ILE B 494 -15.54 32.47 20.61
N THR B 495 -14.48 33.17 20.19
CA THR B 495 -14.08 33.22 18.79
C THR B 495 -12.78 32.49 18.50
N GLU B 496 -12.06 32.07 19.53
CA GLU B 496 -10.82 31.31 19.35
C GLU B 496 -10.59 30.47 20.59
N LEU B 497 -10.01 29.29 20.37
CA LEU B 497 -9.70 28.38 21.45
C LEU B 497 -8.19 28.30 21.65
N PRO B 498 -7.73 28.02 22.87
CA PRO B 498 -6.28 27.96 23.10
C PRO B 498 -5.65 26.80 22.35
N ILE B 499 -4.35 26.95 22.09
CA ILE B 499 -3.63 25.96 21.29
C ILE B 499 -3.77 24.59 21.94
N GLY B 500 -4.14 23.60 21.13
CA GLY B 500 -4.32 22.25 21.62
C GLY B 500 -5.74 21.89 22.03
N THR B 501 -6.68 22.84 21.96
CA THR B 501 -8.06 22.59 22.30
C THR B 501 -8.87 22.45 21.02
N TRP B 502 -9.57 21.33 20.89
CA TRP B 502 -10.29 20.98 19.68
C TRP B 502 -11.78 21.26 19.85
N THR B 503 -12.43 21.64 18.74
CA THR B 503 -13.80 22.11 18.81
C THR B 503 -14.73 21.05 19.38
N GLN B 504 -14.54 19.78 18.97
CA GLN B 504 -15.38 18.73 19.54
C GLN B 504 -15.10 18.53 21.02
N GLY B 505 -13.83 18.61 21.41
CA GLY B 505 -13.50 18.53 22.82
C GLY B 505 -14.14 19.65 23.62
N TYR B 506 -14.17 20.86 23.04
CA TYR B 506 -14.80 21.98 23.73
C TYR B 506 -16.32 21.81 23.77
N LYS B 507 -16.91 21.24 22.72
CA LYS B 507 -18.34 20.94 22.77
C LYS B 507 -18.64 19.95 23.89
N LYS B 508 -17.79 18.92 24.03
CA LYS B 508 -17.97 17.96 25.12
C LYS B 508 -17.81 18.65 26.47
N PHE B 509 -16.83 19.54 26.60
CA PHE B 509 -16.63 20.24 27.86
C PHE B 509 -17.82 21.12 28.19
N LEU B 510 -18.37 21.81 27.20
CA LEU B 510 -19.52 22.67 27.43
C LEU B 510 -20.76 21.85 27.78
N GLU B 511 -20.95 20.70 27.13
CA GLU B 511 -22.06 19.83 27.50
C GLU B 511 -21.92 19.33 28.92
N GLU B 512 -20.71 18.91 29.30
CA GLU B 512 -20.49 18.45 30.66
C GLU B 512 -20.72 19.57 31.67
N LEU B 513 -20.27 20.77 31.35
CA LEU B 513 -20.45 21.90 32.27
C LEU B 513 -21.93 22.26 32.39
N ARG B 514 -22.68 22.19 31.30
CA ARG B 514 -24.12 22.43 31.36
C ARG B 514 -24.81 21.35 32.19
N GLU B 515 -24.35 20.10 32.08
CA GLU B 515 -24.92 19.03 32.90
C GLU B 515 -24.79 19.36 34.38
N LYS B 516 -23.81 20.18 34.75
CA LYS B 516 -23.65 20.65 36.12
C LYS B 516 -24.42 21.94 36.38
N GLU B 517 -25.19 22.42 35.41
CA GLU B 517 -25.99 23.63 35.57
C GLU B 517 -25.09 24.84 35.86
N VAL B 518 -24.21 25.14 34.91
CA VAL B 518 -23.31 26.28 35.00
C VAL B 518 -23.57 27.23 33.84
N VAL B 519 -24.05 26.70 32.72
CA VAL B 519 -24.40 27.50 31.55
C VAL B 519 -25.82 27.15 31.15
N VAL B 520 -26.67 28.18 31.02
CA VAL B 520 -28.07 27.93 30.68
C VAL B 520 -28.19 27.30 29.29
N GLN B 521 -27.43 27.82 28.32
CA GLN B 521 -27.54 27.33 26.96
C GLN B 521 -26.26 27.68 26.21
N TYR B 522 -26.07 27.03 25.06
CA TYR B 522 -24.95 27.38 24.20
C TYR B 522 -25.28 26.97 22.77
N ARG B 523 -24.81 27.76 21.82
CA ARG B 523 -25.01 27.51 20.40
C ARG B 523 -23.66 27.56 19.69
N GLU B 524 -23.47 26.62 18.75
CA GLU B 524 -22.20 26.48 18.04
C GLU B 524 -22.42 26.79 16.57
N HIS B 525 -21.53 27.61 16.01
CA HIS B 525 -21.49 27.94 14.59
C HIS B 525 -20.10 27.68 14.04
N ASN B 526 -19.54 26.51 14.37
CA ASN B 526 -18.13 26.24 14.15
C ASN B 526 -17.92 25.64 12.76
N THR B 527 -17.16 26.35 11.94
CA THR B 527 -16.67 25.79 10.69
C THR B 527 -15.42 24.95 10.97
N ASP B 528 -15.06 24.10 10.01
CA ASP B 528 -13.92 23.21 10.17
C ASP B 528 -12.60 23.99 10.29
N VAL B 529 -12.65 25.30 10.17
CA VAL B 529 -11.44 26.13 10.26
C VAL B 529 -11.54 27.24 11.29
N THR B 530 -12.73 27.68 11.68
CA THR B 530 -12.89 28.76 12.64
C THR B 530 -13.89 28.34 13.71
N VAL B 531 -13.70 28.90 14.90
CA VAL B 531 -14.49 28.54 16.08
C VAL B 531 -15.41 29.71 16.41
N ASP B 532 -16.67 29.39 16.74
CA ASP B 532 -17.63 30.41 17.14
C ASP B 532 -18.64 29.75 18.07
N PHE B 533 -18.45 29.93 19.38
CA PHE B 533 -19.40 29.48 20.38
C PHE B 533 -20.12 30.68 20.96
N GLU B 534 -21.36 30.49 21.37
CA GLU B 534 -22.14 31.53 22.05
C GLU B 534 -22.77 30.89 23.28
N VAL B 535 -22.27 31.24 24.45
CA VAL B 535 -22.66 30.62 25.71
C VAL B 535 -23.46 31.62 26.52
N PHE B 536 -24.69 31.25 26.89
CA PHE B 536 -25.53 32.03 27.78
C PHE B 536 -25.55 31.35 29.13
N LEU B 537 -25.14 32.08 30.17
CA LEU B 537 -25.12 31.58 31.53
C LEU B 537 -26.06 32.42 32.40
N HIS B 538 -26.20 32.01 33.65
CA HIS B 538 -27.03 32.76 34.57
C HIS B 538 -26.43 34.15 34.78
N PRO B 539 -27.26 35.21 34.80
CA PRO B 539 -26.68 36.56 34.94
C PRO B 539 -25.85 36.72 36.19
N GLU B 540 -26.26 36.10 37.30
CA GLU B 540 -25.49 36.20 38.53
C GLU B 540 -24.11 35.56 38.36
N VAL B 541 -24.05 34.39 37.73
CA VAL B 541 -22.78 33.71 37.53
C VAL B 541 -21.87 34.55 36.63
N LEU B 542 -22.42 35.10 35.55
CA LEU B 542 -21.63 35.93 34.65
C LEU B 542 -21.11 37.16 35.37
N HIS B 543 -21.95 37.82 36.17
CA HIS B 543 -21.51 38.99 36.90
C HIS B 543 -20.41 38.65 37.89
N HIS B 544 -20.57 37.53 38.61
CA HIS B 544 -19.54 37.13 39.56
C HIS B 544 -18.21 36.84 38.85
N TRP B 545 -18.27 36.15 37.70
CA TRP B 545 -17.06 35.86 36.96
C TRP B 545 -16.41 37.14 36.46
N VAL B 546 -17.20 38.08 35.94
CA VAL B 546 -16.64 39.34 35.46
C VAL B 546 -15.97 40.10 36.59
N ALA B 547 -16.62 40.14 37.76
CA ALA B 547 -16.02 40.81 38.90
C ALA B 547 -14.72 40.14 39.32
N GLN B 548 -14.71 38.80 39.39
CA GLN B 548 -13.53 38.06 39.77
C GLN B 548 -12.52 37.92 38.64
N GLY B 549 -12.90 38.25 37.41
CA GLY B 549 -11.98 38.18 36.29
C GLY B 549 -11.67 36.78 35.82
N CYS B 550 -12.41 35.77 36.28
CA CYS B 550 -12.15 34.38 35.93
C CYS B 550 -13.01 33.89 34.78
N VAL B 551 -13.40 34.79 33.88
CA VAL B 551 -14.25 34.40 32.75
C VAL B 551 -13.53 33.38 31.88
N GLU B 552 -12.29 33.69 31.49
CA GLU B 552 -11.50 32.76 30.69
C GLU B 552 -10.96 31.61 31.52
N GLU B 553 -10.71 31.85 32.81
CA GLU B 553 -10.21 30.78 33.67
C GLU B 553 -11.25 29.68 33.84
N ARG B 554 -12.51 30.04 34.03
CA ARG B 554 -13.56 29.06 34.26
C ARG B 554 -14.07 28.43 32.97
N LEU B 555 -13.77 29.03 31.81
CA LEU B 555 -14.22 28.51 30.53
C LEU B 555 -13.12 27.76 29.79
N GLN B 556 -12.01 27.46 30.47
CA GLN B 556 -10.92 26.68 29.87
C GLN B 556 -10.33 27.36 28.65
N LEU B 557 -10.31 28.68 28.66
CA LEU B 557 -9.77 29.44 27.54
C LEU B 557 -8.29 29.75 27.68
N ARG B 558 -7.65 29.26 28.74
CA ARG B 558 -6.21 29.36 28.90
C ARG B 558 -5.63 27.95 28.93
N GLU B 559 -4.56 27.73 28.17
CA GLU B 559 -3.87 26.45 28.18
C GLU B 559 -2.38 26.68 28.20
N TYR B 560 -1.64 25.64 28.54
CA TYR B 560 -0.19 25.71 28.72
C TYR B 560 0.54 25.25 27.48
N ILE B 561 1.68 25.89 27.22
CA ILE B 561 2.63 25.46 26.21
C ILE B 561 3.97 25.31 26.92
N HIS B 562 4.49 24.09 26.93
CA HIS B 562 5.68 23.77 27.71
C HIS B 562 6.87 23.70 26.76
N ALA B 563 7.79 24.67 26.91
CA ALA B 563 9.05 24.68 26.19
C ALA B 563 10.22 24.33 27.10
N THR B 564 9.95 23.57 28.15
CA THR B 564 10.95 23.20 29.14
C THR B 564 11.54 21.83 28.92
N ASN B 565 11.17 21.14 27.84
CA ASN B 565 11.69 19.81 27.56
C ASN B 565 12.07 19.71 26.08
N ILE B 566 12.82 20.68 25.58
CA ILE B 566 13.24 20.67 24.18
C ILE B 566 14.39 19.68 24.05
N ILE B 567 14.05 18.42 23.79
CA ILE B 567 15.02 17.34 23.66
C ILE B 567 15.10 16.97 22.19
N ALA B 568 16.31 16.90 21.65
CA ALA B 568 16.50 16.62 20.24
C ALA B 568 17.80 15.85 20.06
N PHE B 569 18.14 15.57 18.80
CA PHE B 569 19.38 14.92 18.43
C PHE B 569 20.29 15.95 17.78
N ASP B 570 21.48 16.13 18.34
CA ASP B 570 22.44 17.01 17.68
C ASP B 570 23.06 16.27 16.49
N ARG B 571 23.87 17.00 15.73
CA ARG B 571 24.41 16.43 14.49
C ARG B 571 25.21 15.17 14.77
N GLU B 572 25.78 15.03 15.95
CA GLU B 572 26.58 13.86 16.28
C GLU B 572 25.72 12.66 16.69
N GLY B 573 24.41 12.84 16.85
CA GLY B 573 23.51 11.74 17.16
C GLY B 573 23.21 11.56 18.63
N GLN B 574 23.69 12.44 19.50
CA GLN B 574 23.45 12.33 20.93
C GLN B 574 22.20 13.10 21.32
N ILE B 575 21.37 12.49 22.16
CA ILE B 575 20.18 13.17 22.65
C ILE B 575 20.62 14.27 23.61
N THR B 576 20.25 15.50 23.29
CA THR B 576 20.60 16.66 24.10
C THR B 576 19.35 17.46 24.42
N LYS B 577 19.45 18.27 25.48
CA LYS B 577 18.38 19.14 25.92
C LYS B 577 18.81 20.59 25.72
N TYR B 578 17.87 21.42 25.30
CA TYR B 578 18.12 22.82 25.00
C TYR B 578 17.29 23.71 25.91
N ARG B 579 17.91 24.77 26.41
CA ARG B 579 17.23 25.63 27.38
C ARG B 579 16.01 26.29 26.76
N ASP B 580 16.13 26.79 25.53
CA ASP B 580 15.01 27.40 24.84
C ASP B 580 15.34 27.45 23.35
N ALA B 581 14.51 28.17 22.59
CA ALA B 581 14.70 28.24 21.15
C ALA B 581 16.02 28.90 20.76
N GLU B 582 16.61 29.69 21.65
CA GLU B 582 17.86 30.37 21.32
C GLU B 582 19.01 29.38 21.22
N ALA B 583 19.07 28.40 22.12
CA ALA B 583 20.13 27.40 22.03
C ALA B 583 19.99 26.57 20.76
N VAL B 584 18.76 26.19 20.42
CA VAL B 584 18.52 25.47 19.18
C VAL B 584 18.96 26.30 17.99
N LEU B 585 18.60 27.59 17.99
CA LEU B 585 18.97 28.46 16.89
C LEU B 585 20.47 28.58 16.75
N LYS B 586 21.20 28.73 17.87
CA LYS B 586 22.64 28.90 17.81
C LYS B 586 23.32 27.63 17.31
N GLU B 587 22.93 26.47 17.84
CA GLU B 587 23.53 25.22 17.38
C GLU B 587 23.25 25.02 15.89
N PHE B 588 22.01 25.25 15.47
CA PHE B 588 21.69 25.12 14.06
C PHE B 588 22.50 26.10 13.22
N TYR B 589 22.70 27.31 13.74
CA TYR B 589 23.46 28.30 12.98
C TYR B 589 24.88 27.83 12.74
N LEU B 590 25.53 27.27 13.77
CA LEU B 590 26.89 26.78 13.59
C LEU B 590 26.93 25.64 12.58
N VAL B 591 26.06 24.64 12.75
CA VAL B 591 26.07 23.50 11.84
C VAL B 591 25.77 23.94 10.42
N ARG B 592 24.84 24.89 10.26
CA ARG B 592 24.43 25.33 8.94
C ARG B 592 25.51 26.18 8.28
N LEU B 593 26.25 26.97 9.03
CA LEU B 593 27.39 27.68 8.44
C LEU B 593 28.43 26.69 7.94
N GLU B 594 28.72 25.66 8.73
CA GLU B 594 29.65 24.64 8.25
C GLU B 594 29.15 23.99 6.97
N TYR B 595 27.85 23.67 6.92
CA TYR B 595 27.33 22.98 5.74
C TYR B 595 27.22 23.91 4.54
N TYR B 596 27.05 25.21 4.75
CA TYR B 596 27.09 26.14 3.63
C TYR B 596 28.51 26.26 3.09
N ALA B 597 29.50 26.21 3.96
CA ALA B 597 30.88 26.13 3.47
C ALA B 597 31.08 24.87 2.64
N LYS B 598 30.56 23.73 3.12
CA LYS B 598 30.66 22.49 2.37
C LYS B 598 29.97 22.61 1.01
N ARG B 599 28.79 23.21 0.98
CA ARG B 599 28.05 23.35 -0.27
C ARG B 599 28.77 24.26 -1.25
N ARG B 600 29.32 25.38 -0.76
CA ARG B 600 30.08 26.25 -1.65
C ARG B 600 31.29 25.53 -2.21
N ASP B 601 31.99 24.76 -1.37
CA ASP B 601 33.14 24.01 -1.87
C ASP B 601 32.73 22.98 -2.91
N PHE B 602 31.64 22.26 -2.67
CA PHE B 602 31.18 21.27 -3.64
C PHE B 602 30.79 21.92 -4.96
N LEU B 603 30.06 23.04 -4.88
CA LEU B 603 29.66 23.73 -6.11
C LEU B 603 30.87 24.25 -6.86
N ILE B 604 31.85 24.79 -6.13
CA ILE B 604 33.07 25.28 -6.78
C ILE B 604 33.77 24.15 -7.50
N GLY B 605 33.90 23.00 -6.84
CA GLY B 605 34.56 21.86 -7.47
C GLY B 605 33.81 21.38 -8.70
N ASP B 606 32.49 21.27 -8.60
CA ASP B 606 31.70 20.81 -9.74
C ASP B 606 31.81 21.78 -10.91
N LEU B 607 31.74 23.08 -10.63
CA LEU B 607 31.87 24.07 -11.70
C LEU B 607 33.26 24.03 -12.32
N ARG B 608 34.30 23.85 -11.51
CA ARG B 608 35.64 23.77 -12.05
C ARG B 608 35.79 22.56 -12.95
N SER B 609 35.27 21.41 -12.53
CA SER B 609 35.33 20.22 -13.36
C SER B 609 34.55 20.41 -14.65
N VAL B 610 33.37 21.05 -14.57
CA VAL B 610 32.57 21.28 -15.76
C VAL B 610 33.29 22.21 -16.73
N ALA B 611 33.91 23.27 -16.21
CA ALA B 611 34.64 24.20 -17.07
C ALA B 611 35.82 23.51 -17.74
N SER B 612 36.56 22.68 -16.99
CA SER B 612 37.66 21.93 -17.60
C SER B 612 37.14 20.98 -18.68
N LYS B 613 36.06 20.27 -18.38
CA LYS B 613 35.48 19.35 -19.35
C LYS B 613 35.08 20.07 -20.63
N LEU B 614 34.41 21.23 -20.48
CA LEU B 614 33.94 21.94 -21.66
C LEU B 614 35.09 22.58 -22.43
N GLU B 615 36.14 23.02 -21.74
CA GLU B 615 37.30 23.53 -22.47
C GLU B 615 37.97 22.42 -23.27
N ASN B 616 38.08 21.23 -22.69
CA ASN B 616 38.60 20.10 -23.45
C ASN B 616 37.71 19.76 -24.62
N MET B 617 36.39 19.80 -24.44
CA MET B 617 35.46 19.53 -25.54
C MET B 617 35.64 20.55 -26.65
N VAL B 618 35.77 21.83 -26.30
CA VAL B 618 35.94 22.86 -27.32
C VAL B 618 37.25 22.65 -28.06
N ARG B 619 38.33 22.32 -27.34
CA ARG B 619 39.60 22.06 -28.00
C ARG B 619 39.49 20.88 -28.95
N PHE B 620 38.83 19.79 -28.52
CA PHE B 620 38.68 18.62 -29.37
C PHE B 620 37.87 18.95 -30.62
N VAL B 621 36.76 19.67 -30.46
CA VAL B 621 35.94 20.00 -31.61
C VAL B 621 36.69 20.90 -32.58
N THR B 622 37.43 21.89 -32.05
CA THR B 622 38.22 22.76 -32.92
C THR B 622 39.29 21.98 -33.67
N GLU B 623 39.98 21.06 -32.98
CA GLU B 623 41.00 20.27 -33.63
C GLU B 623 40.40 19.36 -34.70
N VAL B 624 39.23 18.79 -34.44
CA VAL B 624 38.58 17.92 -35.42
C VAL B 624 38.16 18.72 -36.64
N VAL B 625 37.49 19.85 -36.43
CA VAL B 625 37.01 20.65 -37.56
C VAL B 625 38.17 21.20 -38.37
N ASP B 626 39.20 21.72 -37.69
CA ASP B 626 40.34 22.31 -38.40
C ASP B 626 41.18 21.29 -39.14
N GLY B 627 40.97 20.00 -38.90
CA GLY B 627 41.74 18.97 -39.57
C GLY B 627 43.01 18.56 -38.88
N ARG B 628 43.39 19.24 -37.78
CA ARG B 628 44.58 18.84 -37.05
C ARG B 628 44.44 17.43 -36.50
N LEU B 629 43.26 17.10 -35.97
CA LEU B 629 42.95 15.78 -35.47
C LEU B 629 41.89 15.15 -36.37
N ILE B 630 42.19 13.96 -36.90
CA ILE B 630 41.31 13.27 -37.84
C ILE B 630 40.83 11.98 -37.20
N VAL B 631 39.51 11.79 -37.16
CA VAL B 631 38.92 10.61 -36.55
C VAL B 631 38.40 9.61 -37.59
N THR B 632 38.11 10.06 -38.81
CA THR B 632 37.52 9.18 -39.80
C THR B 632 38.44 8.00 -40.09
N ARG B 633 37.87 6.79 -40.03
CA ARG B 633 38.60 5.56 -40.33
C ARG B 633 39.92 5.50 -39.57
N ARG B 634 39.81 5.50 -38.24
CA ARG B 634 40.95 5.42 -37.36
C ARG B 634 40.73 4.29 -36.35
N ARG B 635 41.73 3.43 -36.20
CA ARG B 635 41.62 2.33 -35.25
C ARG B 635 41.43 2.88 -33.84
N LYS B 636 40.64 2.17 -33.04
CA LYS B 636 40.31 2.68 -31.71
C LYS B 636 41.55 2.88 -30.86
N LYS B 637 42.46 1.90 -30.87
CA LYS B 637 43.67 2.02 -30.06
C LYS B 637 44.52 3.20 -30.52
N GLU B 638 44.71 3.34 -31.83
CA GLU B 638 45.54 4.42 -32.34
C GLU B 638 44.94 5.78 -32.01
N LEU B 639 43.62 5.93 -32.18
CA LEU B 639 42.99 7.22 -31.92
C LEU B 639 43.06 7.58 -30.44
N LEU B 640 42.81 6.62 -29.55
CA LEU B 640 42.91 6.90 -28.12
C LEU B 640 44.35 7.21 -27.72
N GLU B 641 45.32 6.51 -28.30
CA GLU B 641 46.71 6.82 -28.03
C GLU B 641 47.07 8.23 -28.47
N GLU B 642 46.58 8.64 -29.65
CA GLU B 642 46.84 10.00 -30.11
C GLU B 642 46.20 11.02 -29.19
N LEU B 643 44.97 10.76 -28.75
CA LEU B 643 44.29 11.68 -27.84
C LEU B 643 45.06 11.81 -26.53
N ARG B 644 45.55 10.69 -26.00
CA ARG B 644 46.33 10.73 -24.77
C ARG B 644 47.63 11.50 -24.98
N GLN B 645 48.32 11.26 -26.09
CA GLN B 645 49.56 11.98 -26.37
C GLN B 645 49.34 13.46 -26.62
N ARG B 646 48.12 13.85 -26.98
CA ARG B 646 47.79 15.25 -27.18
C ARG B 646 47.39 15.95 -25.89
N GLY B 647 47.34 15.23 -24.77
CA GLY B 647 47.13 15.84 -23.47
C GLY B 647 45.70 16.05 -23.07
N TYR B 648 44.74 15.37 -23.69
CA TYR B 648 43.35 15.53 -23.31
C TYR B 648 43.08 14.88 -21.96
N ALA B 649 42.33 15.57 -21.11
CA ALA B 649 42.13 15.12 -19.74
C ALA B 649 40.99 14.10 -19.68
N PRO B 650 41.21 12.93 -19.08
CA PRO B 650 40.13 11.95 -18.97
C PRO B 650 39.02 12.44 -18.04
N PHE B 651 37.81 11.97 -18.32
CA PHE B 651 36.65 12.33 -17.50
C PHE B 651 35.65 11.19 -17.48
N PRO B 652 35.99 10.02 -16.92
CA PRO B 652 35.06 8.90 -16.79
C PRO B 652 33.71 9.31 -16.21
N GLU B 704 42.62 -1.77 -19.39
CA GLU B 704 43.44 -1.38 -20.53
C GLU B 704 42.60 -0.68 -21.58
N MET B 705 41.97 -1.46 -22.46
CA MET B 705 41.12 -0.87 -23.49
C MET B 705 39.90 -0.19 -22.85
N ARG B 706 39.29 -0.83 -21.86
CA ARG B 706 38.11 -0.27 -21.22
C ARG B 706 38.42 1.06 -20.56
N ARG B 707 39.56 1.16 -19.87
CA ARG B 707 39.91 2.40 -19.19
C ARG B 707 40.08 3.54 -20.19
N ALA B 708 40.75 3.28 -21.31
CA ALA B 708 40.93 4.31 -22.32
C ALA B 708 39.61 4.67 -23.00
N ALA B 709 38.76 3.66 -23.22
CA ALA B 709 37.47 3.91 -23.85
C ALA B 709 36.58 4.78 -22.96
N ARG B 710 36.58 4.51 -21.66
CA ARG B 710 35.73 5.27 -20.74
C ARG B 710 36.27 6.67 -20.48
N ASP B 711 37.59 6.85 -20.54
CA ASP B 711 38.16 8.17 -20.27
C ASP B 711 37.72 9.18 -21.31
N TYR B 712 37.72 8.80 -22.58
CA TYR B 712 37.35 9.68 -23.68
C TYR B 712 36.00 9.32 -24.28
N ASP B 713 35.10 8.76 -23.46
CA ASP B 713 33.73 8.60 -23.90
C ASP B 713 33.03 9.95 -24.05
N TYR B 714 33.51 10.97 -23.33
CA TYR B 714 32.93 12.30 -23.44
C TYR B 714 33.45 13.06 -24.65
N LEU B 715 34.56 12.63 -25.25
CA LEU B 715 35.10 13.29 -26.43
C LEU B 715 34.58 12.63 -27.71
N LEU B 716 34.85 11.34 -27.86
CA LEU B 716 34.36 10.60 -29.02
C LEU B 716 32.88 10.25 -28.91
N GLY B 717 32.27 10.48 -27.76
CA GLY B 717 30.84 10.33 -27.60
C GLY B 717 30.03 11.54 -27.99
N MET B 718 30.67 12.61 -28.44
CA MET B 718 29.91 13.76 -28.91
C MET B 718 29.17 13.40 -30.19
N ARG B 719 27.95 13.90 -30.33
CA ARG B 719 27.18 13.66 -31.54
C ARG B 719 27.73 14.47 -32.70
N LEU B 720 27.40 14.03 -33.91
CA LEU B 720 27.83 14.76 -35.09
C LEU B 720 27.16 16.12 -35.20
N TRP B 721 26.14 16.39 -34.40
CA TRP B 721 25.56 17.73 -34.34
C TRP B 721 26.60 18.75 -33.91
N ASN B 722 27.46 18.38 -32.95
CA ASN B 722 28.41 19.33 -32.40
C ASN B 722 29.44 19.80 -33.40
N LEU B 723 29.59 19.11 -34.53
CA LEU B 723 30.52 19.54 -35.57
C LEU B 723 29.83 20.44 -36.59
N THR B 724 29.17 21.48 -36.10
CA THR B 724 28.47 22.43 -36.94
C THR B 724 28.73 23.84 -36.40
N ALA B 725 28.59 24.83 -37.27
CA ALA B 725 28.89 26.19 -36.87
C ALA B 725 28.03 26.61 -35.69
N GLU B 726 26.71 26.42 -35.79
CA GLU B 726 25.81 26.83 -34.71
C GLU B 726 26.14 26.10 -33.42
N MET B 727 26.35 24.78 -33.50
CA MET B 727 26.59 24.01 -32.29
C MET B 727 27.99 24.28 -31.72
N ILE B 728 28.97 24.54 -32.57
CA ILE B 728 30.29 24.93 -32.07
C ILE B 728 30.19 26.25 -31.32
N ALA B 729 29.47 27.22 -31.88
CA ALA B 729 29.30 28.49 -31.19
C ALA B 729 28.55 28.30 -29.87
N ARG B 730 27.53 27.45 -29.87
CA ARG B 730 26.80 27.19 -28.62
C ARG B 730 27.70 26.55 -27.58
N LEU B 731 28.57 25.63 -27.99
CA LEU B 731 29.48 24.99 -27.04
C LEU B 731 30.47 26.01 -26.49
N GLN B 732 30.99 26.89 -27.33
CA GLN B 732 31.89 27.94 -26.83
C GLN B 732 31.17 28.84 -25.84
N SER B 733 29.93 29.22 -26.16
CA SER B 733 29.16 30.02 -25.23
C SER B 733 28.93 29.28 -23.92
N GLN B 734 28.69 27.97 -23.99
CA GLN B 734 28.52 27.19 -22.76
C GLN B 734 29.78 27.19 -21.92
N LEU B 735 30.94 27.03 -22.56
CA LEU B 735 32.20 27.07 -21.82
C LEU B 735 32.39 28.41 -21.14
N GLN B 736 32.12 29.50 -21.88
CA GLN B 736 32.29 30.82 -21.28
C GLN B 736 31.30 31.06 -20.16
N LYS B 737 30.06 30.59 -20.31
CA LYS B 737 29.08 30.73 -19.24
C LYS B 737 29.53 29.98 -17.99
N ALA B 738 30.05 28.76 -18.18
CA ALA B 738 30.54 28.00 -17.02
C ALA B 738 31.70 28.72 -16.35
N ARG B 739 32.63 29.25 -17.14
CA ARG B 739 33.77 29.95 -16.55
C ARG B 739 33.33 31.18 -15.78
N ASP B 740 32.42 31.97 -16.35
CA ASP B 740 31.93 33.16 -15.65
C ASP B 740 31.16 32.80 -14.39
N GLU B 741 30.37 31.72 -14.44
CA GLU B 741 29.64 31.31 -13.24
C GLU B 741 30.60 30.85 -12.16
N LEU B 742 31.66 30.13 -12.53
CA LEU B 742 32.66 29.75 -11.53
C LEU B 742 33.34 30.97 -10.94
N ALA B 743 33.68 31.94 -11.79
CA ALA B 743 34.31 33.16 -11.29
C ALA B 743 33.40 33.89 -10.32
N ALA B 744 32.11 33.99 -10.66
CA ALA B 744 31.16 34.64 -9.76
C ALA B 744 31.04 33.89 -8.43
N LEU B 745 31.00 32.56 -8.49
CA LEU B 745 30.86 31.78 -7.28
C LEU B 745 32.10 31.87 -6.41
N GLU B 746 33.28 32.06 -7.01
CA GLU B 746 34.51 32.15 -6.24
C GLU B 746 34.59 33.42 -5.42
N LYS B 747 33.75 34.41 -5.70
CA LYS B 747 33.74 35.68 -4.98
C LYS B 747 32.64 35.75 -3.93
N ARG B 748 31.95 34.65 -3.67
CA ARG B 748 30.85 34.60 -2.72
C ARG B 748 31.22 33.71 -1.56
N THR B 749 31.02 34.20 -0.34
CA THR B 749 31.29 33.44 0.87
C THR B 749 30.05 32.67 1.31
N PRO B 750 30.21 31.67 2.18
CA PRO B 750 29.03 30.93 2.65
C PRO B 750 27.98 31.81 3.30
N LYS B 751 28.38 32.87 4.00
CA LYS B 751 27.41 33.78 4.57
C LYS B 751 26.58 34.45 3.50
N ASP B 752 27.20 34.80 2.36
CA ASP B 752 26.46 35.41 1.27
C ASP B 752 25.44 34.43 0.68
N LEU B 753 25.84 33.17 0.51
CA LEU B 753 24.90 32.18 0.00
C LEU B 753 23.73 31.98 0.95
N TRP B 754 24.01 31.92 2.25
CA TRP B 754 22.95 31.75 3.22
C TRP B 754 22.03 32.96 3.24
N ALA B 755 22.58 34.17 3.15
CA ALA B 755 21.76 35.36 3.12
C ALA B 755 20.87 35.38 1.87
N GLU B 756 21.42 34.97 0.73
CA GLU B 756 20.62 34.89 -0.48
C GLU B 756 19.48 33.90 -0.32
N ASP B 757 19.76 32.73 0.26
CA ASP B 757 18.70 31.74 0.47
C ASP B 757 17.63 32.27 1.41
N LEU B 758 18.04 32.93 2.49
CA LEU B 758 17.07 33.47 3.44
C LEU B 758 16.22 34.57 2.82
N ASN B 759 16.82 35.43 1.99
CA ASN B 759 16.06 36.49 1.35
C ASN B 759 15.18 35.96 0.24
N GLN B 760 15.52 34.83 -0.35
CA GLN B 760 14.64 34.18 -1.31
C GLN B 760 13.50 33.45 -0.61
N LEU B 761 13.73 32.99 0.61
CA LEU B 761 12.72 32.21 1.33
C LEU B 761 11.72 33.09 2.05
N ARG B 762 12.17 34.23 2.59
CA ARG B 762 11.29 35.04 3.43
C ARG B 762 10.05 35.54 2.68
N PRO B 763 10.15 36.17 1.52
CA PRO B 763 8.94 36.61 0.83
C PRO B 763 8.00 35.46 0.50
N ARG B 764 8.54 34.27 0.21
CA ARG B 764 7.68 33.13 -0.08
C ARG B 764 6.89 32.72 1.15
N ILE B 765 7.52 32.76 2.33
CA ILE B 765 6.79 32.45 3.56
C ILE B 765 5.72 33.51 3.81
N GLU B 766 6.05 34.78 3.59
CA GLU B 766 5.06 35.83 3.78
C GLU B 766 3.86 35.63 2.84
N ASN B 767 4.13 35.32 1.58
CA ASN B 767 3.05 35.09 0.62
C ASN B 767 2.24 33.85 0.99
N LEU B 768 2.90 32.80 1.47
CA LEU B 768 2.18 31.60 1.90
C LEU B 768 1.22 31.93 3.03
N PHE B 769 1.70 32.68 4.03
CA PHE B 769 0.83 33.05 5.14
C PHE B 769 -0.31 33.94 4.68
N GLU B 770 -0.03 34.89 3.78
CA GLU B 770 -1.09 35.74 3.28
C GLU B 770 -2.15 34.95 2.52
N GLU B 771 -1.71 34.02 1.66
CA GLU B 771 -2.65 33.22 0.89
C GLU B 771 -3.49 32.33 1.80
N ARG B 772 -2.87 31.71 2.80
CA ARG B 772 -3.62 30.88 3.74
C ARG B 772 -4.61 31.72 4.54
N ALA B 773 -4.20 32.94 4.93
CA ALA B 773 -5.11 33.81 5.65
C ALA B 773 -6.30 34.19 4.80
N LYS B 774 -6.07 34.50 3.52
CA LYS B 774 -7.18 34.81 2.61
C LYS B 774 -8.10 33.61 2.45
N GLU B 775 -7.52 32.40 2.30
CA GLU B 775 -8.34 31.21 2.17
C GLU B 775 -9.20 30.99 3.40
N ILE B 776 -8.63 31.18 4.60
CA ILE B 776 -9.39 31.01 5.83
C ILE B 776 -10.49 32.05 5.91
N ALA B 777 -10.17 33.30 5.57
CA ALA B 777 -11.18 34.36 5.65
C ALA B 777 -12.33 34.10 4.70
N SER B 778 -12.03 33.63 3.49
CA SER B 778 -13.07 33.31 2.52
C SER B 778 -13.97 32.19 3.04
#